data_1LN4
# 
_entry.id   1LN4 
# 
_audit_conform.dict_name       mmcif_pdbx.dic 
_audit_conform.dict_version    5.386 
_audit_conform.dict_location   http://mmcif.pdb.org/dictionaries/ascii/mmcif_pdbx.dic 
# 
loop_
_database_2.database_id 
_database_2.database_code 
_database_2.pdbx_database_accession 
_database_2.pdbx_DOI 
PDB   1LN4         pdb_00001ln4 10.2210/pdb1ln4/pdb 
RCSB  RCSB016099   ?            ?                   
WWPDB D_1000016099 ?            ?                   
# 
loop_
_pdbx_audit_revision_history.ordinal 
_pdbx_audit_revision_history.data_content_type 
_pdbx_audit_revision_history.major_revision 
_pdbx_audit_revision_history.minor_revision 
_pdbx_audit_revision_history.revision_date 
1 'Structure model' 1 0 2002-05-15 
2 'Structure model' 1 1 2008-04-28 
3 'Structure model' 1 2 2011-07-13 
4 'Structure model' 1 3 2021-10-27 
5 'Structure model' 1 4 2024-02-14 
# 
_pdbx_audit_revision_details.ordinal             1 
_pdbx_audit_revision_details.revision_ordinal    1 
_pdbx_audit_revision_details.data_content_type   'Structure model' 
_pdbx_audit_revision_details.provider            repository 
_pdbx_audit_revision_details.type                'Initial release' 
_pdbx_audit_revision_details.description         ? 
_pdbx_audit_revision_details.details             ? 
# 
loop_
_pdbx_audit_revision_group.ordinal 
_pdbx_audit_revision_group.revision_ordinal 
_pdbx_audit_revision_group.data_content_type 
_pdbx_audit_revision_group.group 
1 2 'Structure model' 'Version format compliance' 
2 3 'Structure model' 'Version format compliance' 
3 4 'Structure model' 'Database references'       
4 5 'Structure model' 'Data collection'           
# 
loop_
_pdbx_audit_revision_category.ordinal 
_pdbx_audit_revision_category.revision_ordinal 
_pdbx_audit_revision_category.data_content_type 
_pdbx_audit_revision_category.category 
1 4 'Structure model' database_2         
2 4 'Structure model' struct_ref_seq_dif 
3 5 'Structure model' chem_comp_atom     
4 5 'Structure model' chem_comp_bond     
# 
loop_
_pdbx_audit_revision_item.ordinal 
_pdbx_audit_revision_item.revision_ordinal 
_pdbx_audit_revision_item.data_content_type 
_pdbx_audit_revision_item.item 
1 4 'Structure model' '_database_2.pdbx_DOI'                
2 4 'Structure model' '_database_2.pdbx_database_accession' 
3 4 'Structure model' '_struct_ref_seq_dif.details'         
# 
_pdbx_database_status.status_code                     REL 
_pdbx_database_status.entry_id                        1LN4 
_pdbx_database_status.recvd_initial_deposition_date   2002-05-02 
_pdbx_database_status.deposit_site                    RCSB 
_pdbx_database_status.process_site                    RCSB 
_pdbx_database_status.status_code_sf                  REL 
_pdbx_database_status.SG_entry                        . 
_pdbx_database_status.pdb_format_compatible           Y 
_pdbx_database_status.status_code_mr                  ? 
_pdbx_database_status.status_code_cs                  ? 
_pdbx_database_status.status_code_nmr_data            ? 
_pdbx_database_status.methods_development_category    ? 
# 
loop_
_audit_author.name 
_audit_author.pdbx_ordinal 
'Ostheimer, G.J.' 1 
'Barkan, A.'      2 
'Matthews, B.W.'  3 
# 
_citation.id                        primary 
_citation.title                     'Crystal structure of E. coli YhbY: a representative of a novel class of RNA binding proteins' 
_citation.journal_abbrev            Structure 
_citation.journal_volume            10 
_citation.page_first                1593 
_citation.page_last                 1601 
_citation.year                      2002 
_citation.journal_id_ASTM           STRUE6 
_citation.country                   UK 
_citation.journal_id_ISSN           0969-2126 
_citation.journal_id_CSD            2005 
_citation.book_publisher            ? 
_citation.pdbx_database_id_PubMed   12429100 
_citation.pdbx_database_id_DOI      '10.1016/S0969-2126(02)00886-9' 
# 
loop_
_citation_author.citation_id 
_citation_author.name 
_citation_author.ordinal 
_citation_author.identifier_ORCID 
primary 'Ostheimer, G.J.' 1 ? 
primary 'Barkan, A.'      2 ? 
primary 'Matthews, B.W.'  3 ? 
# 
loop_
_entity.id 
_entity.type 
_entity.src_method 
_entity.pdbx_description 
_entity.formula_weight 
_entity.pdbx_number_of_molecules 
_entity.pdbx_ec 
_entity.pdbx_mutation 
_entity.pdbx_fragment 
_entity.details 
1 polymer man 'Hypothetical protein yhbY' 11717.667 1   ? N2D,R97L ? ? 
2 water   nat water                       18.015    107 ? ?        ? ? 
# 
_entity_name_com.entity_id   1 
_entity_name_com.name        yhbY 
# 
_entity_poly.entity_id                      1 
_entity_poly.type                           'polypeptide(L)' 
_entity_poly.nstd_linkage                   no 
_entity_poly.nstd_monomer                   no 
_entity_poly.pdbx_seq_one_letter_code       
;MDLSTKQKQHLKGLAHPLKPVVLLGSNGLTEGVLAEIEQALEHHELIKVKIATEDRETKTLIVEAIVRETGACNVQVIGK
TLVLYRPTKERKISLPLEHHHHHH
;
_entity_poly.pdbx_seq_one_letter_code_can   
;MDLSTKQKQHLKGLAHPLKPVVLLGSNGLTEGVLAEIEQALEHHELIKVKIATEDRETKTLIVEAIVRETGACNVQVIGK
TLVLYRPTKERKISLPLEHHHHHH
;
_entity_poly.pdbx_strand_id                 A 
_entity_poly.pdbx_target_identifier         ? 
# 
_pdbx_entity_nonpoly.entity_id   2 
_pdbx_entity_nonpoly.name        water 
_pdbx_entity_nonpoly.comp_id     HOH 
# 
loop_
_entity_poly_seq.entity_id 
_entity_poly_seq.num 
_entity_poly_seq.mon_id 
_entity_poly_seq.hetero 
1 1   MET n 
1 2   ASP n 
1 3   LEU n 
1 4   SER n 
1 5   THR n 
1 6   LYS n 
1 7   GLN n 
1 8   LYS n 
1 9   GLN n 
1 10  HIS n 
1 11  LEU n 
1 12  LYS n 
1 13  GLY n 
1 14  LEU n 
1 15  ALA n 
1 16  HIS n 
1 17  PRO n 
1 18  LEU n 
1 19  LYS n 
1 20  PRO n 
1 21  VAL n 
1 22  VAL n 
1 23  LEU n 
1 24  LEU n 
1 25  GLY n 
1 26  SER n 
1 27  ASN n 
1 28  GLY n 
1 29  LEU n 
1 30  THR n 
1 31  GLU n 
1 32  GLY n 
1 33  VAL n 
1 34  LEU n 
1 35  ALA n 
1 36  GLU n 
1 37  ILE n 
1 38  GLU n 
1 39  GLN n 
1 40  ALA n 
1 41  LEU n 
1 42  GLU n 
1 43  HIS n 
1 44  HIS n 
1 45  GLU n 
1 46  LEU n 
1 47  ILE n 
1 48  LYS n 
1 49  VAL n 
1 50  LYS n 
1 51  ILE n 
1 52  ALA n 
1 53  THR n 
1 54  GLU n 
1 55  ASP n 
1 56  ARG n 
1 57  GLU n 
1 58  THR n 
1 59  LYS n 
1 60  THR n 
1 61  LEU n 
1 62  ILE n 
1 63  VAL n 
1 64  GLU n 
1 65  ALA n 
1 66  ILE n 
1 67  VAL n 
1 68  ARG n 
1 69  GLU n 
1 70  THR n 
1 71  GLY n 
1 72  ALA n 
1 73  CYS n 
1 74  ASN n 
1 75  VAL n 
1 76  GLN n 
1 77  VAL n 
1 78  ILE n 
1 79  GLY n 
1 80  LYS n 
1 81  THR n 
1 82  LEU n 
1 83  VAL n 
1 84  LEU n 
1 85  TYR n 
1 86  ARG n 
1 87  PRO n 
1 88  THR n 
1 89  LYS n 
1 90  GLU n 
1 91  ARG n 
1 92  LYS n 
1 93  ILE n 
1 94  SER n 
1 95  LEU n 
1 96  PRO n 
1 97  LEU n 
1 98  GLU n 
1 99  HIS n 
1 100 HIS n 
1 101 HIS n 
1 102 HIS n 
1 103 HIS n 
1 104 HIS n 
# 
_entity_src_gen.entity_id                          1 
_entity_src_gen.pdbx_src_id                        1 
_entity_src_gen.pdbx_alt_source_flag               sample 
_entity_src_gen.pdbx_seq_type                      ? 
_entity_src_gen.pdbx_beg_seq_num                   ? 
_entity_src_gen.pdbx_end_seq_num                   ? 
_entity_src_gen.gene_src_common_name               ? 
_entity_src_gen.gene_src_genus                     Escherichia 
_entity_src_gen.pdbx_gene_src_gene                 YHBY 
_entity_src_gen.gene_src_species                   ? 
_entity_src_gen.gene_src_strain                    ? 
_entity_src_gen.gene_src_tissue                    ? 
_entity_src_gen.gene_src_tissue_fraction           ? 
_entity_src_gen.gene_src_details                   ? 
_entity_src_gen.pdbx_gene_src_fragment             ? 
_entity_src_gen.pdbx_gene_src_scientific_name      'Escherichia coli' 
_entity_src_gen.pdbx_gene_src_ncbi_taxonomy_id     562 
_entity_src_gen.pdbx_gene_src_variant              ? 
_entity_src_gen.pdbx_gene_src_cell_line            ? 
_entity_src_gen.pdbx_gene_src_atcc                 ? 
_entity_src_gen.pdbx_gene_src_organ                ? 
_entity_src_gen.pdbx_gene_src_organelle            ? 
_entity_src_gen.pdbx_gene_src_cell                 ? 
_entity_src_gen.pdbx_gene_src_cellular_location    ? 
_entity_src_gen.host_org_common_name               ? 
_entity_src_gen.pdbx_host_org_scientific_name      'Escherichia coli' 
_entity_src_gen.pdbx_host_org_ncbi_taxonomy_id     562 
_entity_src_gen.host_org_genus                     Escherichia 
_entity_src_gen.pdbx_host_org_gene                 ? 
_entity_src_gen.pdbx_host_org_organ                ? 
_entity_src_gen.host_org_species                   ? 
_entity_src_gen.pdbx_host_org_tissue               ? 
_entity_src_gen.pdbx_host_org_tissue_fraction      ? 
_entity_src_gen.pdbx_host_org_strain               'BL21 (DE3) Gold' 
_entity_src_gen.pdbx_host_org_variant              ? 
_entity_src_gen.pdbx_host_org_cell_line            ? 
_entity_src_gen.pdbx_host_org_atcc                 ? 
_entity_src_gen.pdbx_host_org_culture_collection   ? 
_entity_src_gen.pdbx_host_org_cell                 ? 
_entity_src_gen.pdbx_host_org_organelle            ? 
_entity_src_gen.pdbx_host_org_cellular_location    ? 
_entity_src_gen.pdbx_host_org_vector_type          plasmid 
_entity_src_gen.pdbx_host_org_vector               ? 
_entity_src_gen.host_org_details                   ? 
_entity_src_gen.expression_system_id               ? 
_entity_src_gen.plasmid_name                       pET28b 
_entity_src_gen.plasmid_details                    ? 
_entity_src_gen.pdbx_description                   ? 
# 
loop_
_chem_comp.id 
_chem_comp.type 
_chem_comp.mon_nstd_flag 
_chem_comp.name 
_chem_comp.pdbx_synonyms 
_chem_comp.formula 
_chem_comp.formula_weight 
ALA 'L-peptide linking' y ALANINE         ? 'C3 H7 N O2'     89.093  
ARG 'L-peptide linking' y ARGININE        ? 'C6 H15 N4 O2 1' 175.209 
ASN 'L-peptide linking' y ASPARAGINE      ? 'C4 H8 N2 O3'    132.118 
ASP 'L-peptide linking' y 'ASPARTIC ACID' ? 'C4 H7 N O4'     133.103 
CYS 'L-peptide linking' y CYSTEINE        ? 'C3 H7 N O2 S'   121.158 
GLN 'L-peptide linking' y GLUTAMINE       ? 'C5 H10 N2 O3'   146.144 
GLU 'L-peptide linking' y 'GLUTAMIC ACID' ? 'C5 H9 N O4'     147.129 
GLY 'peptide linking'   y GLYCINE         ? 'C2 H5 N O2'     75.067  
HIS 'L-peptide linking' y HISTIDINE       ? 'C6 H10 N3 O2 1' 156.162 
HOH non-polymer         . WATER           ? 'H2 O'           18.015  
ILE 'L-peptide linking' y ISOLEUCINE      ? 'C6 H13 N O2'    131.173 
LEU 'L-peptide linking' y LEUCINE         ? 'C6 H13 N O2'    131.173 
LYS 'L-peptide linking' y LYSINE          ? 'C6 H15 N2 O2 1' 147.195 
MET 'L-peptide linking' y METHIONINE      ? 'C5 H11 N O2 S'  149.211 
PRO 'L-peptide linking' y PROLINE         ? 'C5 H9 N O2'     115.130 
SER 'L-peptide linking' y SERINE          ? 'C3 H7 N O3'     105.093 
THR 'L-peptide linking' y THREONINE       ? 'C4 H9 N O3'     119.119 
TYR 'L-peptide linking' y TYROSINE        ? 'C9 H11 N O3'    181.189 
VAL 'L-peptide linking' y VALINE          ? 'C5 H11 N O2'    117.146 
# 
loop_
_pdbx_poly_seq_scheme.asym_id 
_pdbx_poly_seq_scheme.entity_id 
_pdbx_poly_seq_scheme.seq_id 
_pdbx_poly_seq_scheme.mon_id 
_pdbx_poly_seq_scheme.ndb_seq_num 
_pdbx_poly_seq_scheme.pdb_seq_num 
_pdbx_poly_seq_scheme.auth_seq_num 
_pdbx_poly_seq_scheme.pdb_mon_id 
_pdbx_poly_seq_scheme.auth_mon_id 
_pdbx_poly_seq_scheme.pdb_strand_id 
_pdbx_poly_seq_scheme.pdb_ins_code 
_pdbx_poly_seq_scheme.hetero 
A 1 1   MET 1   1   1  MET MET A . n 
A 1 2   ASP 2   2   2  ASP ASP A . n 
A 1 3   LEU 3   3   3  LEU LEU A . n 
A 1 4   SER 4   4   4  SER SER A . n 
A 1 5   THR 5   5   5  THR THR A . n 
A 1 6   LYS 6   6   6  LYS LYS A . n 
A 1 7   GLN 7   7   7  GLN GLN A . n 
A 1 8   LYS 8   8   8  LYS LYS A . n 
A 1 9   GLN 9   9   9  GLN GLN A . n 
A 1 10  HIS 10  10  10 HIS HIS A . n 
A 1 11  LEU 11  11  11 LEU LEU A . n 
A 1 12  LYS 12  12  12 LYS LYS A . n 
A 1 13  GLY 13  13  13 GLY GLY A . n 
A 1 14  LEU 14  14  14 LEU LEU A . n 
A 1 15  ALA 15  15  15 ALA ALA A . n 
A 1 16  HIS 16  16  16 HIS HIS A . n 
A 1 17  PRO 17  17  17 PRO PRO A . n 
A 1 18  LEU 18  18  18 LEU LEU A . n 
A 1 19  LYS 19  19  19 LYS LYS A . n 
A 1 20  PRO 20  20  20 PRO PRO A . n 
A 1 21  VAL 21  21  21 VAL VAL A . n 
A 1 22  VAL 22  22  22 VAL VAL A . n 
A 1 23  LEU 23  23  23 LEU LEU A . n 
A 1 24  LEU 24  24  24 LEU LEU A . n 
A 1 25  GLY 25  25  25 GLY GLY A . n 
A 1 26  SER 26  26  26 SER SER A . n 
A 1 27  ASN 27  27  27 ASN ASN A . n 
A 1 28  GLY 28  28  28 GLY GLY A . n 
A 1 29  LEU 29  29  29 LEU LEU A . n 
A 1 30  THR 30  30  30 THR THR A . n 
A 1 31  GLU 31  31  31 GLU GLU A . n 
A 1 32  GLY 32  32  32 GLY GLY A . n 
A 1 33  VAL 33  33  33 VAL VAL A . n 
A 1 34  LEU 34  34  34 LEU LEU A . n 
A 1 35  ALA 35  35  35 ALA ALA A . n 
A 1 36  GLU 36  36  36 GLU GLU A . n 
A 1 37  ILE 37  37  37 ILE ILE A . n 
A 1 38  GLU 38  38  38 GLU GLU A . n 
A 1 39  GLN 39  39  39 GLN GLN A . n 
A 1 40  ALA 40  40  40 ALA ALA A . n 
A 1 41  LEU 41  41  41 LEU LEU A . n 
A 1 42  GLU 42  42  42 GLU GLU A . n 
A 1 43  HIS 43  43  43 HIS HIS A . n 
A 1 44  HIS 44  44  44 HIS HIS A . n 
A 1 45  GLU 45  45  45 GLU GLU A . n 
A 1 46  LEU 46  46  46 LEU LEU A . n 
A 1 47  ILE 47  47  47 ILE ILE A . n 
A 1 48  LYS 48  48  48 LYS LYS A . n 
A 1 49  VAL 49  49  49 VAL VAL A . n 
A 1 50  LYS 50  50  50 LYS LYS A . n 
A 1 51  ILE 51  51  51 ILE ILE A . n 
A 1 52  ALA 52  52  52 ALA ALA A . n 
A 1 53  THR 53  53  53 THR THR A . n 
A 1 54  GLU 54  54  54 GLU GLU A . n 
A 1 55  ASP 55  55  55 ASP ASP A . n 
A 1 56  ARG 56  56  56 ARG ARG A . n 
A 1 57  GLU 57  57  57 GLU GLU A . n 
A 1 58  THR 58  58  58 THR THR A . n 
A 1 59  LYS 59  59  59 LYS LYS A . n 
A 1 60  THR 60  60  60 THR THR A . n 
A 1 61  LEU 61  61  61 LEU LEU A . n 
A 1 62  ILE 62  62  62 ILE ILE A . n 
A 1 63  VAL 63  63  63 VAL VAL A . n 
A 1 64  GLU 64  64  64 GLU GLU A . n 
A 1 65  ALA 65  65  65 ALA ALA A . n 
A 1 66  ILE 66  66  66 ILE ILE A . n 
A 1 67  VAL 67  67  67 VAL VAL A . n 
A 1 68  ARG 68  68  68 ARG ARG A . n 
A 1 69  GLU 69  69  69 GLU GLU A . n 
A 1 70  THR 70  70  70 THR THR A . n 
A 1 71  GLY 71  71  71 GLY GLY A . n 
A 1 72  ALA 72  72  72 ALA ALA A . n 
A 1 73  CYS 73  73  73 CYS CYS A . n 
A 1 74  ASN 74  74  74 ASN ASN A . n 
A 1 75  VAL 75  75  75 VAL VAL A . n 
A 1 76  GLN 76  76  76 GLN GLN A . n 
A 1 77  VAL 77  77  77 VAL VAL A . n 
A 1 78  ILE 78  78  78 ILE ILE A . n 
A 1 79  GLY 79  79  79 GLY GLY A . n 
A 1 80  LYS 80  80  80 LYS LYS A . n 
A 1 81  THR 81  81  81 THR THR A . n 
A 1 82  LEU 82  82  82 LEU LEU A . n 
A 1 83  VAL 83  83  83 VAL VAL A . n 
A 1 84  LEU 84  84  84 LEU LEU A . n 
A 1 85  TYR 85  85  85 TYR TYR A . n 
A 1 86  ARG 86  86  86 ARG ARG A . n 
A 1 87  PRO 87  87  87 PRO PRO A . n 
A 1 88  THR 88  88  88 THR THR A . n 
A 1 89  LYS 89  89  89 LYS LYS A . n 
A 1 90  GLU 90  90  90 GLU GLU A . n 
A 1 91  ARG 91  91  91 ARG ARG A . n 
A 1 92  LYS 92  92  92 LYS LYS A . n 
A 1 93  ILE 93  93  93 ILE ILE A . n 
A 1 94  SER 94  94  94 SER SER A . n 
A 1 95  LEU 95  95  95 LEU LEU A . n 
A 1 96  PRO 96  96  96 PRO PRO A . n 
A 1 97  LEU 97  97  97 LEU LEU A . n 
A 1 98  GLU 98  98  98 GLU GLU A . n 
A 1 99  HIS 99  99  ?  ?   ?   A . n 
A 1 100 HIS 100 100 ?  ?   ?   A . n 
A 1 101 HIS 101 101 ?  ?   ?   A . n 
A 1 102 HIS 102 102 ?  ?   ?   A . n 
A 1 103 HIS 103 103 ?  ?   ?   A . n 
A 1 104 HIS 104 104 ?  ?   ?   A . n 
# 
loop_
_pdbx_nonpoly_scheme.asym_id 
_pdbx_nonpoly_scheme.entity_id 
_pdbx_nonpoly_scheme.mon_id 
_pdbx_nonpoly_scheme.ndb_seq_num 
_pdbx_nonpoly_scheme.pdb_seq_num 
_pdbx_nonpoly_scheme.auth_seq_num 
_pdbx_nonpoly_scheme.pdb_mon_id 
_pdbx_nonpoly_scheme.auth_mon_id 
_pdbx_nonpoly_scheme.pdb_strand_id 
_pdbx_nonpoly_scheme.pdb_ins_code 
B 2 HOH 1   105 1   HOH HOH A . 
B 2 HOH 2   106 2   HOH HOH A . 
B 2 HOH 3   107 3   HOH HOH A . 
B 2 HOH 4   108 4   HOH HOH A . 
B 2 HOH 5   109 5   HOH HOH A . 
B 2 HOH 6   110 6   HOH HOH A . 
B 2 HOH 7   111 7   HOH HOH A . 
B 2 HOH 8   112 8   HOH HOH A . 
B 2 HOH 9   113 9   HOH HOH A . 
B 2 HOH 10  114 10  HOH HOH A . 
B 2 HOH 11  115 11  HOH HOH A . 
B 2 HOH 12  116 12  HOH HOH A . 
B 2 HOH 13  117 13  HOH HOH A . 
B 2 HOH 14  118 14  HOH HOH A . 
B 2 HOH 15  119 15  HOH HOH A . 
B 2 HOH 16  120 16  HOH HOH A . 
B 2 HOH 17  121 17  HOH HOH A . 
B 2 HOH 18  122 18  HOH HOH A . 
B 2 HOH 19  123 19  HOH HOH A . 
B 2 HOH 20  124 20  HOH HOH A . 
B 2 HOH 21  125 21  HOH HOH A . 
B 2 HOH 22  126 22  HOH HOH A . 
B 2 HOH 23  127 23  HOH HOH A . 
B 2 HOH 24  128 24  HOH HOH A . 
B 2 HOH 25  129 25  HOH HOH A . 
B 2 HOH 26  130 26  HOH HOH A . 
B 2 HOH 27  131 27  HOH HOH A . 
B 2 HOH 28  132 28  HOH HOH A . 
B 2 HOH 29  133 29  HOH HOH A . 
B 2 HOH 30  134 30  HOH HOH A . 
B 2 HOH 31  135 31  HOH HOH A . 
B 2 HOH 32  136 32  HOH HOH A . 
B 2 HOH 33  137 33  HOH HOH A . 
B 2 HOH 34  138 34  HOH HOH A . 
B 2 HOH 35  139 35  HOH HOH A . 
B 2 HOH 36  140 36  HOH HOH A . 
B 2 HOH 37  141 37  HOH HOH A . 
B 2 HOH 38  142 38  HOH HOH A . 
B 2 HOH 39  143 39  HOH HOH A . 
B 2 HOH 40  144 40  HOH HOH A . 
B 2 HOH 41  145 41  HOH HOH A . 
B 2 HOH 42  146 42  HOH HOH A . 
B 2 HOH 43  147 43  HOH HOH A . 
B 2 HOH 44  148 44  HOH HOH A . 
B 2 HOH 45  149 45  HOH HOH A . 
B 2 HOH 46  150 46  HOH HOH A . 
B 2 HOH 47  151 47  HOH HOH A . 
B 2 HOH 48  152 48  HOH HOH A . 
B 2 HOH 49  153 49  HOH HOH A . 
B 2 HOH 50  154 50  HOH HOH A . 
B 2 HOH 51  155 51  HOH HOH A . 
B 2 HOH 52  156 52  HOH HOH A . 
B 2 HOH 53  157 53  HOH HOH A . 
B 2 HOH 54  158 54  HOH HOH A . 
B 2 HOH 55  159 55  HOH HOH A . 
B 2 HOH 56  160 56  HOH HOH A . 
B 2 HOH 57  161 57  HOH HOH A . 
B 2 HOH 58  162 58  HOH HOH A . 
B 2 HOH 59  163 59  HOH HOH A . 
B 2 HOH 60  164 60  HOH HOH A . 
B 2 HOH 61  165 61  HOH HOH A . 
B 2 HOH 62  166 62  HOH HOH A . 
B 2 HOH 63  167 63  HOH HOH A . 
B 2 HOH 64  168 64  HOH HOH A . 
B 2 HOH 65  169 65  HOH HOH A . 
B 2 HOH 66  170 66  HOH HOH A . 
B 2 HOH 67  171 67  HOH HOH A . 
B 2 HOH 68  172 68  HOH HOH A . 
B 2 HOH 69  173 69  HOH HOH A . 
B 2 HOH 70  174 70  HOH HOH A . 
B 2 HOH 71  175 71  HOH HOH A . 
B 2 HOH 72  176 72  HOH HOH A . 
B 2 HOH 73  177 73  HOH HOH A . 
B 2 HOH 74  178 74  HOH HOH A . 
B 2 HOH 75  179 75  HOH HOH A . 
B 2 HOH 76  180 76  HOH HOH A . 
B 2 HOH 77  181 77  HOH HOH A . 
B 2 HOH 78  182 78  HOH HOH A . 
B 2 HOH 79  183 79  HOH HOH A . 
B 2 HOH 80  184 80  HOH HOH A . 
B 2 HOH 81  185 81  HOH HOH A . 
B 2 HOH 82  186 82  HOH HOH A . 
B 2 HOH 83  187 83  HOH HOH A . 
B 2 HOH 84  188 84  HOH HOH A . 
B 2 HOH 85  189 85  HOH HOH A . 
B 2 HOH 86  190 86  HOH HOH A . 
B 2 HOH 87  191 87  HOH HOH A . 
B 2 HOH 88  192 88  HOH HOH A . 
B 2 HOH 89  193 89  HOH HOH A . 
B 2 HOH 90  194 90  HOH HOH A . 
B 2 HOH 91  195 91  HOH HOH A . 
B 2 HOH 92  196 92  HOH HOH A . 
B 2 HOH 93  197 93  HOH HOH A . 
B 2 HOH 94  198 94  HOH HOH A . 
B 2 HOH 95  199 95  HOH HOH A . 
B 2 HOH 96  200 96  HOH HOH A . 
B 2 HOH 97  201 97  HOH HOH A . 
B 2 HOH 98  202 98  HOH HOH A . 
B 2 HOH 99  203 99  HOH HOH A . 
B 2 HOH 100 204 100 HOH HOH A . 
B 2 HOH 101 205 101 HOH HOH A . 
B 2 HOH 102 206 102 HOH HOH A . 
B 2 HOH 103 207 103 HOH HOH A . 
B 2 HOH 104 208 104 HOH HOH A . 
B 2 HOH 105 209 105 HOH HOH A . 
B 2 HOH 106 210 106 HOH HOH A . 
B 2 HOH 107 211 107 HOH HOH A . 
# 
loop_
_software.name 
_software.classification 
_software.version 
_software.citation_id 
_software.pdbx_ordinal 
MOSFLM 'data reduction' .         ? 1 
SOLVE  phasing          .         ? 2 
SCALA  'data scaling'   .         ? 3 
TNT    refinement       5F        ? 4 
CCP4   'data scaling'   '(SCALA)' ? 5 
# 
_cell.entry_id           1LN4 
_cell.length_a           57.324 
_cell.length_b           57.324 
_cell.length_c           70.895 
_cell.angle_alpha        90.00 
_cell.angle_beta         90.00 
_cell.angle_gamma        120.00 
_cell.Z_PDB              6 
_cell.pdbx_unique_axis   ? 
# 
_symmetry.entry_id                         1LN4 
_symmetry.space_group_name_H-M             'P 32 2 1' 
_symmetry.pdbx_full_space_group_name_H-M   ? 
_symmetry.cell_setting                     ? 
_symmetry.Int_Tables_number                154 
# 
_exptl.entry_id          1LN4 
_exptl.method            'X-RAY DIFFRACTION' 
_exptl.crystals_number   1 
# 
_exptl_crystal.id                    1 
_exptl_crystal.density_meas          ? 
_exptl_crystal.density_percent_sol   57.12 
_exptl_crystal.density_Matthews      2.87 
_exptl_crystal.description           ? 
# 
_exptl_crystal_grow.crystal_id      1 
_exptl_crystal_grow.method          'VAPOR DIFFUSION, HANGING DROP' 
_exptl_crystal_grow.temp            298 
_exptl_crystal_grow.temp_details    ? 
_exptl_crystal_grow.pH              8.5 
_exptl_crystal_grow.pdbx_details    'PEG 200, sodium chloride, tris, pH 8.5, VAPOR DIFFUSION, HANGING DROP, temperature 298K' 
_exptl_crystal_grow.pdbx_pH_range   . 
# 
loop_
_diffrn.id 
_diffrn.ambient_temp 
_diffrn.ambient_temp_details 
_diffrn.crystal_id 
1 100 ? 1 
2 ?   ? 1 
# 
loop_
_diffrn_detector.diffrn_id 
_diffrn_detector.detector 
_diffrn_detector.type 
_diffrn_detector.pdbx_collection_date 
_diffrn_detector.details 
1 CCD 'ADSC QUANTUM 4' 2001-06-28 ? 
2 CCD 'ADSC QUANTUM 4' 2001-06-28 ? 
# 
loop_
_diffrn_radiation.diffrn_id 
_diffrn_radiation.wavelength_id 
_diffrn_radiation.pdbx_monochromatic_or_laue_m_l 
_diffrn_radiation.monochromator 
_diffrn_radiation.pdbx_diffrn_protocol 
_diffrn_radiation.pdbx_scattering_type 
1 1 M 'DOUBLE CRYSTAL SI'                    MAD                 x-ray 
2 1 M 'SINGLE CRYSTAL SI CYLINDRICALLY BENT' 'SINGLE WAVELENGTH' x-ray 
# 
loop_
_diffrn_radiation_wavelength.id 
_diffrn_radiation_wavelength.wavelength 
_diffrn_radiation_wavelength.wt 
1 0.9611 1.0 
2 0.9793 1.0 
3 0.9792 1.0 
4 1.000  1.0 
# 
loop_
_diffrn_source.diffrn_id 
_diffrn_source.source 
_diffrn_source.type 
_diffrn_source.pdbx_synchrotron_site 
_diffrn_source.pdbx_synchrotron_beamline 
_diffrn_source.pdbx_wavelength 
_diffrn_source.pdbx_wavelength_list 
1 SYNCHROTRON 'ALS BEAMLINE 5.0.2' ALS 5.0.2 ? 0.9611,0.9793,0.9792 
2 SYNCHROTRON 'ALS BEAMLINE 5.0.1' ALS 5.0.1 ? 1.000                
# 
_reflns.entry_id                     1LN4 
_reflns.observed_criterion_sigma_F   0 
_reflns.observed_criterion_sigma_I   0 
_reflns.d_resolution_high            1.5 
_reflns.d_resolution_low             20.0 
_reflns.number_all                   22101 
_reflns.number_obs                   22089 
_reflns.percent_possible_obs         99.9 
_reflns.pdbx_Rmerge_I_obs            0.074 
_reflns.pdbx_Rsym_value              0.074 
_reflns.pdbx_netI_over_sigmaI        4.5 
_reflns.B_iso_Wilson_estimate        14 
_reflns.pdbx_redundancy              10.6 
_reflns.R_free_details               ? 
_reflns.limit_h_max                  ? 
_reflns.limit_h_min                  ? 
_reflns.limit_k_max                  ? 
_reflns.limit_k_min                  ? 
_reflns.limit_l_max                  ? 
_reflns.limit_l_min                  ? 
_reflns.observed_criterion_F_max     ? 
_reflns.observed_criterion_F_min     ? 
_reflns.pdbx_diffrn_id               1,2 
_reflns.pdbx_ordinal                 1 
# 
_reflns_shell.d_res_high             1.5 
_reflns_shell.d_res_low              1.58 
_reflns_shell.percent_possible_all   99.9 
_reflns_shell.Rmerge_I_obs           0.139 
_reflns_shell.pdbx_Rsym_value        0.139 
_reflns_shell.meanI_over_sigI_obs    4.5 
_reflns_shell.pdbx_redundancy        10.6 
_reflns_shell.percent_possible_obs   ? 
_reflns_shell.number_unique_all      3170 
_reflns_shell.pdbx_diffrn_id         ? 
_reflns_shell.pdbx_ordinal           1 
# 
_refine.entry_id                                 1LN4 
_refine.ls_d_res_high                            1.5 
_refine.ls_d_res_low                             20.0 
_refine.pdbx_ls_sigma_F                          0 
_refine.pdbx_ls_sigma_I                          0 
_refine.ls_number_reflns_all                     22103 
_refine.ls_number_reflns_obs                     22061 
_refine.ls_number_reflns_R_free                  1119 
_refine.ls_percent_reflns_obs                    100 
_refine.ls_R_factor_all                          0.193 
_refine.ls_R_factor_obs                          0.193 
_refine.ls_R_factor_R_work                       0.192 
_refine.ls_R_factor_R_free                       0.223 
_refine.ls_redundancy_reflns_obs                 ? 
_refine.pdbx_data_cutoff_high_absF               ? 
_refine.pdbx_data_cutoff_low_absF                ? 
_refine.ls_number_parameters                     ? 
_refine.ls_number_restraints                     ? 
_refine.ls_percent_reflns_R_free                 5 
_refine.ls_R_factor_R_free_error                 ? 
_refine.ls_R_factor_R_free_error_details         ? 
_refine.pdbx_method_to_determine_struct          MAD 
_refine.pdbx_starting_model                      ? 
_refine.pdbx_ls_cross_valid_method               THROUGHOUT 
_refine.pdbx_R_Free_selection_details            random 
_refine.pdbx_stereochem_target_val_spec_case     ? 
_refine.pdbx_stereochemistry_target_values       'TNT GEOMETRY V1.0' 
_refine.solvent_model_details                    ? 
_refine.solvent_model_param_bsol                 207.501 
_refine.solvent_model_param_ksol                 0.82848 
_refine.occupancy_max                            ? 
_refine.occupancy_min                            ? 
_refine.pdbx_isotropic_thermal_model             'TNT BCORREL V1.0' 
_refine.B_iso_mean                               ? 
_refine.aniso_B[1][1]                            ? 
_refine.aniso_B[1][2]                            ? 
_refine.aniso_B[1][3]                            ? 
_refine.aniso_B[2][2]                            ? 
_refine.aniso_B[2][3]                            ? 
_refine.aniso_B[3][3]                            ? 
_refine.details                                  
;PHASES WERE DETERMINED USING A 3-WAVELENGTH MAD DATASET COLLECTED ON A SINGLE CRYSTAL. THE STRUCTURE WAS REFINED AGAINST AN ADDITIONAL MONOCHROMATIC DATASET THAT WAS COLLECTED USING THE SAME CRYSTAL.
;
_refine.B_iso_min                                ? 
_refine.B_iso_max                                ? 
_refine.correlation_coeff_Fo_to_Fc               ? 
_refine.correlation_coeff_Fo_to_Fc_free          ? 
_refine.pdbx_solvent_vdw_probe_radii             ? 
_refine.pdbx_solvent_ion_probe_radii             ? 
_refine.pdbx_solvent_shrinkage_radii             ? 
_refine.overall_SU_R_Cruickshank_DPI             ? 
_refine.overall_SU_R_free                        ? 
_refine.overall_SU_B                             ? 
_refine.overall_SU_ML                            ? 
_refine.pdbx_overall_ESU_R                       ? 
_refine.pdbx_overall_ESU_R_Free                  ? 
_refine.pdbx_data_cutoff_high_rms_absF           ? 
_refine.pdbx_refine_id                           'X-RAY DIFFRACTION' 
_refine.pdbx_diffrn_id                           1 
_refine.pdbx_TLS_residual_ADP_flag               ? 
_refine.pdbx_overall_phase_error                 ? 
_refine.pdbx_overall_SU_R_free_Cruickshank_DPI   ? 
_refine.pdbx_overall_SU_R_Blow_DPI               ? 
_refine.pdbx_overall_SU_R_free_Blow_DPI          ? 
# 
_refine_hist.pdbx_refine_id                   'X-RAY DIFFRACTION' 
_refine_hist.cycle_id                         LAST 
_refine_hist.pdbx_number_atoms_protein        769 
_refine_hist.pdbx_number_atoms_nucleic_acid   0 
_refine_hist.pdbx_number_atoms_ligand         0 
_refine_hist.number_atoms_solvent             107 
_refine_hist.number_atoms_total               876 
_refine_hist.d_res_high                       1.5 
_refine_hist.d_res_low                        20.0 
# 
loop_
_refine_ls_restr.type 
_refine_ls_restr.dev_ideal 
_refine_ls_restr.dev_ideal_target 
_refine_ls_restr.weight 
_refine_ls_restr.number 
_refine_ls_restr.pdbx_refine_id 
_refine_ls_restr.pdbx_restraint_function 
t_bond_d           0.015  ? 0.400 777  'X-RAY DIFFRACTION' ? 
t_angle_deg        2.766  ? 0.500 1044 'X-RAY DIFFRACTION' ? 
t_dihedral_angle_d 16.125 ? 0.00  487  'X-RAY DIFFRACTION' ? 
t_incorr_chiral_ct 0      ? ?     ?    'X-RAY DIFFRACTION' ? 
t_pseud_angle      ?      ? ?     ?    'X-RAY DIFFRACTION' ? 
t_trig_c_planes    0.004  ? 2.00  19   'X-RAY DIFFRACTION' ? 
t_gen_planes       0.011  ? 4.00  106  'X-RAY DIFFRACTION' ? 
t_it               6.360  ? 0.100 777  'X-RAY DIFFRACTION' ? 
t_nbd              0.018  ? 10.00 11   'X-RAY DIFFRACTION' ? 
# 
_struct.entry_id                  1LN4 
_struct.title                     'CRYSTAL STRUCTURE OF E. COLI YHBY' 
_struct.pdbx_model_details        ? 
_struct.pdbx_CASP_flag            ? 
_struct.pdbx_model_type_details   ? 
# 
_struct_keywords.entry_id        1LN4 
_struct_keywords.pdbx_keywords   'RNA BINDING PROTEIN' 
_struct_keywords.text            'PUTATIVE RNA-BINDING PROTEIN; PUTATIVE TRANSLATION FACTOR, RNA BINDING PROTEIN' 
# 
loop_
_struct_asym.id 
_struct_asym.pdbx_blank_PDB_chainid_flag 
_struct_asym.pdbx_modified 
_struct_asym.entity_id 
_struct_asym.details 
A N N 1 ? 
B N N 2 ? 
# 
_struct_ref.id                         1 
_struct_ref.db_name                    UNP 
_struct_ref.db_code                    YHBY_ECOLI 
_struct_ref.entity_id                  1 
_struct_ref.pdbx_seq_one_letter_code   
;MNLSTKQKQHLKGLAHPLKPVVLLGSNGLTEGVLAEIEQALEHHELIKVKIATEDRETKTLIVEAIVRETGACNVQVIGK
TLVLYRPTKERKISLPR
;
_struct_ref.pdbx_align_begin           1 
_struct_ref.pdbx_db_accession          P42550 
_struct_ref.pdbx_db_isoform            ? 
# 
_struct_ref_seq.align_id                      1 
_struct_ref_seq.ref_id                        1 
_struct_ref_seq.pdbx_PDB_id_code              1LN4 
_struct_ref_seq.pdbx_strand_id                A 
_struct_ref_seq.seq_align_beg                 1 
_struct_ref_seq.pdbx_seq_align_beg_ins_code   ? 
_struct_ref_seq.seq_align_end                 97 
_struct_ref_seq.pdbx_seq_align_end_ins_code   ? 
_struct_ref_seq.pdbx_db_accession             P42550 
_struct_ref_seq.db_align_beg                  1 
_struct_ref_seq.pdbx_db_align_beg_ins_code    ? 
_struct_ref_seq.db_align_end                  97 
_struct_ref_seq.pdbx_db_align_end_ins_code    ? 
_struct_ref_seq.pdbx_auth_seq_align_beg       1 
_struct_ref_seq.pdbx_auth_seq_align_end       97 
# 
loop_
_struct_ref_seq_dif.align_id 
_struct_ref_seq_dif.pdbx_pdb_id_code 
_struct_ref_seq_dif.mon_id 
_struct_ref_seq_dif.pdbx_pdb_strand_id 
_struct_ref_seq_dif.seq_num 
_struct_ref_seq_dif.pdbx_pdb_ins_code 
_struct_ref_seq_dif.pdbx_seq_db_name 
_struct_ref_seq_dif.pdbx_seq_db_accession_code 
_struct_ref_seq_dif.db_mon_id 
_struct_ref_seq_dif.pdbx_seq_db_seq_num 
_struct_ref_seq_dif.details 
_struct_ref_seq_dif.pdbx_auth_seq_num 
_struct_ref_seq_dif.pdbx_ordinal 
1 1LN4 ASP A 2   ? UNP P42550 ASN 2  'engineered mutation' 2   1 
1 1LN4 LEU A 97  ? UNP P42550 ARG 97 'engineered mutation' 97  2 
1 1LN4 GLU A 98  ? UNP P42550 ?   ?  'expression tag'      98  3 
1 1LN4 HIS A 99  ? UNP P42550 ?   ?  'expression tag'      99  4 
1 1LN4 HIS A 100 ? UNP P42550 ?   ?  'expression tag'      100 5 
1 1LN4 HIS A 101 ? UNP P42550 ?   ?  'expression tag'      101 6 
1 1LN4 HIS A 102 ? UNP P42550 ?   ?  'expression tag'      102 7 
1 1LN4 HIS A 103 ? UNP P42550 ?   ?  'expression tag'      103 8 
1 1LN4 HIS A 104 ? UNP P42550 ?   ?  'expression tag'      104 9 
# 
_pdbx_struct_assembly.id                   1 
_pdbx_struct_assembly.details              author_defined_assembly 
_pdbx_struct_assembly.method_details       ? 
_pdbx_struct_assembly.oligomeric_details   monomeric 
_pdbx_struct_assembly.oligomeric_count     1 
# 
_pdbx_struct_assembly_gen.assembly_id       1 
_pdbx_struct_assembly_gen.oper_expression   1 
_pdbx_struct_assembly_gen.asym_id_list      A,B 
# 
_pdbx_struct_oper_list.id                   1 
_pdbx_struct_oper_list.type                 'identity operation' 
_pdbx_struct_oper_list.name                 1_555 
_pdbx_struct_oper_list.symmetry_operation   x,y,z 
_pdbx_struct_oper_list.matrix[1][1]         1.0000000000 
_pdbx_struct_oper_list.matrix[1][2]         0.0000000000 
_pdbx_struct_oper_list.matrix[1][3]         0.0000000000 
_pdbx_struct_oper_list.vector[1]            0.0000000000 
_pdbx_struct_oper_list.matrix[2][1]         0.0000000000 
_pdbx_struct_oper_list.matrix[2][2]         1.0000000000 
_pdbx_struct_oper_list.matrix[2][3]         0.0000000000 
_pdbx_struct_oper_list.vector[2]            0.0000000000 
_pdbx_struct_oper_list.matrix[3][1]         0.0000000000 
_pdbx_struct_oper_list.matrix[3][2]         0.0000000000 
_pdbx_struct_oper_list.matrix[3][3]         1.0000000000 
_pdbx_struct_oper_list.vector[3]            0.0000000000 
# 
_struct_biol.id                    1 
_struct_biol.pdbx_parent_biol_id   ? 
_struct_biol.details               ? 
# 
loop_
_struct_conf.conf_type_id 
_struct_conf.id 
_struct_conf.pdbx_PDB_helix_id 
_struct_conf.beg_label_comp_id 
_struct_conf.beg_label_asym_id 
_struct_conf.beg_label_seq_id 
_struct_conf.pdbx_beg_PDB_ins_code 
_struct_conf.end_label_comp_id 
_struct_conf.end_label_asym_id 
_struct_conf.end_label_seq_id 
_struct_conf.pdbx_end_PDB_ins_code 
_struct_conf.beg_auth_comp_id 
_struct_conf.beg_auth_asym_id 
_struct_conf.beg_auth_seq_id 
_struct_conf.end_auth_comp_id 
_struct_conf.end_auth_asym_id 
_struct_conf.end_auth_seq_id 
_struct_conf.pdbx_PDB_helix_class 
_struct_conf.details 
_struct_conf.pdbx_PDB_helix_length 
HELX_P HELX_P1 1 SER A 4  ? HIS A 16 ? SER A 4  HIS A 16 1 ? 13 
HELX_P HELX_P2 2 THR A 30 ? GLU A 45 ? THR A 30 GLU A 45 1 ? 16 
HELX_P HELX_P3 3 ASP A 55 ? GLY A 71 ? ASP A 55 GLY A 71 1 ? 17 
# 
_struct_conf_type.id          HELX_P 
_struct_conf_type.criteria    ? 
_struct_conf_type.reference   ? 
# 
_struct_sheet.id               A 
_struct_sheet.type             ? 
_struct_sheet.number_strands   4 
_struct_sheet.details          ? 
# 
loop_
_struct_sheet_order.sheet_id 
_struct_sheet_order.range_id_1 
_struct_sheet_order.range_id_2 
_struct_sheet_order.offset 
_struct_sheet_order.sense 
A 1 2 ? parallel      
A 2 3 ? anti-parallel 
A 3 4 ? anti-parallel 
# 
loop_
_struct_sheet_range.sheet_id 
_struct_sheet_range.id 
_struct_sheet_range.beg_label_comp_id 
_struct_sheet_range.beg_label_asym_id 
_struct_sheet_range.beg_label_seq_id 
_struct_sheet_range.pdbx_beg_PDB_ins_code 
_struct_sheet_range.end_label_comp_id 
_struct_sheet_range.end_label_asym_id 
_struct_sheet_range.end_label_seq_id 
_struct_sheet_range.pdbx_end_PDB_ins_code 
_struct_sheet_range.beg_auth_comp_id 
_struct_sheet_range.beg_auth_asym_id 
_struct_sheet_range.beg_auth_seq_id 
_struct_sheet_range.end_auth_comp_id 
_struct_sheet_range.end_auth_asym_id 
_struct_sheet_range.end_auth_seq_id 
A 1 VAL A 22 ? LEU A 24 ? VAL A 22 LEU A 24 
A 2 LEU A 46 ? ILE A 51 ? LEU A 46 ILE A 51 
A 3 THR A 81 ? TYR A 85 ? THR A 81 TYR A 85 
A 4 CYS A 73 ? ILE A 78 ? CYS A 73 ILE A 78 
# 
loop_
_pdbx_struct_sheet_hbond.sheet_id 
_pdbx_struct_sheet_hbond.range_id_1 
_pdbx_struct_sheet_hbond.range_id_2 
_pdbx_struct_sheet_hbond.range_1_label_atom_id 
_pdbx_struct_sheet_hbond.range_1_label_comp_id 
_pdbx_struct_sheet_hbond.range_1_label_asym_id 
_pdbx_struct_sheet_hbond.range_1_label_seq_id 
_pdbx_struct_sheet_hbond.range_1_PDB_ins_code 
_pdbx_struct_sheet_hbond.range_1_auth_atom_id 
_pdbx_struct_sheet_hbond.range_1_auth_comp_id 
_pdbx_struct_sheet_hbond.range_1_auth_asym_id 
_pdbx_struct_sheet_hbond.range_1_auth_seq_id 
_pdbx_struct_sheet_hbond.range_2_label_atom_id 
_pdbx_struct_sheet_hbond.range_2_label_comp_id 
_pdbx_struct_sheet_hbond.range_2_label_asym_id 
_pdbx_struct_sheet_hbond.range_2_label_seq_id 
_pdbx_struct_sheet_hbond.range_2_PDB_ins_code 
_pdbx_struct_sheet_hbond.range_2_auth_atom_id 
_pdbx_struct_sheet_hbond.range_2_auth_comp_id 
_pdbx_struct_sheet_hbond.range_2_auth_asym_id 
_pdbx_struct_sheet_hbond.range_2_auth_seq_id 
A 1 2 N LEU A 24 ? N LEU A 24 O LYS A 50 ? O LYS A 50 
A 2 3 N VAL A 49 ? N VAL A 49 O LEU A 82 ? O LEU A 82 
A 3 4 O THR A 81 ? O THR A 81 N ILE A 78 ? N ILE A 78 
# 
_pdbx_validate_rmsd_bond.id                        1 
_pdbx_validate_rmsd_bond.PDB_model_num             1 
_pdbx_validate_rmsd_bond.auth_atom_id_1            CD 
_pdbx_validate_rmsd_bond.auth_asym_id_1            A 
_pdbx_validate_rmsd_bond.auth_comp_id_1            GLU 
_pdbx_validate_rmsd_bond.auth_seq_id_1             57 
_pdbx_validate_rmsd_bond.PDB_ins_code_1            ? 
_pdbx_validate_rmsd_bond.label_alt_id_1            ? 
_pdbx_validate_rmsd_bond.auth_atom_id_2            OE2 
_pdbx_validate_rmsd_bond.auth_asym_id_2            A 
_pdbx_validate_rmsd_bond.auth_comp_id_2            GLU 
_pdbx_validate_rmsd_bond.auth_seq_id_2             57 
_pdbx_validate_rmsd_bond.PDB_ins_code_2            ? 
_pdbx_validate_rmsd_bond.label_alt_id_2            ? 
_pdbx_validate_rmsd_bond.bond_value                1.320 
_pdbx_validate_rmsd_bond.bond_target_value         1.252 
_pdbx_validate_rmsd_bond.bond_deviation            0.068 
_pdbx_validate_rmsd_bond.bond_standard_deviation   0.011 
_pdbx_validate_rmsd_bond.linker_flag               N 
# 
loop_
_pdbx_validate_rmsd_angle.id 
_pdbx_validate_rmsd_angle.PDB_model_num 
_pdbx_validate_rmsd_angle.auth_atom_id_1 
_pdbx_validate_rmsd_angle.auth_asym_id_1 
_pdbx_validate_rmsd_angle.auth_comp_id_1 
_pdbx_validate_rmsd_angle.auth_seq_id_1 
_pdbx_validate_rmsd_angle.PDB_ins_code_1 
_pdbx_validate_rmsd_angle.label_alt_id_1 
_pdbx_validate_rmsd_angle.auth_atom_id_2 
_pdbx_validate_rmsd_angle.auth_asym_id_2 
_pdbx_validate_rmsd_angle.auth_comp_id_2 
_pdbx_validate_rmsd_angle.auth_seq_id_2 
_pdbx_validate_rmsd_angle.PDB_ins_code_2 
_pdbx_validate_rmsd_angle.label_alt_id_2 
_pdbx_validate_rmsd_angle.auth_atom_id_3 
_pdbx_validate_rmsd_angle.auth_asym_id_3 
_pdbx_validate_rmsd_angle.auth_comp_id_3 
_pdbx_validate_rmsd_angle.auth_seq_id_3 
_pdbx_validate_rmsd_angle.PDB_ins_code_3 
_pdbx_validate_rmsd_angle.label_alt_id_3 
_pdbx_validate_rmsd_angle.angle_value 
_pdbx_validate_rmsd_angle.angle_target_value 
_pdbx_validate_rmsd_angle.angle_deviation 
_pdbx_validate_rmsd_angle.angle_standard_deviation 
_pdbx_validate_rmsd_angle.linker_flag 
1 1 CB A ASP 2  ? ? CG A ASP 2  ? ? OD2 A ASP 2  ? ? 112.49 118.30 -5.81 0.90 N 
2 1 CB A ASP 55 ? ? CG A ASP 55 ? ? OD1 A ASP 55 ? ? 126.87 118.30 8.57  0.90 N 
3 1 NE A ARG 56 ? ? CZ A ARG 56 ? ? NH1 A ARG 56 ? ? 123.40 120.30 3.10  0.50 N 
4 1 NE A ARG 68 ? ? CZ A ARG 68 ? ? NH2 A ARG 68 ? ? 117.25 120.30 -3.05 0.50 N 
5 1 NE A ARG 86 ? ? CZ A ARG 86 ? ? NH2 A ARG 86 ? ? 116.96 120.30 -3.34 0.50 N 
# 
_pdbx_validate_torsion.id              1 
_pdbx_validate_torsion.PDB_model_num   1 
_pdbx_validate_torsion.auth_comp_id    GLU 
_pdbx_validate_torsion.auth_asym_id    A 
_pdbx_validate_torsion.auth_seq_id     45 
_pdbx_validate_torsion.PDB_ins_code    ? 
_pdbx_validate_torsion.label_alt_id    ? 
_pdbx_validate_torsion.phi             69.92 
_pdbx_validate_torsion.psi             -52.10 
# 
loop_
_pdbx_unobs_or_zero_occ_residues.id 
_pdbx_unobs_or_zero_occ_residues.PDB_model_num 
_pdbx_unobs_or_zero_occ_residues.polymer_flag 
_pdbx_unobs_or_zero_occ_residues.occupancy_flag 
_pdbx_unobs_or_zero_occ_residues.auth_asym_id 
_pdbx_unobs_or_zero_occ_residues.auth_comp_id 
_pdbx_unobs_or_zero_occ_residues.auth_seq_id 
_pdbx_unobs_or_zero_occ_residues.PDB_ins_code 
_pdbx_unobs_or_zero_occ_residues.label_asym_id 
_pdbx_unobs_or_zero_occ_residues.label_comp_id 
_pdbx_unobs_or_zero_occ_residues.label_seq_id 
1 1 Y 1 A HIS 99  ? A HIS 99  
2 1 Y 1 A HIS 100 ? A HIS 100 
3 1 Y 1 A HIS 101 ? A HIS 101 
4 1 Y 1 A HIS 102 ? A HIS 102 
5 1 Y 1 A HIS 103 ? A HIS 103 
6 1 Y 1 A HIS 104 ? A HIS 104 
# 
loop_
_chem_comp_atom.comp_id 
_chem_comp_atom.atom_id 
_chem_comp_atom.type_symbol 
_chem_comp_atom.pdbx_aromatic_flag 
_chem_comp_atom.pdbx_stereo_config 
_chem_comp_atom.pdbx_ordinal 
ALA N    N N N 1   
ALA CA   C N S 2   
ALA C    C N N 3   
ALA O    O N N 4   
ALA CB   C N N 5   
ALA OXT  O N N 6   
ALA H    H N N 7   
ALA H2   H N N 8   
ALA HA   H N N 9   
ALA HB1  H N N 10  
ALA HB2  H N N 11  
ALA HB3  H N N 12  
ALA HXT  H N N 13  
ARG N    N N N 14  
ARG CA   C N S 15  
ARG C    C N N 16  
ARG O    O N N 17  
ARG CB   C N N 18  
ARG CG   C N N 19  
ARG CD   C N N 20  
ARG NE   N N N 21  
ARG CZ   C N N 22  
ARG NH1  N N N 23  
ARG NH2  N N N 24  
ARG OXT  O N N 25  
ARG H    H N N 26  
ARG H2   H N N 27  
ARG HA   H N N 28  
ARG HB2  H N N 29  
ARG HB3  H N N 30  
ARG HG2  H N N 31  
ARG HG3  H N N 32  
ARG HD2  H N N 33  
ARG HD3  H N N 34  
ARG HE   H N N 35  
ARG HH11 H N N 36  
ARG HH12 H N N 37  
ARG HH21 H N N 38  
ARG HH22 H N N 39  
ARG HXT  H N N 40  
ASN N    N N N 41  
ASN CA   C N S 42  
ASN C    C N N 43  
ASN O    O N N 44  
ASN CB   C N N 45  
ASN CG   C N N 46  
ASN OD1  O N N 47  
ASN ND2  N N N 48  
ASN OXT  O N N 49  
ASN H    H N N 50  
ASN H2   H N N 51  
ASN HA   H N N 52  
ASN HB2  H N N 53  
ASN HB3  H N N 54  
ASN HD21 H N N 55  
ASN HD22 H N N 56  
ASN HXT  H N N 57  
ASP N    N N N 58  
ASP CA   C N S 59  
ASP C    C N N 60  
ASP O    O N N 61  
ASP CB   C N N 62  
ASP CG   C N N 63  
ASP OD1  O N N 64  
ASP OD2  O N N 65  
ASP OXT  O N N 66  
ASP H    H N N 67  
ASP H2   H N N 68  
ASP HA   H N N 69  
ASP HB2  H N N 70  
ASP HB3  H N N 71  
ASP HD2  H N N 72  
ASP HXT  H N N 73  
CYS N    N N N 74  
CYS CA   C N R 75  
CYS C    C N N 76  
CYS O    O N N 77  
CYS CB   C N N 78  
CYS SG   S N N 79  
CYS OXT  O N N 80  
CYS H    H N N 81  
CYS H2   H N N 82  
CYS HA   H N N 83  
CYS HB2  H N N 84  
CYS HB3  H N N 85  
CYS HG   H N N 86  
CYS HXT  H N N 87  
GLN N    N N N 88  
GLN CA   C N S 89  
GLN C    C N N 90  
GLN O    O N N 91  
GLN CB   C N N 92  
GLN CG   C N N 93  
GLN CD   C N N 94  
GLN OE1  O N N 95  
GLN NE2  N N N 96  
GLN OXT  O N N 97  
GLN H    H N N 98  
GLN H2   H N N 99  
GLN HA   H N N 100 
GLN HB2  H N N 101 
GLN HB3  H N N 102 
GLN HG2  H N N 103 
GLN HG3  H N N 104 
GLN HE21 H N N 105 
GLN HE22 H N N 106 
GLN HXT  H N N 107 
GLU N    N N N 108 
GLU CA   C N S 109 
GLU C    C N N 110 
GLU O    O N N 111 
GLU CB   C N N 112 
GLU CG   C N N 113 
GLU CD   C N N 114 
GLU OE1  O N N 115 
GLU OE2  O N N 116 
GLU OXT  O N N 117 
GLU H    H N N 118 
GLU H2   H N N 119 
GLU HA   H N N 120 
GLU HB2  H N N 121 
GLU HB3  H N N 122 
GLU HG2  H N N 123 
GLU HG3  H N N 124 
GLU HE2  H N N 125 
GLU HXT  H N N 126 
GLY N    N N N 127 
GLY CA   C N N 128 
GLY C    C N N 129 
GLY O    O N N 130 
GLY OXT  O N N 131 
GLY H    H N N 132 
GLY H2   H N N 133 
GLY HA2  H N N 134 
GLY HA3  H N N 135 
GLY HXT  H N N 136 
HIS N    N N N 137 
HIS CA   C N S 138 
HIS C    C N N 139 
HIS O    O N N 140 
HIS CB   C N N 141 
HIS CG   C Y N 142 
HIS ND1  N Y N 143 
HIS CD2  C Y N 144 
HIS CE1  C Y N 145 
HIS NE2  N Y N 146 
HIS OXT  O N N 147 
HIS H    H N N 148 
HIS H2   H N N 149 
HIS HA   H N N 150 
HIS HB2  H N N 151 
HIS HB3  H N N 152 
HIS HD1  H N N 153 
HIS HD2  H N N 154 
HIS HE1  H N N 155 
HIS HE2  H N N 156 
HIS HXT  H N N 157 
HOH O    O N N 158 
HOH H1   H N N 159 
HOH H2   H N N 160 
ILE N    N N N 161 
ILE CA   C N S 162 
ILE C    C N N 163 
ILE O    O N N 164 
ILE CB   C N S 165 
ILE CG1  C N N 166 
ILE CG2  C N N 167 
ILE CD1  C N N 168 
ILE OXT  O N N 169 
ILE H    H N N 170 
ILE H2   H N N 171 
ILE HA   H N N 172 
ILE HB   H N N 173 
ILE HG12 H N N 174 
ILE HG13 H N N 175 
ILE HG21 H N N 176 
ILE HG22 H N N 177 
ILE HG23 H N N 178 
ILE HD11 H N N 179 
ILE HD12 H N N 180 
ILE HD13 H N N 181 
ILE HXT  H N N 182 
LEU N    N N N 183 
LEU CA   C N S 184 
LEU C    C N N 185 
LEU O    O N N 186 
LEU CB   C N N 187 
LEU CG   C N N 188 
LEU CD1  C N N 189 
LEU CD2  C N N 190 
LEU OXT  O N N 191 
LEU H    H N N 192 
LEU H2   H N N 193 
LEU HA   H N N 194 
LEU HB2  H N N 195 
LEU HB3  H N N 196 
LEU HG   H N N 197 
LEU HD11 H N N 198 
LEU HD12 H N N 199 
LEU HD13 H N N 200 
LEU HD21 H N N 201 
LEU HD22 H N N 202 
LEU HD23 H N N 203 
LEU HXT  H N N 204 
LYS N    N N N 205 
LYS CA   C N S 206 
LYS C    C N N 207 
LYS O    O N N 208 
LYS CB   C N N 209 
LYS CG   C N N 210 
LYS CD   C N N 211 
LYS CE   C N N 212 
LYS NZ   N N N 213 
LYS OXT  O N N 214 
LYS H    H N N 215 
LYS H2   H N N 216 
LYS HA   H N N 217 
LYS HB2  H N N 218 
LYS HB3  H N N 219 
LYS HG2  H N N 220 
LYS HG3  H N N 221 
LYS HD2  H N N 222 
LYS HD3  H N N 223 
LYS HE2  H N N 224 
LYS HE3  H N N 225 
LYS HZ1  H N N 226 
LYS HZ2  H N N 227 
LYS HZ3  H N N 228 
LYS HXT  H N N 229 
MET N    N N N 230 
MET CA   C N S 231 
MET C    C N N 232 
MET O    O N N 233 
MET CB   C N N 234 
MET CG   C N N 235 
MET SD   S N N 236 
MET CE   C N N 237 
MET OXT  O N N 238 
MET H    H N N 239 
MET H2   H N N 240 
MET HA   H N N 241 
MET HB2  H N N 242 
MET HB3  H N N 243 
MET HG2  H N N 244 
MET HG3  H N N 245 
MET HE1  H N N 246 
MET HE2  H N N 247 
MET HE3  H N N 248 
MET HXT  H N N 249 
PRO N    N N N 250 
PRO CA   C N S 251 
PRO C    C N N 252 
PRO O    O N N 253 
PRO CB   C N N 254 
PRO CG   C N N 255 
PRO CD   C N N 256 
PRO OXT  O N N 257 
PRO H    H N N 258 
PRO HA   H N N 259 
PRO HB2  H N N 260 
PRO HB3  H N N 261 
PRO HG2  H N N 262 
PRO HG3  H N N 263 
PRO HD2  H N N 264 
PRO HD3  H N N 265 
PRO HXT  H N N 266 
SER N    N N N 267 
SER CA   C N S 268 
SER C    C N N 269 
SER O    O N N 270 
SER CB   C N N 271 
SER OG   O N N 272 
SER OXT  O N N 273 
SER H    H N N 274 
SER H2   H N N 275 
SER HA   H N N 276 
SER HB2  H N N 277 
SER HB3  H N N 278 
SER HG   H N N 279 
SER HXT  H N N 280 
THR N    N N N 281 
THR CA   C N S 282 
THR C    C N N 283 
THR O    O N N 284 
THR CB   C N R 285 
THR OG1  O N N 286 
THR CG2  C N N 287 
THR OXT  O N N 288 
THR H    H N N 289 
THR H2   H N N 290 
THR HA   H N N 291 
THR HB   H N N 292 
THR HG1  H N N 293 
THR HG21 H N N 294 
THR HG22 H N N 295 
THR HG23 H N N 296 
THR HXT  H N N 297 
TYR N    N N N 298 
TYR CA   C N S 299 
TYR C    C N N 300 
TYR O    O N N 301 
TYR CB   C N N 302 
TYR CG   C Y N 303 
TYR CD1  C Y N 304 
TYR CD2  C Y N 305 
TYR CE1  C Y N 306 
TYR CE2  C Y N 307 
TYR CZ   C Y N 308 
TYR OH   O N N 309 
TYR OXT  O N N 310 
TYR H    H N N 311 
TYR H2   H N N 312 
TYR HA   H N N 313 
TYR HB2  H N N 314 
TYR HB3  H N N 315 
TYR HD1  H N N 316 
TYR HD2  H N N 317 
TYR HE1  H N N 318 
TYR HE2  H N N 319 
TYR HH   H N N 320 
TYR HXT  H N N 321 
VAL N    N N N 322 
VAL CA   C N S 323 
VAL C    C N N 324 
VAL O    O N N 325 
VAL CB   C N N 326 
VAL CG1  C N N 327 
VAL CG2  C N N 328 
VAL OXT  O N N 329 
VAL H    H N N 330 
VAL H2   H N N 331 
VAL HA   H N N 332 
VAL HB   H N N 333 
VAL HG11 H N N 334 
VAL HG12 H N N 335 
VAL HG13 H N N 336 
VAL HG21 H N N 337 
VAL HG22 H N N 338 
VAL HG23 H N N 339 
VAL HXT  H N N 340 
# 
loop_
_chem_comp_bond.comp_id 
_chem_comp_bond.atom_id_1 
_chem_comp_bond.atom_id_2 
_chem_comp_bond.value_order 
_chem_comp_bond.pdbx_aromatic_flag 
_chem_comp_bond.pdbx_stereo_config 
_chem_comp_bond.pdbx_ordinal 
ALA N   CA   sing N N 1   
ALA N   H    sing N N 2   
ALA N   H2   sing N N 3   
ALA CA  C    sing N N 4   
ALA CA  CB   sing N N 5   
ALA CA  HA   sing N N 6   
ALA C   O    doub N N 7   
ALA C   OXT  sing N N 8   
ALA CB  HB1  sing N N 9   
ALA CB  HB2  sing N N 10  
ALA CB  HB3  sing N N 11  
ALA OXT HXT  sing N N 12  
ARG N   CA   sing N N 13  
ARG N   H    sing N N 14  
ARG N   H2   sing N N 15  
ARG CA  C    sing N N 16  
ARG CA  CB   sing N N 17  
ARG CA  HA   sing N N 18  
ARG C   O    doub N N 19  
ARG C   OXT  sing N N 20  
ARG CB  CG   sing N N 21  
ARG CB  HB2  sing N N 22  
ARG CB  HB3  sing N N 23  
ARG CG  CD   sing N N 24  
ARG CG  HG2  sing N N 25  
ARG CG  HG3  sing N N 26  
ARG CD  NE   sing N N 27  
ARG CD  HD2  sing N N 28  
ARG CD  HD3  sing N N 29  
ARG NE  CZ   sing N N 30  
ARG NE  HE   sing N N 31  
ARG CZ  NH1  sing N N 32  
ARG CZ  NH2  doub N N 33  
ARG NH1 HH11 sing N N 34  
ARG NH1 HH12 sing N N 35  
ARG NH2 HH21 sing N N 36  
ARG NH2 HH22 sing N N 37  
ARG OXT HXT  sing N N 38  
ASN N   CA   sing N N 39  
ASN N   H    sing N N 40  
ASN N   H2   sing N N 41  
ASN CA  C    sing N N 42  
ASN CA  CB   sing N N 43  
ASN CA  HA   sing N N 44  
ASN C   O    doub N N 45  
ASN C   OXT  sing N N 46  
ASN CB  CG   sing N N 47  
ASN CB  HB2  sing N N 48  
ASN CB  HB3  sing N N 49  
ASN CG  OD1  doub N N 50  
ASN CG  ND2  sing N N 51  
ASN ND2 HD21 sing N N 52  
ASN ND2 HD22 sing N N 53  
ASN OXT HXT  sing N N 54  
ASP N   CA   sing N N 55  
ASP N   H    sing N N 56  
ASP N   H2   sing N N 57  
ASP CA  C    sing N N 58  
ASP CA  CB   sing N N 59  
ASP CA  HA   sing N N 60  
ASP C   O    doub N N 61  
ASP C   OXT  sing N N 62  
ASP CB  CG   sing N N 63  
ASP CB  HB2  sing N N 64  
ASP CB  HB3  sing N N 65  
ASP CG  OD1  doub N N 66  
ASP CG  OD2  sing N N 67  
ASP OD2 HD2  sing N N 68  
ASP OXT HXT  sing N N 69  
CYS N   CA   sing N N 70  
CYS N   H    sing N N 71  
CYS N   H2   sing N N 72  
CYS CA  C    sing N N 73  
CYS CA  CB   sing N N 74  
CYS CA  HA   sing N N 75  
CYS C   O    doub N N 76  
CYS C   OXT  sing N N 77  
CYS CB  SG   sing N N 78  
CYS CB  HB2  sing N N 79  
CYS CB  HB3  sing N N 80  
CYS SG  HG   sing N N 81  
CYS OXT HXT  sing N N 82  
GLN N   CA   sing N N 83  
GLN N   H    sing N N 84  
GLN N   H2   sing N N 85  
GLN CA  C    sing N N 86  
GLN CA  CB   sing N N 87  
GLN CA  HA   sing N N 88  
GLN C   O    doub N N 89  
GLN C   OXT  sing N N 90  
GLN CB  CG   sing N N 91  
GLN CB  HB2  sing N N 92  
GLN CB  HB3  sing N N 93  
GLN CG  CD   sing N N 94  
GLN CG  HG2  sing N N 95  
GLN CG  HG3  sing N N 96  
GLN CD  OE1  doub N N 97  
GLN CD  NE2  sing N N 98  
GLN NE2 HE21 sing N N 99  
GLN NE2 HE22 sing N N 100 
GLN OXT HXT  sing N N 101 
GLU N   CA   sing N N 102 
GLU N   H    sing N N 103 
GLU N   H2   sing N N 104 
GLU CA  C    sing N N 105 
GLU CA  CB   sing N N 106 
GLU CA  HA   sing N N 107 
GLU C   O    doub N N 108 
GLU C   OXT  sing N N 109 
GLU CB  CG   sing N N 110 
GLU CB  HB2  sing N N 111 
GLU CB  HB3  sing N N 112 
GLU CG  CD   sing N N 113 
GLU CG  HG2  sing N N 114 
GLU CG  HG3  sing N N 115 
GLU CD  OE1  doub N N 116 
GLU CD  OE2  sing N N 117 
GLU OE2 HE2  sing N N 118 
GLU OXT HXT  sing N N 119 
GLY N   CA   sing N N 120 
GLY N   H    sing N N 121 
GLY N   H2   sing N N 122 
GLY CA  C    sing N N 123 
GLY CA  HA2  sing N N 124 
GLY CA  HA3  sing N N 125 
GLY C   O    doub N N 126 
GLY C   OXT  sing N N 127 
GLY OXT HXT  sing N N 128 
HIS N   CA   sing N N 129 
HIS N   H    sing N N 130 
HIS N   H2   sing N N 131 
HIS CA  C    sing N N 132 
HIS CA  CB   sing N N 133 
HIS CA  HA   sing N N 134 
HIS C   O    doub N N 135 
HIS C   OXT  sing N N 136 
HIS CB  CG   sing N N 137 
HIS CB  HB2  sing N N 138 
HIS CB  HB3  sing N N 139 
HIS CG  ND1  sing Y N 140 
HIS CG  CD2  doub Y N 141 
HIS ND1 CE1  doub Y N 142 
HIS ND1 HD1  sing N N 143 
HIS CD2 NE2  sing Y N 144 
HIS CD2 HD2  sing N N 145 
HIS CE1 NE2  sing Y N 146 
HIS CE1 HE1  sing N N 147 
HIS NE2 HE2  sing N N 148 
HIS OXT HXT  sing N N 149 
HOH O   H1   sing N N 150 
HOH O   H2   sing N N 151 
ILE N   CA   sing N N 152 
ILE N   H    sing N N 153 
ILE N   H2   sing N N 154 
ILE CA  C    sing N N 155 
ILE CA  CB   sing N N 156 
ILE CA  HA   sing N N 157 
ILE C   O    doub N N 158 
ILE C   OXT  sing N N 159 
ILE CB  CG1  sing N N 160 
ILE CB  CG2  sing N N 161 
ILE CB  HB   sing N N 162 
ILE CG1 CD1  sing N N 163 
ILE CG1 HG12 sing N N 164 
ILE CG1 HG13 sing N N 165 
ILE CG2 HG21 sing N N 166 
ILE CG2 HG22 sing N N 167 
ILE CG2 HG23 sing N N 168 
ILE CD1 HD11 sing N N 169 
ILE CD1 HD12 sing N N 170 
ILE CD1 HD13 sing N N 171 
ILE OXT HXT  sing N N 172 
LEU N   CA   sing N N 173 
LEU N   H    sing N N 174 
LEU N   H2   sing N N 175 
LEU CA  C    sing N N 176 
LEU CA  CB   sing N N 177 
LEU CA  HA   sing N N 178 
LEU C   O    doub N N 179 
LEU C   OXT  sing N N 180 
LEU CB  CG   sing N N 181 
LEU CB  HB2  sing N N 182 
LEU CB  HB3  sing N N 183 
LEU CG  CD1  sing N N 184 
LEU CG  CD2  sing N N 185 
LEU CG  HG   sing N N 186 
LEU CD1 HD11 sing N N 187 
LEU CD1 HD12 sing N N 188 
LEU CD1 HD13 sing N N 189 
LEU CD2 HD21 sing N N 190 
LEU CD2 HD22 sing N N 191 
LEU CD2 HD23 sing N N 192 
LEU OXT HXT  sing N N 193 
LYS N   CA   sing N N 194 
LYS N   H    sing N N 195 
LYS N   H2   sing N N 196 
LYS CA  C    sing N N 197 
LYS CA  CB   sing N N 198 
LYS CA  HA   sing N N 199 
LYS C   O    doub N N 200 
LYS C   OXT  sing N N 201 
LYS CB  CG   sing N N 202 
LYS CB  HB2  sing N N 203 
LYS CB  HB3  sing N N 204 
LYS CG  CD   sing N N 205 
LYS CG  HG2  sing N N 206 
LYS CG  HG3  sing N N 207 
LYS CD  CE   sing N N 208 
LYS CD  HD2  sing N N 209 
LYS CD  HD3  sing N N 210 
LYS CE  NZ   sing N N 211 
LYS CE  HE2  sing N N 212 
LYS CE  HE3  sing N N 213 
LYS NZ  HZ1  sing N N 214 
LYS NZ  HZ2  sing N N 215 
LYS NZ  HZ3  sing N N 216 
LYS OXT HXT  sing N N 217 
MET N   CA   sing N N 218 
MET N   H    sing N N 219 
MET N   H2   sing N N 220 
MET CA  C    sing N N 221 
MET CA  CB   sing N N 222 
MET CA  HA   sing N N 223 
MET C   O    doub N N 224 
MET C   OXT  sing N N 225 
MET CB  CG   sing N N 226 
MET CB  HB2  sing N N 227 
MET CB  HB3  sing N N 228 
MET CG  SD   sing N N 229 
MET CG  HG2  sing N N 230 
MET CG  HG3  sing N N 231 
MET SD  CE   sing N N 232 
MET CE  HE1  sing N N 233 
MET CE  HE2  sing N N 234 
MET CE  HE3  sing N N 235 
MET OXT HXT  sing N N 236 
PRO N   CA   sing N N 237 
PRO N   CD   sing N N 238 
PRO N   H    sing N N 239 
PRO CA  C    sing N N 240 
PRO CA  CB   sing N N 241 
PRO CA  HA   sing N N 242 
PRO C   O    doub N N 243 
PRO C   OXT  sing N N 244 
PRO CB  CG   sing N N 245 
PRO CB  HB2  sing N N 246 
PRO CB  HB3  sing N N 247 
PRO CG  CD   sing N N 248 
PRO CG  HG2  sing N N 249 
PRO CG  HG3  sing N N 250 
PRO CD  HD2  sing N N 251 
PRO CD  HD3  sing N N 252 
PRO OXT HXT  sing N N 253 
SER N   CA   sing N N 254 
SER N   H    sing N N 255 
SER N   H2   sing N N 256 
SER CA  C    sing N N 257 
SER CA  CB   sing N N 258 
SER CA  HA   sing N N 259 
SER C   O    doub N N 260 
SER C   OXT  sing N N 261 
SER CB  OG   sing N N 262 
SER CB  HB2  sing N N 263 
SER CB  HB3  sing N N 264 
SER OG  HG   sing N N 265 
SER OXT HXT  sing N N 266 
THR N   CA   sing N N 267 
THR N   H    sing N N 268 
THR N   H2   sing N N 269 
THR CA  C    sing N N 270 
THR CA  CB   sing N N 271 
THR CA  HA   sing N N 272 
THR C   O    doub N N 273 
THR C   OXT  sing N N 274 
THR CB  OG1  sing N N 275 
THR CB  CG2  sing N N 276 
THR CB  HB   sing N N 277 
THR OG1 HG1  sing N N 278 
THR CG2 HG21 sing N N 279 
THR CG2 HG22 sing N N 280 
THR CG2 HG23 sing N N 281 
THR OXT HXT  sing N N 282 
TYR N   CA   sing N N 283 
TYR N   H    sing N N 284 
TYR N   H2   sing N N 285 
TYR CA  C    sing N N 286 
TYR CA  CB   sing N N 287 
TYR CA  HA   sing N N 288 
TYR C   O    doub N N 289 
TYR C   OXT  sing N N 290 
TYR CB  CG   sing N N 291 
TYR CB  HB2  sing N N 292 
TYR CB  HB3  sing N N 293 
TYR CG  CD1  doub Y N 294 
TYR CG  CD2  sing Y N 295 
TYR CD1 CE1  sing Y N 296 
TYR CD1 HD1  sing N N 297 
TYR CD2 CE2  doub Y N 298 
TYR CD2 HD2  sing N N 299 
TYR CE1 CZ   doub Y N 300 
TYR CE1 HE1  sing N N 301 
TYR CE2 CZ   sing Y N 302 
TYR CE2 HE2  sing N N 303 
TYR CZ  OH   sing N N 304 
TYR OH  HH   sing N N 305 
TYR OXT HXT  sing N N 306 
VAL N   CA   sing N N 307 
VAL N   H    sing N N 308 
VAL N   H2   sing N N 309 
VAL CA  C    sing N N 310 
VAL CA  CB   sing N N 311 
VAL CA  HA   sing N N 312 
VAL C   O    doub N N 313 
VAL C   OXT  sing N N 314 
VAL CB  CG1  sing N N 315 
VAL CB  CG2  sing N N 316 
VAL CB  HB   sing N N 317 
VAL CG1 HG11 sing N N 318 
VAL CG1 HG12 sing N N 319 
VAL CG1 HG13 sing N N 320 
VAL CG2 HG21 sing N N 321 
VAL CG2 HG22 sing N N 322 
VAL CG2 HG23 sing N N 323 
VAL OXT HXT  sing N N 324 
# 
_atom_sites.entry_id                    1LN4 
_atom_sites.fract_transf_matrix[1][1]   0.01973258 
_atom_sites.fract_transf_matrix[1][2]   0.00397949 
_atom_sites.fract_transf_matrix[1][3]   0.00074970 
_atom_sites.fract_transf_matrix[2][1]   0.00639517 
_atom_sites.fract_transf_matrix[2][2]   0.01814853 
_atom_sites.fract_transf_matrix[2][3]   0.00595593 
_atom_sites.fract_transf_matrix[3][1]   0.00040524 
_atom_sites.fract_transf_matrix[3][2]   -0.00452505 
_atom_sites.fract_transf_matrix[3][3]   0.01335330 
_atom_sites.fract_transf_vector[1]      0.759574 
_atom_sites.fract_transf_vector[2]      0.396107 
_atom_sites.fract_transf_vector[3]      0.185480 
# 
loop_
_atom_type.symbol 
C 
N 
O 
S 
# 
loop_
_atom_site.group_PDB 
_atom_site.id 
_atom_site.type_symbol 
_atom_site.label_atom_id 
_atom_site.label_alt_id 
_atom_site.label_comp_id 
_atom_site.label_asym_id 
_atom_site.label_entity_id 
_atom_site.label_seq_id 
_atom_site.pdbx_PDB_ins_code 
_atom_site.Cartn_x 
_atom_site.Cartn_y 
_atom_site.Cartn_z 
_atom_site.occupancy 
_atom_site.B_iso_or_equiv 
_atom_site.pdbx_formal_charge 
_atom_site.auth_seq_id 
_atom_site.auth_comp_id 
_atom_site.auth_asym_id 
_atom_site.auth_atom_id 
_atom_site.pdbx_PDB_model_num 
ATOM   1   N N   . MET A 1 1  ? 2.131   -6.511  -7.667  1.00 35.97  ? 1   MET A N   1 
ATOM   2   C CA  . MET A 1 1  ? 3.585   -6.583  -7.686  1.00 37.22  ? 1   MET A CA  1 
ATOM   3   C C   . MET A 1 1  ? 4.123   -7.452  -6.562  1.00 56.83  ? 1   MET A C   1 
ATOM   4   O O   . MET A 1 1  ? 3.820   -7.298  -5.373  1.00 40.69  ? 1   MET A O   1 
ATOM   5   C CB  . MET A 1 1  ? 4.318   -5.235  -7.826  1.00 29.79  ? 1   MET A CB  1 
ATOM   6   C CG  . MET A 1 1  ? 5.842   -5.302  -7.624  1.00 22.25  ? 1   MET A CG  1 
ATOM   7   S SD  . MET A 1 1  ? 6.718   -3.737  -7.875  1.00 45.94  ? 1   MET A SD  1 
ATOM   8   C CE  . MET A 1 1  ? 5.403   -2.539  -8.184  1.00 40.36  ? 1   MET A CE  1 
ATOM   9   N N   . ASP A 1 2  ? 4.935   -8.417  -6.958  1.00 34.09  ? 2   ASP A N   1 
ATOM   10  C CA  . ASP A 1 2  ? 5.488   -9.281  -5.956  1.00 32.83  ? 2   ASP A CA  1 
ATOM   11  C C   . ASP A 1 2  ? 6.992   -9.029  -5.804  1.00 35.25  ? 2   ASP A C   1 
ATOM   12  O O   . ASP A 1 2  ? 7.789   -9.080  -6.736  1.00 52.12  ? 2   ASP A O   1 
ATOM   13  C CB  . ASP A 1 2  ? 5.127   -10.751 -6.201  1.00 56.94  ? 2   ASP A CB  1 
ATOM   14  C CG  . ASP A 1 2  ? 4.498   -11.371 -4.991  1.00 100.00 ? 2   ASP A CG  1 
ATOM   15  O OD1 . ASP A 1 2  ? 4.749   -10.967 -3.851  1.00 85.40  ? 2   ASP A OD1 1 
ATOM   16  O OD2 . ASP A 1 2  ? 3.688   -12.374 -5.299  1.00 100.00 ? 2   ASP A OD2 1 
ATOM   17  N N   . LEU A 1 3  ? 7.374   -8.732  -4.581  1.00 27.86  ? 3   LEU A N   1 
ATOM   18  C CA  . LEU A 1 3  ? 8.762   -8.449  -4.250  1.00 24.52  ? 3   LEU A CA  1 
ATOM   19  C C   . LEU A 1 3  ? 9.248   -9.511  -3.288  1.00 29.44  ? 3   LEU A C   1 
ATOM   20  O O   . LEU A 1 3  ? 8.456   -10.216 -2.695  1.00 25.71  ? 3   LEU A O   1 
ATOM   21  C CB  . LEU A 1 3  ? 8.864   -7.073  -3.560  1.00 18.99  ? 3   LEU A CB  1 
ATOM   22  C CG  . LEU A 1 3  ? 8.518   -5.922  -4.513  1.00 22.67  ? 3   LEU A CG  1 
ATOM   23  C CD1 . LEU A 1 3  ? 8.814   -4.627  -3.811  1.00 19.12  ? 3   LEU A CD1 1 
ATOM   24  C CD2 . LEU A 1 3  ? 9.312   -5.989  -5.819  1.00 23.50  ? 3   LEU A CD2 1 
ATOM   25  N N   . SER A 1 4  ? 10.549  -9.638  -3.098  1.00 26.69  ? 4   SER A N   1 
ATOM   26  C CA  . SER A 1 4  ? 11.044  -10.619 -2.180  1.00 19.93  ? 4   SER A CA  1 
ATOM   27  C C   . SER A 1 4  ? 10.867  -10.178 -0.753  1.00 22.37  ? 4   SER A C   1 
ATOM   28  O O   . SER A 1 4  ? 10.626  -9.036  -0.417  1.00 23.60  ? 4   SER A O   1 
ATOM   29  C CB  . SER A 1 4  ? 12.531  -10.836 -2.475  1.00 27.17  ? 4   SER A CB  1 
ATOM   30  O OG  . SER A 1 4  ? 13.296  -9.773  -1.900  1.00 21.33  ? 4   SER A OG  1 
ATOM   31  N N   . THR A 1 5  ? 11.048  -11.142 0.137   1.00 20.54  ? 5   THR A N   1 
ATOM   32  C CA  . THR A 1 5  ? 10.948  -10.883 1.536   1.00 22.56  ? 5   THR A CA  1 
ATOM   33  C C   . THR A 1 5  ? 11.986  -9.854  1.909   1.00 17.96  ? 5   THR A C   1 
ATOM   34  O O   . THR A 1 5  ? 11.758  -8.957  2.755   1.00 24.02  ? 5   THR A O   1 
ATOM   35  C CB  . THR A 1 5  ? 11.218  -12.187 2.348   1.00 35.46  ? 5   THR A CB  1 
ATOM   36  O OG1 . THR A 1 5  ? 10.154  -13.101 2.176   1.00 53.31  ? 5   THR A OG1 1 
ATOM   37  C CG2 . THR A 1 5  ? 11.412  -11.882 3.835   1.00 35.62  ? 5   THR A CG2 1 
ATOM   38  N N   . LYS A 1 6  ? 13.157  -10.034 1.300   1.00 22.68  ? 6   LYS A N   1 
ATOM   39  C CA  . LYS A 1 6  ? 14.232  -9.100  1.584   1.00 28.06  ? 6   LYS A CA  1 
ATOM   40  C C   . LYS A 1 6  ? 13.775  -7.659  1.239   1.00 14.22  ? 6   LYS A C   1 
ATOM   41  O O   . LYS A 1 6  ? 13.895  -6.729  2.035   1.00 20.15  ? 6   LYS A O   1 
ATOM   42  C CB  . LYS A 1 6  ? 15.434  -9.480  0.732   1.00 30.08  ? 6   LYS A CB  1 
ATOM   43  C CG  . LYS A 1 6  ? 16.625  -8.592  1.045   1.00 32.18  ? 6   LYS A CG  1 
ATOM   44  C CD  . LYS A 1 6  ? 17.608  -8.462  -0.118  1.00 39.02  ? 6   LYS A CD  1 
ATOM   45  C CE  . LYS A 1 6  ? 18.838  -9.345  0.035   1.00 46.06  ? 6   LYS A CE  1 
ATOM   46  N NZ  . LYS A 1 6  ? 19.325  -9.815  -1.274  1.00 100.00 ? 6   LYS A NZ  1 
ATOM   47  N N   . GLN A 1 7  ? 13.242  -7.546  0.057   1.00 17.40  ? 7   GLN A N   1 
ATOM   48  C CA  . GLN A 1 7  ? 12.725  -6.260  -0.430  1.00 20.80  ? 7   GLN A CA  1 
ATOM   49  C C   . GLN A 1 7  ? 11.624  -5.745  0.487   1.00 23.07  ? 7   GLN A C   1 
ATOM   50  O O   . GLN A 1 7  ? 11.598  -4.590  0.950   1.00 17.81  ? 7   GLN A O   1 
ATOM   51  C CB  . GLN A 1 7  ? 12.263  -6.419  -1.870  1.00 13.43  ? 7   GLN A CB  1 
ATOM   52  C CG  . GLN A 1 7  ? 13.517  -6.490  -2.775  1.00 20.03  ? 7   GLN A CG  1 
ATOM   53  C CD  . GLN A 1 7  ? 13.191  -6.853  -4.200  1.00 22.63  ? 7   GLN A CD  1 
ATOM   54  O OE1 . GLN A 1 7  ? 12.255  -7.627  -4.411  1.00 25.52  ? 7   GLN A OE1 1 
ATOM   55  N NE2 . GLN A 1 7  ? 13.930  -6.337  -5.187  1.00 24.12  ? 7   GLN A NE2 1 
ATOM   56  N N   . LYS A 1 8  ? 10.666  -6.621  0.798   1.00 20.65  ? 8   LYS A N   1 
ATOM   57  C CA  . LYS A 1 8  ? 9.592   -6.165  1.699   1.00 17.72  ? 8   LYS A CA  1 
ATOM   58  C C   . LYS A 1 8  ? 10.058  -5.740  3.050   1.00 14.16  ? 8   LYS A C   1 
ATOM   59  O O   . LYS A 1 8  ? 9.580   -4.764  3.646   1.00 17.58  ? 8   LYS A O   1 
ATOM   60  C CB  . LYS A 1 8  ? 8.454   -7.179  1.835   1.00 19.63  ? 8   LYS A CB  1 
ATOM   61  C CG  . LYS A 1 8  ? 7.814   -7.528  0.494   1.00 21.16  ? 8   LYS A CG  1 
ATOM   62  C CD  . LYS A 1 8  ? 6.672   -8.539  0.685   1.00 24.24  ? 8   LYS A CD  1 
ATOM   63  C CE  . LYS A 1 8  ? 6.166   -9.154  -0.593  1.00 48.83  ? 8   LYS A CE  1 
ATOM   64  N NZ  . LYS A 1 8  ? 5.384   -10.375 -0.324  1.00 62.15  ? 8   LYS A NZ  1 
ATOM   65  N N   . GLN A 1 9  ? 11.051  -6.482  3.622   1.00 17.68  ? 9   GLN A N   1 
ATOM   66  C CA  . GLN A 1 9  ? 11.520  -6.101  4.935   1.00 18.07  ? 9   GLN A CA  1 
ATOM   67  C C   . GLN A 1 9  ? 12.171  -4.702  4.949   1.00 11.40  ? 9   GLN A C   1 
ATOM   68  O O   . GLN A 1 9  ? 12.033  -3.876  5.863   1.00 18.09  ? 9   GLN A O   1 
ATOM   69  C CB  . GLN A 1 9  ? 12.403  -7.271  5.500   1.00 31.60  ? 9   GLN A CB  1 
ATOM   70  C CG  . GLN A 1 9  ? 11.612  -8.529  5.979   1.00 100.00 ? 9   GLN A CG  1 
ATOM   71  C CD  . GLN A 1 9  ? 10.334  -8.354  6.822   1.00 100.00 ? 9   GLN A CD  1 
ATOM   72  O OE1 . GLN A 1 9  ? 9.259   -8.911  6.446   1.00 100.00 ? 9   GLN A OE1 1 
ATOM   73  N NE2 . GLN A 1 9  ? 10.451  -7.638  7.965   1.00 52.26  ? 9   GLN A NE2 1 
ATOM   74  N N   . HIS A 1 10 ? 12.894  -4.419  3.850   1.00 17.85  ? 10  HIS A N   1 
ATOM   75  C CA  . HIS A 1 10 ? 13.531  -3.140  3.714   1.00 15.61  ? 10  HIS A CA  1 
ATOM   76  C C   . HIS A 1 10 ? 12.452  -2.041  3.703   1.00 12.09  ? 10  HIS A C   1 
ATOM   77  O O   . HIS A 1 10 ? 12.484  -1.005  4.405   1.00 15.30  ? 10  HIS A O   1 
ATOM   78  C CB  . HIS A 1 10 ? 14.245  -3.153  2.340   1.00 15.76  ? 10  HIS A CB  1 
ATOM   79  C CG  . HIS A 1 10 ? 14.823  -1.804  2.052   1.00 21.79  ? 10  HIS A CG  1 
ATOM   80  N ND1 . HIS A 1 10 ? 15.999  -1.361  2.670   1.00 23.97  ? 10  HIS A ND1 1 
ATOM   81  C CD2 . HIS A 1 10 ? 14.370  -0.796  1.237   1.00 16.53  ? 10  HIS A CD2 1 
ATOM   82  C CE1 . HIS A 1 10 ? 16.231  -0.127  2.214   1.00 24.57  ? 10  HIS A CE1 1 
ATOM   83  N NE2 . HIS A 1 10 ? 15.264  0.248   1.343   1.00 15.22  ? 10  HIS A NE2 1 
ATOM   84  N N   . LEU A 1 11 ? 11.433  -2.281  2.852   1.00 14.94  ? 11  LEU A N   1 
ATOM   85  C CA  . LEU A 1 11 ? 10.337  -1.308  2.736   1.00 13.24  ? 11  LEU A CA  1 
ATOM   86  C C   . LEU A 1 11 ? 9.576   -1.104  4.036   1.00 13.23  ? 11  LEU A C   1 
ATOM   87  O O   . LEU A 1 11 ? 9.219   0.001   4.424   1.00 14.66  ? 11  LEU A O   1 
ATOM   88  C CB  . LEU A 1 11 ? 9.396   -1.725  1.571   1.00 12.90  ? 11  LEU A CB  1 
ATOM   89  C CG  . LEU A 1 11 ? 10.042  -1.646  0.156   1.00 17.19  ? 11  LEU A CG  1 
ATOM   90  C CD1 . LEU A 1 11 ? 9.176   -2.350  -0.902  1.00 14.08  ? 11  LEU A CD1 1 
ATOM   91  C CD2 . LEU A 1 11 ? 10.286  -0.181  -0.276  1.00 13.43  ? 11  LEU A CD2 1 
ATOM   92  N N   . LYS A 1 12 ? 9.376   -2.201  4.767   1.00 14.29  ? 12  LYS A N   1 
ATOM   93  C CA  . LYS A 1 12 ? 8.696   -2.125  6.047   1.00 17.44  ? 12  LYS A CA  1 
ATOM   94  C C   . LYS A 1 12 ? 9.439   -1.174  6.995   1.00 13.40  ? 12  LYS A C   1 
ATOM   95  O O   . LYS A 1 12 ? 8.891   -0.357  7.735   1.00 19.24  ? 12  LYS A O   1 
ATOM   96  C CB  . LYS A 1 12 ? 8.594   -3.571  6.566   1.00 18.96  ? 12  LYS A CB  1 
ATOM   97  C CG  . LYS A 1 12 ? 7.676   -3.815  7.771   1.00 40.08  ? 12  LYS A CG  1 
ATOM   98  C CD  . LYS A 1 12 ? 8.045   -5.074  8.585   1.00 47.11  ? 12  LYS A CD  1 
ATOM   99  C CE  . LYS A 1 12 ? 7.733   -4.969  10.089  1.00 42.43  ? 12  LYS A CE  1 
ATOM   100 N NZ  . LYS A 1 12 ? 8.761   -4.346  10.981  1.00 39.94  ? 12  LYS A NZ  1 
ATOM   101 N N   . GLY A 1 13 ? 10.756  -1.258  6.951   1.00 20.32  ? 13  GLY A N   1 
ATOM   102 C CA  . GLY A 1 13 ? 11.533  -0.382  7.808   1.00 22.93  ? 13  GLY A CA  1 
ATOM   103 C C   . GLY A 1 13 ? 11.446  1.096   7.431   1.00 25.78  ? 13  GLY A C   1 
ATOM   104 O O   . GLY A 1 13 ? 11.415  2.008   8.294   1.00 21.52  ? 13  GLY A O   1 
ATOM   105 N N   . LEU A 1 14 ? 11.396  1.344   6.121   1.00 18.54  ? 14  LEU A N   1 
ATOM   106 C CA  . LEU A 1 14 ? 11.298  2.745   5.741   1.00 16.15  ? 14  LEU A CA  1 
ATOM   107 C C   . LEU A 1 14 ? 9.917   3.253   6.111   1.00 21.12  ? 14  LEU A C   1 
ATOM   108 O O   . LEU A 1 14 ? 9.670   4.425   6.330   1.00 19.28  ? 14  LEU A O   1 
ATOM   109 C CB  . LEU A 1 14 ? 11.339  2.831   4.205   1.00 15.21  ? 14  LEU A CB  1 
ATOM   110 C CG  . LEU A 1 14 ? 12.634  2.334   3.596   1.00 17.20  ? 14  LEU A CG  1 
ATOM   111 C CD1 . LEU A 1 14 ? 12.521  2.450   2.095   1.00 16.82  ? 14  LEU A CD1 1 
ATOM   112 C CD2 . LEU A 1 14 ? 13.805  3.213   4.087   1.00 18.39  ? 14  LEU A CD2 1 
ATOM   113 N N   . ALA A 1 15 ? 8.968   2.342   6.158   1.00 19.24  ? 15  ALA A N   1 
ATOM   114 C CA  . ALA A 1 15 ? 7.606   2.777   6.442   1.00 13.94  ? 15  ALA A CA  1 
ATOM   115 C C   . ALA A 1 15 ? 7.227   3.103   7.881   1.00 15.23  ? 15  ALA A C   1 
ATOM   116 O O   . ALA A 1 15 ? 6.285   3.882   8.140   1.00 14.53  ? 15  ALA A O   1 
ATOM   117 C CB  . ALA A 1 15 ? 6.673   1.694   5.860   1.00 13.56  ? 15  ALA A CB  1 
ATOM   118 N N   . HIS A 1 16 ? 7.921   2.510   8.843   1.00 18.12  ? 16  HIS A N   1 
ATOM   119 C CA  . HIS A 1 16 ? 7.572   2.747   10.246  1.00 17.77  ? 16  HIS A CA  1 
ATOM   120 C C   . HIS A 1 16 ? 7.202   4.177   10.624  1.00 16.45  ? 16  HIS A C   1 
ATOM   121 O O   . HIS A 1 16 ? 6.170   4.508   11.244  1.00 21.49  ? 16  HIS A O   1 
ATOM   122 C CB  . HIS A 1 16 ? 8.648   2.217   11.247  1.00 40.18  ? 16  HIS A CB  1 
ATOM   123 C CG  . HIS A 1 16 ? 8.297   2.400   12.735  1.00 66.90  ? 16  HIS A CG  1 
ATOM   124 N ND1 . HIS A 1 16 ? 9.088   1.888   13.756  1.00 69.99  ? 16  HIS A ND1 1 
ATOM   125 C CD2 . HIS A 1 16 ? 7.251   3.020   13.384  1.00 70.24  ? 16  HIS A CD2 1 
ATOM   126 C CE1 . HIS A 1 16 ? 8.542   2.191   14.930  1.00 34.83  ? 16  HIS A CE1 1 
ATOM   127 N NE2 . HIS A 1 16 ? 7.433   2.884   14.755  1.00 47.40  ? 16  HIS A NE2 1 
ATOM   128 N N   . PRO A 1 17 ? 8.079   5.071   10.285  1.00 21.61  ? 17  PRO A N   1 
ATOM   129 C CA  . PRO A 1 17 ? 7.895   6.471   10.606  1.00 19.63  ? 17  PRO A CA  1 
ATOM   130 C C   . PRO A 1 17 ? 6.786   7.174   9.834   1.00 30.83  ? 17  PRO A C   1 
ATOM   131 O O   . PRO A 1 17 ? 6.424   8.253   10.241  1.00 22.60  ? 17  PRO A O   1 
ATOM   132 C CB  . PRO A 1 17 ? 9.212   7.170   10.219  1.00 25.63  ? 17  PRO A CB  1 
ATOM   133 C CG  . PRO A 1 17 ? 10.090  6.120   9.537   1.00 42.91  ? 17  PRO A CG  1 
ATOM   134 C CD  . PRO A 1 17 ? 9.377   4.774   9.618   1.00 32.42  ? 17  PRO A CD  1 
ATOM   135 N N   . LEU A 1 18 ? 6.269   6.615   8.740   1.00 17.77  ? 18  LEU A N   1 
ATOM   136 C CA  . LEU A 1 18 ? 5.209   7.324   8.023   1.00 14.66  ? 18  LEU A CA  1 
ATOM   137 C C   . LEU A 1 18 ? 3.856   7.289   8.725   1.00 16.22  ? 18  LEU A C   1 
ATOM   138 O O   . LEU A 1 18 ? 3.518   6.365   9.468   1.00 16.22  ? 18  LEU A O   1 
ATOM   139 C CB  . LEU A 1 18 ? 4.927   6.536   6.736   1.00 15.06  ? 18  LEU A CB  1 
ATOM   140 C CG  . LEU A 1 18 ? 6.166   6.350   5.870   1.00 21.23  ? 18  LEU A CG  1 
ATOM   141 C CD1 . LEU A 1 18 ? 5.785   5.584   4.598   1.00 18.41  ? 18  LEU A CD1 1 
ATOM   142 C CD2 . LEU A 1 18 ? 6.676   7.757   5.521   1.00 23.08  ? 18  LEU A CD2 1 
ATOM   143 N N   . LYS A 1 19 ? 3.049   8.297   8.441   1.00 16.08  ? 19  LYS A N   1 
ATOM   144 C CA  . LYS A 1 19 ? 1.699   8.321   8.982   1.00 18.10  ? 19  LYS A CA  1 
ATOM   145 C C   . LYS A 1 19 ? 0.834   8.016   7.738   1.00 18.12  ? 19  LYS A C   1 
ATOM   146 O O   . LYS A 1 19 ? 1.215   8.287   6.605   1.00 17.03  ? 19  LYS A O   1 
ATOM   147 C CB  . LYS A 1 19 ? 1.341   9.699   9.470   1.00 23.58  ? 19  LYS A CB  1 
ATOM   148 C CG  . LYS A 1 19 ? 2.127   10.171  10.710  1.00 28.04  ? 19  LYS A CG  1 
ATOM   149 C CD  . LYS A 1 19 ? 2.508   11.650  10.580  1.00 100.00 ? 19  LYS A CD  1 
ATOM   150 C CE  . LYS A 1 19 ? 3.051   12.306  11.848  1.00 100.00 ? 19  LYS A CE  1 
ATOM   151 N NZ  . LYS A 1 19 ? 3.413   13.727  11.668  1.00 100.00 ? 19  LYS A NZ  1 
ATOM   152 N N   . PRO A 1 20 ? -0.335  7.467   7.889   1.00 14.20  ? 20  PRO A N   1 
ATOM   153 C CA  . PRO A 1 20 ? -1.208  7.142   6.758   1.00 12.46  ? 20  PRO A CA  1 
ATOM   154 C C   . PRO A 1 20 ? -1.660  8.348   5.975   1.00 16.10  ? 20  PRO A C   1 
ATOM   155 O O   . PRO A 1 20 ? -1.963  9.390   6.559   1.00 15.00  ? 20  PRO A O   1 
ATOM   156 C CB  . PRO A 1 20 ? -2.397  6.345   7.317   1.00 16.74  ? 20  PRO A CB  1 
ATOM   157 C CG  . PRO A 1 20 ? -2.032  6.106   8.792   1.00 27.34  ? 20  PRO A CG  1 
ATOM   158 C CD  . PRO A 1 20 ? -0.952  7.127   9.200   1.00 16.09  ? 20  PRO A CD  1 
ATOM   159 N N   . VAL A 1 21 ? -1.702  8.222   4.636   1.00 11.39  ? 21  VAL A N   1 
ATOM   160 C CA  . VAL A 1 21 ? -2.102  9.335   3.794   1.00 10.18  ? 21  VAL A CA  1 
ATOM   161 C C   . VAL A 1 21 ? -3.478  9.144   3.188   1.00 9.32   ? 21  VAL A C   1 
ATOM   162 O O   . VAL A 1 21 ? -4.005  10.076  2.610   1.00 12.53  ? 21  VAL A O   1 
ATOM   163 C CB  . VAL A 1 21 ? -1.033  9.659   2.736   1.00 16.26  ? 21  VAL A CB  1 
ATOM   164 C CG1 . VAL A 1 21 ? 0.237   10.231  3.420   1.00 18.01  ? 21  VAL A CG1 1 
ATOM   165 C CG2 . VAL A 1 21 ? -0.655  8.417   1.939   1.00 12.51  ? 21  VAL A CG2 1 
ATOM   166 N N   . VAL A 1 22 ? -4.041  7.960   3.333   1.00 9.81   ? 22  VAL A N   1 
ATOM   167 C CA  . VAL A 1 22 ? -5.357  7.730   2.820   1.00 10.73  ? 22  VAL A CA  1 
ATOM   168 C C   . VAL A 1 22 ? -6.114  6.848   3.785   1.00 13.57  ? 22  VAL A C   1 
ATOM   169 O O   . VAL A 1 22 ? -5.551  5.883   4.306   1.00 11.25  ? 22  VAL A O   1 
ATOM   170 C CB  . VAL A 1 22 ? -5.343  6.942   1.524   1.00 10.70  ? 22  VAL A CB  1 
ATOM   171 C CG1 . VAL A 1 22 ? -6.776  6.785   1.036   1.00 13.21  ? 22  VAL A CG1 1 
ATOM   172 C CG2 . VAL A 1 22 ? -4.567  7.694   0.446   1.00 11.62  ? 22  VAL A CG2 1 
ATOM   173 N N   . LEU A 1 23 ? -7.393  7.172   4.045   1.00 9.89   ? 23  LEU A N   1 
ATOM   174 C CA  . LEU A 1 23 ? -8.259  6.359   4.891   1.00 9.45   ? 23  LEU A CA  1 
ATOM   175 C C   . LEU A 1 23 ? -9.252  5.745   3.903   1.00 12.18  ? 23  LEU A C   1 
ATOM   176 O O   . LEU A 1 23 ? -9.942  6.467   3.091   1.00 12.63  ? 23  LEU A O   1 
ATOM   177 C CB  . LEU A 1 23 ? -9.084  7.245   5.873   1.00 10.75  ? 23  LEU A CB  1 
ATOM   178 C CG  . LEU A 1 23 ? -10.387 6.588   6.442   1.00 15.58  ? 23  LEU A CG  1 
ATOM   179 C CD1 . LEU A 1 23 ? -10.071 5.440   7.412   1.00 16.56  ? 23  LEU A CD1 1 
ATOM   180 C CD2 . LEU A 1 23 ? -11.227 7.616   7.222   1.00 15.50  ? 23  LEU A CD2 1 
ATOM   181 N N   . LEU A 1 24 ? -9.330  4.408   3.875   1.00 9.03   ? 24  LEU A N   1 
ATOM   182 C CA  . LEU A 1 24 ? -10.280 3.678   2.995   1.00 9.02   ? 24  LEU A CA  1 
ATOM   183 C C   . LEU A 1 24 ? -11.403 3.289   3.976   1.00 13.55  ? 24  LEU A C   1 
ATOM   184 O O   . LEU A 1 24 ? -11.164 2.573   4.982   1.00 11.71  ? 24  LEU A O   1 
ATOM   185 C CB  . LEU A 1 24 ? -9.603  2.435   2.362   1.00 10.28  ? 24  LEU A CB  1 
ATOM   186 C CG  . LEU A 1 24 ? -10.422 1.672   1.327   1.00 10.11  ? 24  LEU A CG  1 
ATOM   187 C CD1 . LEU A 1 24 ? -9.474  0.937   0.360   1.00 11.44  ? 24  LEU A CD1 1 
ATOM   188 C CD2 . LEU A 1 24 ? -11.339 0.668   2.027   1.00 10.92  ? 24  LEU A CD2 1 
ATOM   189 N N   . GLY A 1 25 ? -12.614 3.791   3.749   1.00 11.59  ? 25  GLY A N   1 
ATOM   190 C CA  . GLY A 1 25 ? -13.684 3.535   4.721   1.00 14.65  ? 25  GLY A CA  1 
ATOM   191 C C   . GLY A 1 25 ? -14.367 2.210   4.685   1.00 13.55  ? 25  GLY A C   1 
ATOM   192 O O   . GLY A 1 25 ? -14.080 1.406   3.817   1.00 13.42  ? 25  GLY A O   1 
ATOM   193 N N   . SER A 1 26 ? -15.295 2.006   5.632   1.00 11.20  ? 26  SER A N   1 
ATOM   194 C CA  . SER A 1 26 ? -16.006 0.741   5.609   1.00 11.24  ? 26  SER A CA  1 
ATOM   195 C C   . SER A 1 26 ? -16.863 0.621   4.355   1.00 13.93  ? 26  SER A C   1 
ATOM   196 O O   . SER A 1 26 ? -17.333 -0.448  4.017   1.00 17.13  ? 26  SER A O   1 
ATOM   197 C CB  . SER A 1 26 ? -16.771 0.484   6.889   1.00 16.59  ? 26  SER A CB  1 
ATOM   198 O OG  . SER A 1 26 ? -17.838 1.423   7.006   1.00 16.42  ? 26  SER A OG  1 
ATOM   199 N N   . ASN A 1 27 ? -17.090 1.693   3.622   1.00 11.54  ? 27  ASN A N   1 
ATOM   200 C CA  . ASN A 1 27 ? -17.877 1.546   2.403   1.00 13.28  ? 27  ASN A CA  1 
ATOM   201 C C   . ASN A 1 27 ? -17.036 0.697   1.397   1.00 26.06  ? 27  ASN A C   1 
ATOM   202 O O   . ASN A 1 27 ? -17.553 0.217   0.392   1.00 19.64  ? 27  ASN A O   1 
ATOM   203 C CB  . ASN A 1 27 ? -18.152 2.943   1.781   1.00 15.36  ? 27  ASN A CB  1 
ATOM   204 C CG  . ASN A 1 27 ? -19.353 3.631   2.396   1.00 15.61  ? 27  ASN A CG  1 
ATOM   205 O OD1 . ASN A 1 27 ? -19.709 4.759   2.001   1.00 20.96  ? 27  ASN A OD1 1 
ATOM   206 N ND2 . ASN A 1 27 ? -19.957 2.968   3.336   1.00 12.05  ? 27  ASN A ND2 1 
ATOM   207 N N   . GLY A 1 28 ? -15.711 0.535   1.633   1.00 13.69  ? 28  GLY A N   1 
ATOM   208 C CA  . GLY A 1 28 ? -14.893 -0.293  0.767   1.00 13.16  ? 28  GLY A CA  1 
ATOM   209 C C   . GLY A 1 28 ? -14.086 0.351   -0.331  1.00 14.99  ? 28  GLY A C   1 
ATOM   210 O O   . GLY A 1 28 ? -13.794 1.557   -0.338  1.00 16.64  ? 28  GLY A O   1 
ATOM   211 N N   . LEU A 1 29 ? -13.691 -0.494  -1.295  1.00 13.16  ? 29  LEU A N   1 
ATOM   212 C CA  . LEU A 1 29 ? -12.874 0.009   -2.399  1.00 14.28  ? 29  LEU A CA  1 
ATOM   213 C C   . LEU A 1 29 ? -13.663 0.734   -3.468  1.00 20.66  ? 29  LEU A C   1 
ATOM   214 O O   . LEU A 1 29 ? -14.036 0.168   -4.481  1.00 21.97  ? 29  LEU A O   1 
ATOM   215 C CB  . LEU A 1 29 ? -12.067 -1.160  -2.993  1.00 15.58  ? 29  LEU A CB  1 
ATOM   216 C CG  . LEU A 1 29 ? -11.131 -0.747  -4.129  1.00 15.93  ? 29  LEU A CG  1 
ATOM   217 C CD1 . LEU A 1 29 ? -10.089 0.227   -3.591  1.00 13.37  ? 29  LEU A CD1 1 
ATOM   218 C CD2 . LEU A 1 29 ? -10.472 -2.054  -4.598  1.00 15.73  ? 29  LEU A CD2 1 
ATOM   219 N N   . THR A 1 30 ? -13.928 1.990   -3.252  1.00 14.69  ? 30  THR A N   1 
ATOM   220 C CA  . THR A 1 30 ? -14.681 2.732   -4.258  1.00 14.29  ? 30  THR A CA  1 
ATOM   221 C C   . THR A 1 30 ? -13.734 3.316   -5.288  1.00 16.43  ? 30  THR A C   1 
ATOM   222 O O   . THR A 1 30 ? -12.517 3.412   -5.097  1.00 14.26  ? 30  THR A O   1 
ATOM   223 C CB  . THR A 1 30 ? -15.395 3.915   -3.578  1.00 13.08  ? 30  THR A CB  1 
ATOM   224 O OG1 . THR A 1 30 ? -14.455 4.737   -2.882  1.00 14.25  ? 30  THR A OG1 1 
ATOM   225 C CG2 . THR A 1 30 ? -16.409 3.442   -2.539  1.00 14.35  ? 30  THR A CG2 1 
ATOM   226 N N   . GLU A 1 31 ? -14.300 3.776   -6.413  1.00 14.80  ? 31  GLU A N   1 
ATOM   227 C CA  . GLU A 1 31 ? -13.429 4.359   -7.382  1.00 14.66  ? 31  GLU A CA  1 
ATOM   228 C C   . GLU A 1 31 ? -12.761 5.605   -6.856  1.00 15.01  ? 31  GLU A C   1 
ATOM   229 O O   . GLU A 1 31 ? -11.612 5.935   -7.177  1.00 12.96  ? 31  GLU A O   1 
ATOM   230 C CB  . GLU A 1 31 ? -14.240 4.807   -8.602  1.00 20.00  ? 31  GLU A CB  1 
ATOM   231 C CG  . GLU A 1 31 ? -13.507 4.276   -9.842  1.00 49.45  ? 31  GLU A CG  1 
ATOM   232 C CD  . GLU A 1 31 ? -14.149 4.617   -11.159 1.00 100.00 ? 31  GLU A CD  1 
ATOM   233 O OE1 . GLU A 1 31 ? -14.631 5.710   -11.405 1.00 31.27  ? 31  GLU A OE1 1 
ATOM   234 O OE2 . GLU A 1 31 ? -14.090 3.617   -12.014 1.00 38.74  ? 31  GLU A OE2 1 
ATOM   235 N N   . GLY A 1 32 ? -13.484 6.376   -6.035  1.00 13.02  ? 32  GLY A N   1 
ATOM   236 C CA  . GLY A 1 32 ? -12.914 7.603   -5.505  1.00 12.02  ? 32  GLY A CA  1 
ATOM   237 C C   . GLY A 1 32 ? -11.677 7.275   -4.596  1.00 11.57  ? 32  GLY A C   1 
ATOM   238 O O   . GLY A 1 32 ? -10.639 7.974   -4.707  1.00 11.40  ? 32  GLY A O   1 
ATOM   239 N N   . VAL A 1 33 ? -11.804 6.261   -3.704  1.00 10.68  ? 33  VAL A N   1 
ATOM   240 C CA  . VAL A 1 33 ? -10.623 5.982   -2.860  1.00 10.07  ? 33  VAL A CA  1 
ATOM   241 C C   . VAL A 1 33 ? -9.488  5.399   -3.716  1.00 13.48  ? 33  VAL A C   1 
ATOM   242 O O   . VAL A 1 33 ? -8.296  5.684   -3.503  1.00 11.93  ? 33  VAL A O   1 
ATOM   243 C CB  . VAL A 1 33 ? -10.956 5.151   -1.634  1.00 11.10  ? 33  VAL A CB  1 
ATOM   244 C CG1 . VAL A 1 33 ? -11.294 3.715   -1.992  1.00 11.50  ? 33  VAL A CG1 1 
ATOM   245 C CG2 . VAL A 1 33 ? -9.795  5.308   -0.608  1.00 9.06   ? 33  VAL A CG2 1 
ATOM   246 N N   . LEU A 1 34 ? -9.866  4.595   -4.708  1.00 11.64  ? 34  LEU A N   1 
ATOM   247 C CA  . LEU A 1 34 ? -8.829  4.044   -5.595  1.00 11.53  ? 34  LEU A CA  1 
ATOM   248 C C   . LEU A 1 34 ? -8.071  5.192   -6.248  1.00 14.86  ? 34  LEU A C   1 
ATOM   249 O O   . LEU A 1 34 ? -6.829  5.180   -6.341  1.00 12.20  ? 34  LEU A O   1 
ATOM   250 C CB  . LEU A 1 34 ? -9.452  3.143   -6.656  1.00 12.12  ? 34  LEU A CB  1 
ATOM   251 C CG  . LEU A 1 34 ? -8.497  2.399   -7.551  1.00 14.51  ? 34  LEU A CG  1 
ATOM   252 C CD1 . LEU A 1 34 ? -7.489  1.554   -6.722  1.00 16.37  ? 34  LEU A CD1 1 
ATOM   253 C CD2 . LEU A 1 34 ? -9.337  1.437   -8.380  1.00 16.20  ? 34  LEU A CD2 1 
ATOM   254 N N   . ALA A 1 35 ? -8.771  6.239   -6.725  1.00 8.76   ? 35  ALA A N   1 
ATOM   255 C CA  . ALA A 1 35 ? -8.072  7.334   -7.354  1.00 9.80   ? 35  ALA A CA  1 
ATOM   256 C C   . ALA A 1 35 ? -7.157  8.070   -6.384  1.00 11.80  ? 35  ALA A C   1 
ATOM   257 O O   . ALA A 1 35 ? -6.088  8.572   -6.744  1.00 10.52  ? 35  ALA A O   1 
ATOM   258 C CB  . ALA A 1 35 ? -9.110  8.301   -7.927  1.00 14.93  ? 35  ALA A CB  1 
ATOM   259 N N   . GLU A 1 36 ? -7.573  8.152   -5.122  1.00 9.54   ? 36  GLU A N   1 
ATOM   260 C CA  . GLU A 1 36 ? -6.736  8.846   -4.167  1.00 9.09   ? 36  GLU A CA  1 
ATOM   261 C C   . GLU A 1 36 ? -5.456  8.022   -3.873  1.00 10.20  ? 36  GLU A C   1 
ATOM   262 O O   . GLU A 1 36 ? -4.349  8.565   -3.682  1.00 11.36  ? 36  GLU A O   1 
ATOM   263 C CB  . GLU A 1 36 ? -7.580  9.217   -2.907  1.00 11.32  ? 36  GLU A CB  1 
ATOM   264 C CG  . GLU A 1 36 ? -6.710  9.934   -1.842  1.00 16.37  ? 36  GLU A CG  1 
ATOM   265 C CD  . GLU A 1 36 ? -6.063  11.228  -2.272  1.00 71.99  ? 36  GLU A CD  1 
ATOM   266 O OE1 . GLU A 1 36 ? -5.009  11.689  -1.877  1.00 24.90  ? 36  GLU A OE1 1 
ATOM   267 O OE2 . GLU A 1 36 ? -6.780  11.853  -3.124  1.00 20.03  ? 36  GLU A OE2 1 
ATOM   268 N N   . ILE A 1 37 ? -5.610  6.688   -3.828  1.00 9.73   ? 37  ILE A N   1 
ATOM   269 C CA  . ILE A 1 37 ? -4.459  5.801   -3.601  1.00 10.23  ? 37  ILE A CA  1 
ATOM   270 C C   . ILE A 1 37 ? -3.489  6.017   -4.785  1.00 10.00  ? 37  ILE A C   1 
ATOM   271 O O   . ILE A 1 37 ? -2.272  6.115   -4.623  1.00 10.70  ? 37  ILE A O   1 
ATOM   272 C CB  . ILE A 1 37 ? -4.942  4.336   -3.481  1.00 10.25  ? 37  ILE A CB  1 
ATOM   273 C CG1 . ILE A 1 37 ? -5.585  4.135   -2.099  1.00 8.02   ? 37  ILE A CG1 1 
ATOM   274 C CG2 . ILE A 1 37 ? -3.772  3.348   -3.622  1.00 10.15  ? 37  ILE A CG2 1 
ATOM   275 C CD1 . ILE A 1 37 ? -6.320  2.791   -1.979  1.00 12.58  ? 37  ILE A CD1 1 
ATOM   276 N N   . GLU A 1 38 ? -4.014  6.122   -5.993  1.00 9.65   ? 38  GLU A N   1 
ATOM   277 C CA  . GLU A 1 38 ? -3.138  6.360   -7.155  1.00 8.68   ? 38  GLU A CA  1 
ATOM   278 C C   . GLU A 1 38 ? -2.330  7.632   -6.975  1.00 12.73  ? 38  GLU A C   1 
ATOM   279 O O   . GLU A 1 38 ? -1.134  7.715   -7.175  1.00 11.97  ? 38  GLU A O   1 
ATOM   280 C CB  . GLU A 1 38 ? -3.997  6.505   -8.437  1.00 10.06  ? 38  GLU A CB  1 
ATOM   281 C CG  . GLU A 1 38 ? -4.544  5.115   -8.786  1.00 13.99  ? 38  GLU A CG  1 
ATOM   282 C CD  . GLU A 1 38 ? -3.501  4.330   -9.555  1.00 13.94  ? 38  GLU A CD  1 
ATOM   283 O OE1 . GLU A 1 38 ? -2.406  4.743   -9.802  1.00 15.74  ? 38  GLU A OE1 1 
ATOM   284 O OE2 . GLU A 1 38 ? -3.898  3.156   -9.945  1.00 16.51  ? 38  GLU A OE2 1 
ATOM   285 N N   . GLN A 1 39 ? -2.992  8.723   -6.606  1.00 11.53  ? 39  GLN A N   1 
ATOM   286 C CA  . GLN A 1 39 ? -2.275  9.967   -6.411  1.00 13.43  ? 39  GLN A CA  1 
ATOM   287 C C   . GLN A 1 39 ? -1.247  9.875   -5.305  1.00 12.10  ? 39  GLN A C   1 
ATOM   288 O O   . GLN A 1 39 ? -0.176  10.448  -5.406  1.00 12.80  ? 39  GLN A O   1 
ATOM   289 C CB  . GLN A 1 39 ? -3.235  11.090  -5.988  1.00 17.03  ? 39  GLN A CB  1 
ATOM   290 C CG  . GLN A 1 39 ? -4.202  11.375  -7.145  1.00 23.37  ? 39  GLN A CG  1 
ATOM   291 C CD  . GLN A 1 39 ? -3.724  12.594  -7.862  1.00 100.00 ? 39  GLN A CD  1 
ATOM   292 O OE1 . GLN A 1 39 ? -4.532  13.478  -8.171  1.00 100.00 ? 39  GLN A OE1 1 
ATOM   293 N NE2 . GLN A 1 39 ? -2.409  12.629  -8.085  1.00 100.00 ? 39  GLN A NE2 1 
ATOM   294 N N   . ALA A 1 40 ? -1.572  9.166   -4.228  1.00 10.80  ? 40  ALA A N   1 
ATOM   295 C CA  . ALA A 1 40 ? -0.614  9.053   -3.144  1.00 9.63   ? 40  ALA A CA  1 
ATOM   296 C C   . ALA A 1 40 ? 0.630   8.262   -3.583  1.00 10.07  ? 40  ALA A C   1 
ATOM   297 O O   . ALA A 1 40 ? 1.754   8.641   -3.274  1.00 10.16  ? 40  ALA A O   1 
ATOM   298 C CB  . ALA A 1 40 ? -1.295  8.431   -1.951  1.00 10.32  ? 40  ALA A CB  1 
ATOM   299 N N   . LEU A 1 41 ? 0.390   7.175   -4.313  1.00 9.75   ? 41  LEU A N   1 
ATOM   300 C CA  . LEU A 1 41 ? 1.488   6.359   -4.794  1.00 9.91   ? 41  LEU A CA  1 
ATOM   301 C C   . LEU A 1 41 ? 2.358   7.196   -5.728  1.00 11.28  ? 41  LEU A C   1 
ATOM   302 O O   . LEU A 1 41 ? 3.578   7.146   -5.663  1.00 10.70  ? 41  LEU A O   1 
ATOM   303 C CB  . LEU A 1 41 ? 0.975   5.139   -5.605  1.00 9.70   ? 41  LEU A CB  1 
ATOM   304 C CG  . LEU A 1 41 ? 0.375   3.990   -4.767  1.00 8.78   ? 41  LEU A CG  1 
ATOM   305 C CD1 . LEU A 1 41 ? -0.254  2.927   -5.707  1.00 9.70   ? 41  LEU A CD1 1 
ATOM   306 C CD2 . LEU A 1 41 ? 1.452   3.358   -3.840  1.00 7.90   ? 41  LEU A CD2 1 
ATOM   307 N N   . GLU A 1 42 ? 1.716   7.992   -6.603  1.00 10.49  ? 42  GLU A N   1 
ATOM   308 C CA  . GLU A 1 42 ? 2.499   8.796   -7.523  1.00 10.28  ? 42  GLU A CA  1 
ATOM   309 C C   . GLU A 1 42 ? 3.334   9.844   -6.819  1.00 15.50  ? 42  GLU A C   1 
ATOM   310 O O   . GLU A 1 42 ? 4.449   10.215  -7.228  1.00 17.94  ? 42  GLU A O   1 
ATOM   311 C CB  . GLU A 1 42 ? 1.567   9.435   -8.571  1.00 11.38  ? 42  GLU A CB  1 
ATOM   312 C CG  . GLU A 1 42 ? 1.065   8.366   -9.537  1.00 14.86  ? 42  GLU A CG  1 
ATOM   313 C CD  . GLU A 1 42 ? 2.190   7.707   -10.349 1.00 17.94  ? 42  GLU A CD  1 
ATOM   314 O OE1 . GLU A 1 42 ? 2.654   8.181   -11.365 1.00 18.95  ? 42  GLU A OE1 1 
ATOM   315 O OE2 . GLU A 1 42 ? 2.591   6.567   -9.877  1.00 17.71  ? 42  GLU A OE2 1 
ATOM   316 N N   . HIS A 1 43 ? 2.806   10.345  -5.759  1.00 10.92  ? 43  HIS A N   1 
ATOM   317 C CA  . HIS A 1 43 ? 3.544   11.328  -5.063  1.00 11.66  ? 43  HIS A CA  1 
ATOM   318 C C   . HIS A 1 43 ? 4.604   10.800  -4.114  1.00 18.52  ? 43  HIS A C   1 
ATOM   319 O O   . HIS A 1 43 ? 5.626   11.456  -3.892  1.00 18.86  ? 43  HIS A O   1 
ATOM   320 C CB  . HIS A 1 43 ? 2.573   12.129  -4.200  1.00 18.57  ? 43  HIS A CB  1 
ATOM   321 C CG  . HIS A 1 43 ? 3.332   13.291  -3.698  1.00 54.83  ? 43  HIS A CG  1 
ATOM   322 N ND1 . HIS A 1 43 ? 3.536   14.390  -4.520  1.00 83.32  ? 43  HIS A ND1 1 
ATOM   323 C CD2 . HIS A 1 43 ? 3.956   13.507  -2.503  1.00 65.68  ? 43  HIS A CD2 1 
ATOM   324 C CE1 . HIS A 1 43 ? 4.265   15.250  -3.809  1.00 87.16  ? 43  HIS A CE1 1 
ATOM   325 N NE2 . HIS A 1 43 ? 4.535   14.756  -2.597  1.00 74.63  ? 43  HIS A NE2 1 
ATOM   326 N N   . HIS A 1 44 ? 4.385   9.659   -3.492  1.00 11.59  ? 44  HIS A N   1 
ATOM   327 C CA  . HIS A 1 44 ? 5.372   9.177   -2.533  1.00 10.69  ? 44  HIS A CA  1 
ATOM   328 C C   . HIS A 1 44 ? 5.986   7.794   -2.761  1.00 10.12  ? 44  HIS A C   1 
ATOM   329 O O   . HIS A 1 44 ? 6.966   7.471   -2.074  1.00 12.15  ? 44  HIS A O   1 
ATOM   330 C CB  . HIS A 1 44 ? 4.601   8.945   -1.235  1.00 12.55  ? 44  HIS A CB  1 
ATOM   331 C CG  . HIS A 1 44 ? 3.961   10.182  -0.725  1.00 24.20  ? 44  HIS A CG  1 
ATOM   332 N ND1 . HIS A 1 44 ? 4.726   11.208  -0.186  1.00 21.21  ? 44  HIS A ND1 1 
ATOM   333 C CD2 . HIS A 1 44 ? 2.628   10.509  -0.645  1.00 24.46  ? 44  HIS A CD2 1 
ATOM   334 C CE1 . HIS A 1 44 ? 3.867   12.136  0.200   1.00 26.62  ? 44  HIS A CE1 1 
ATOM   335 N NE2 . HIS A 1 44 ? 2.611   11.751  -0.055  1.00 29.96  ? 44  HIS A NE2 1 
ATOM   336 N N   . GLU A 1 45 ? 5.409   6.978   -3.646  1.00 9.41   ? 45  GLU A N   1 
ATOM   337 C CA  . GLU A 1 45 ? 5.847   5.614   -3.919  1.00 9.42   ? 45  GLU A CA  1 
ATOM   338 C C   . GLU A 1 45 ? 5.564   4.645   -2.747  1.00 8.48   ? 45  GLU A C   1 
ATOM   339 O O   . GLU A 1 45 ? 4.973   3.587   -2.974  1.00 11.54  ? 45  GLU A O   1 
ATOM   340 C CB  . GLU A 1 45 ? 7.360   5.476   -4.276  1.00 11.13  ? 45  GLU A CB  1 
ATOM   341 C CG  . GLU A 1 45 ? 7.703   6.210   -5.596  1.00 11.92  ? 45  GLU A CG  1 
ATOM   342 C CD  . GLU A 1 45 ? 9.130   5.907   -5.983  1.00 12.34  ? 45  GLU A CD  1 
ATOM   343 O OE1 . GLU A 1 45 ? 9.839   5.138   -5.338  1.00 9.64   ? 45  GLU A OE1 1 
ATOM   344 O OE2 . GLU A 1 45 ? 9.465   6.553   -7.081  1.00 12.48  ? 45  GLU A OE2 1 
ATOM   345 N N   . LEU A 1 46 ? 5.973   4.956   -1.525  1.00 8.47   ? 46  LEU A N   1 
ATOM   346 C CA  . LEU A 1 46 ? 5.732   4.086   -0.359  1.00 8.23   ? 46  LEU A CA  1 
ATOM   347 C C   . LEU A 1 46 ? 4.728   4.791   0.530   1.00 11.16  ? 46  LEU A C   1 
ATOM   348 O O   . LEU A 1 46 ? 4.999   5.897   1.001   1.00 10.53  ? 46  LEU A O   1 
ATOM   349 C CB  . LEU A 1 46 ? 7.053   3.840   0.413   1.00 9.94   ? 46  LEU A CB  1 
ATOM   350 C CG  . LEU A 1 46 ? 6.910   3.021   1.691   1.00 12.56  ? 46  LEU A CG  1 
ATOM   351 C CD1 . LEU A 1 46 ? 6.529   1.564   1.357   1.00 11.48  ? 46  LEU A CD1 1 
ATOM   352 C CD2 . LEU A 1 46 ? 8.284   3.050   2.437   1.00 11.44  ? 46  LEU A CD2 1 
ATOM   353 N N   . ILE A 1 47 ? 3.569   4.133   0.745   1.00 8.92   ? 47  ILE A N   1 
ATOM   354 C CA  . ILE A 1 47 ? 2.564   4.788   1.585   1.00 10.00  ? 47  ILE A CA  1 
ATOM   355 C C   . ILE A 1 47 ? 1.876   3.805   2.516   1.00 8.24   ? 47  ILE A C   1 
ATOM   356 O O   . ILE A 1 47 ? 1.932   2.593   2.362   1.00 9.71   ? 47  ILE A O   1 
ATOM   357 C CB  . ILE A 1 47 ? 1.455   5.390   0.647   1.00 10.47  ? 47  ILE A CB  1 
ATOM   358 C CG1 . ILE A 1 47 ? 0.709   4.282   -0.116  1.00 7.38   ? 47  ILE A CG1 1 
ATOM   359 C CG2 . ILE A 1 47 ? 2.077   6.423   -0.350  1.00 11.09  ? 47  ILE A CG2 1 
ATOM   360 C CD1 . ILE A 1 47 ? -0.510  4.737   -0.950  1.00 10.14  ? 47  ILE A CD1 1 
ATOM   361 N N   . LYS A 1 48 ? 1.168   4.439   3.473   1.00 10.11  ? 48  LYS A N   1 
ATOM   362 C CA  . LYS A 1 48 ? 0.315   3.748   4.433   1.00 10.38  ? 48  LYS A CA  1 
ATOM   363 C C   . LYS A 1 48 ? -1.184  4.137   4.118   1.00 10.16  ? 48  LYS A C   1 
ATOM   364 O O   . LYS A 1 48 ? -1.522  5.336   3.990   1.00 9.64   ? 48  LYS A O   1 
ATOM   365 C CB  . LYS A 1 48 ? 0.665   4.124   5.873   1.00 11.15  ? 48  LYS A CB  1 
ATOM   366 C CG  . LYS A 1 48 ? 1.831   3.317   6.435   1.00 10.56  ? 48  LYS A CG  1 
ATOM   367 C CD  . LYS A 1 48 ? 2.172   3.807   7.839   1.00 14.65  ? 48  LYS A CD  1 
ATOM   368 C CE  . LYS A 1 48 ? 3.264   2.940   8.492   1.00 13.10  ? 48  LYS A CE  1 
ATOM   369 N NZ  . LYS A 1 48 ? 3.739   3.571   9.722   1.00 14.02  ? 48  LYS A NZ  1 
ATOM   370 N N   . VAL A 1 49 ? -2.038  3.105   3.994   1.00 9.46   ? 49  VAL A N   1 
ATOM   371 C CA  . VAL A 1 49 ? -3.479  3.289   3.726   1.00 10.76  ? 49  VAL A CA  1 
ATOM   372 C C   . VAL A 1 49 ? -4.179  2.645   4.901   1.00 11.96  ? 49  VAL A C   1 
ATOM   373 O O   . VAL A 1 49 ? -4.003  1.447   5.125   1.00 11.53  ? 49  VAL A O   1 
ATOM   374 C CB  . VAL A 1 49 ? -3.920  2.563   2.436   1.00 10.19  ? 49  VAL A CB  1 
ATOM   375 C CG1 . VAL A 1 49 ? -5.424  2.636   2.190   1.00 9.93   ? 49  VAL A CG1 1 
ATOM   376 C CG2 . VAL A 1 49 ? -3.161  3.144   1.221   1.00 10.36  ? 49  VAL A CG2 1 
ATOM   377 N N   . LYS A 1 50 ? -4.970  3.400   5.657   1.00 10.87  ? 50  LYS A N   1 
ATOM   378 C CA  . LYS A 1 50 ? -5.702  2.862   6.818   1.00 10.56  ? 50  LYS A CA  1 
ATOM   379 C C   . LYS A 1 50 ? -7.009  2.311   6.261   1.00 13.35  ? 50  LYS A C   1 
ATOM   380 O O   . LYS A 1 50 ? -7.726  3.029   5.522   1.00 14.46  ? 50  LYS A O   1 
ATOM   381 C CB  . LYS A 1 50 ? -5.891  3.990   7.841   1.00 12.24  ? 50  LYS A CB  1 
ATOM   382 C CG  . LYS A 1 50 ? -6.405  3.403   9.139   1.00 34.22  ? 50  LYS A CG  1 
ATOM   383 C CD  . LYS A 1 50 ? -5.443  3.534   10.321  1.00 35.18  ? 50  LYS A CD  1 
ATOM   384 C CE  . LYS A 1 50 ? -6.131  3.947   11.620  1.00 41.11  ? 50  LYS A CE  1 
ATOM   385 N NZ  . LYS A 1 50 ? -7.599  3.723   11.626  1.00 78.65  ? 50  LYS A NZ  1 
ATOM   386 N N   . ILE A 1 51 ? -7.317  1.055   6.586   1.00 9.79   ? 51  ILE A N   1 
ATOM   387 C CA  . ILE A 1 51 ? -8.509  0.367   6.108   1.00 10.33  ? 51  ILE A CA  1 
ATOM   388 C C   . ILE A 1 51 ? -9.462  0.218   7.281   1.00 26.73  ? 51  ILE A C   1 
ATOM   389 O O   . ILE A 1 51 ? -9.134  -0.396  8.304   1.00 15.74  ? 51  ILE A O   1 
ATOM   390 C CB  . ILE A 1 51 ? -8.160  -0.964  5.481   1.00 9.93   ? 51  ILE A CB  1 
ATOM   391 C CG1 . ILE A 1 51 ? -7.243  -0.747  4.282   1.00 13.93  ? 51  ILE A CG1 1 
ATOM   392 C CG2 . ILE A 1 51 ? -9.381  -1.819  5.127   1.00 11.48  ? 51  ILE A CG2 1 
ATOM   393 C CD1 . ILE A 1 51 ? -6.801  -2.078  3.656   1.00 14.76  ? 51  ILE A CD1 1 
ATOM   394 N N   . ALA A 1 52 ? -10.659 0.802   7.160   1.00 14.84  ? 52  ALA A N   1 
ATOM   395 C CA  . ALA A 1 52 ? -11.621 0.783   8.288   1.00 15.70  ? 52  ALA A CA  1 
ATOM   396 C C   . ALA A 1 52 ? -12.215 -0.531  8.727   1.00 20.38  ? 52  ALA A C   1 
ATOM   397 O O   . ALA A 1 52 ? -12.449 -0.731  9.924   1.00 26.83  ? 52  ALA A O   1 
ATOM   398 C CB  . ALA A 1 52 ? -12.750 1.804   8.065   1.00 13.27  ? 52  ALA A CB  1 
ATOM   399 N N   . THR A 1 53 ? -12.479 -1.420  7.811   1.00 17.67  ? 53  THR A N   1 
ATOM   400 C CA  . THR A 1 53 ? -13.071 -2.670  8.270   1.00 27.00  ? 53  THR A CA  1 
ATOM   401 C C   . THR A 1 53 ? -12.305 -3.485  9.303   1.00 24.72  ? 53  THR A C   1 
ATOM   402 O O   . THR A 1 53 ? -11.074 -3.545  9.285   1.00 30.10  ? 53  THR A O   1 
ATOM   403 C CB  . THR A 1 53 ? -13.452 -3.588  7.122   1.00 32.84  ? 53  THR A CB  1 
ATOM   404 O OG1 . THR A 1 53 ? -14.231 -4.590  7.757   1.00 28.90  ? 53  THR A OG1 1 
ATOM   405 C CG2 . THR A 1 53 ? -12.166 -4.181  6.522   1.00 22.75  ? 53  THR A CG2 1 
ATOM   406 N N   . GLU A 1 54 ? -13.065 -4.134  10.213  1.00 22.62  ? 54  GLU A N   1 
ATOM   407 C CA  . GLU A 1 54 ? -12.508 -5.010  11.268  1.00 26.04  ? 54  GLU A CA  1 
ATOM   408 C C   . GLU A 1 54 ? -12.644 -6.476  10.876  1.00 40.89  ? 54  GLU A C   1 
ATOM   409 O O   . GLU A 1 54 ? -12.190 -7.388  11.579  1.00 45.27  ? 54  GLU A O   1 
ATOM   410 C CB  . GLU A 1 54 ? -12.956 -4.715  12.722  1.00 22.67  ? 54  GLU A CB  1 
ATOM   411 C CG  . GLU A 1 54 ? -12.501 -3.303  13.091  1.00 25.65  ? 54  GLU A CG  1 
ATOM   412 C CD  . GLU A 1 54 ? -12.835 -2.845  14.485  1.00 49.61  ? 54  GLU A CD  1 
ATOM   413 O OE1 . GLU A 1 54 ? -12.497 -1.741  14.930  1.00 27.63  ? 54  GLU A OE1 1 
ATOM   414 O OE2 . GLU A 1 54 ? -13.495 -3.765  15.148  1.00 60.42  ? 54  GLU A OE2 1 
ATOM   415 N N   . ASP A 1 55 ? -13.289 -6.704  9.729   1.00 19.05  ? 55  ASP A N   1 
ATOM   416 C CA  . ASP A 1 55 ? -13.467 -8.051  9.245   1.00 18.98  ? 55  ASP A CA  1 
ATOM   417 C C   . ASP A 1 55 ? -12.257 -8.519  8.429   1.00 44.43  ? 55  ASP A C   1 
ATOM   418 O O   . ASP A 1 55 ? -12.038 -8.003  7.343   1.00 29.44  ? 55  ASP A O   1 
ATOM   419 C CB  . ASP A 1 55 ? -14.672 -8.145  8.281   1.00 20.83  ? 55  ASP A CB  1 
ATOM   420 C CG  . ASP A 1 55 ? -14.888 -9.573  7.812   1.00 34.82  ? 55  ASP A CG  1 
ATOM   421 O OD1 . ASP A 1 55 ? -14.872 -9.974  6.666   1.00 29.07  ? 55  ASP A OD1 1 
ATOM   422 O OD2 . ASP A 1 55 ? -15.105 -10.405 8.797   1.00 39.56  ? 55  ASP A OD2 1 
ATOM   423 N N   . ARG A 1 56 ? -11.477 -9.507  8.899   1.00 31.20  ? 56  ARG A N   1 
ATOM   424 C CA  . ARG A 1 56 ? -10.309 -9.977  8.151   1.00 29.70  ? 56  ARG A CA  1 
ATOM   425 C C   . ARG A 1 56 ? -10.553 -10.372 6.692   1.00 29.56  ? 56  ARG A C   1 
ATOM   426 O O   . ARG A 1 56 ? -9.865  -10.036 5.731   1.00 24.72  ? 56  ARG A O   1 
ATOM   427 C CB  . ARG A 1 56 ? -9.587  -11.110 8.896   1.00 27.01  ? 56  ARG A CB  1 
ATOM   428 C CG  . ARG A 1 56 ? -8.234  -11.583 8.281   1.00 26.38  ? 56  ARG A CG  1 
ATOM   429 C CD  . ARG A 1 56 ? -7.132  -10.526 8.192   1.00 25.46  ? 56  ARG A CD  1 
ATOM   430 N NE  . ARG A 1 56 ? -5.855  -10.998 7.604   1.00 28.41  ? 56  ARG A NE  1 
ATOM   431 C CZ  . ARG A 1 56 ? -4.775  -10.220 7.418   1.00 100.00 ? 56  ARG A CZ  1 
ATOM   432 N NH1 . ARG A 1 56 ? -4.733  -8.934  7.752   1.00 24.94  ? 56  ARG A NH1 1 
ATOM   433 N NH2 . ARG A 1 56 ? -3.677  -10.733 6.878   1.00 40.90  ? 56  ARG A NH2 1 
ATOM   434 N N   . GLU A 1 57 ? -11.550 -11.140 6.457   1.00 23.37  ? 57  GLU A N   1 
ATOM   435 C CA  . GLU A 1 57 ? -11.705 -11.522 5.087   1.00 20.85  ? 57  GLU A CA  1 
ATOM   436 C C   . GLU A 1 57 ? -11.968 -10.387 4.126   1.00 32.16  ? 57  GLU A C   1 
ATOM   437 O O   . GLU A 1 57 ? -11.486 -10.326 2.989   1.00 25.27  ? 57  GLU A O   1 
ATOM   438 C CB  . GLU A 1 57 ? -12.812 -12.539 5.031   1.00 21.74  ? 57  GLU A CB  1 
ATOM   439 C CG  . GLU A 1 57 ? -13.372 -12.649 3.620   1.00 30.99  ? 57  GLU A CG  1 
ATOM   440 C CD  . GLU A 1 57 ? -14.269 -13.837 3.425   1.00 77.16  ? 57  GLU A CD  1 
ATOM   441 O OE1 . GLU A 1 57 ? -15.127 -14.142 4.234   1.00 100.00 ? 57  GLU A OE1 1 
ATOM   442 O OE2 . GLU A 1 57 ? -14.044 -14.469 2.289   1.00 57.16  ? 57  GLU A OE2 1 
ATOM   443 N N   . THR A 1 58 ? -12.801 -9.484  4.591   1.00 26.79  ? 58  THR A N   1 
ATOM   444 C CA  . THR A 1 58 ? -13.118 -8.330  3.772   1.00 28.28  ? 58  THR A CA  1 
ATOM   445 C C   . THR A 1 58 ? -11.864 -7.493  3.577   1.00 15.27  ? 58  THR A C   1 
ATOM   446 O O   . THR A 1 58 ? -11.640 -7.018  2.463   1.00 20.00  ? 58  THR A O   1 
ATOM   447 C CB  . THR A 1 58 ? -14.152 -7.418  4.476   1.00 32.70  ? 58  THR A CB  1 
ATOM   448 O OG1 . THR A 1 58 ? -15.393 -8.078  4.539   1.00 29.88  ? 58  THR A OG1 1 
ATOM   449 C CG2 . THR A 1 58 ? -14.328 -6.113  3.718   1.00 21.96  ? 58  THR A CG2 1 
ATOM   450 N N   . LYS A 1 59 ? -11.073 -7.288  4.641   1.00 15.33  ? 59  LYS A N   1 
ATOM   451 C CA  . LYS A 1 59 ? -9.902  -6.493  4.496   1.00 14.25  ? 59  LYS A CA  1 
ATOM   452 C C   . LYS A 1 59 ? -9.055  -7.176  3.428   1.00 31.24  ? 59  LYS A C   1 
ATOM   453 O O   . LYS A 1 59 ? -8.444  -6.548  2.559   1.00 20.64  ? 59  LYS A O   1 
ATOM   454 C CB  . LYS A 1 59 ? -9.241  -6.374  5.868   1.00 19.49  ? 59  LYS A CB  1 
ATOM   455 C CG  . LYS A 1 59 ? -7.815  -5.860  5.961   1.00 26.10  ? 59  LYS A CG  1 
ATOM   456 C CD  . LYS A 1 59 ? -7.276  -5.542  7.384   1.00 24.87  ? 59  LYS A CD  1 
ATOM   457 C CE  . LYS A 1 59 ? -8.122  -6.083  8.540   1.00 93.65  ? 59  LYS A CE  1 
ATOM   458 N NZ  . LYS A 1 59 ? -7.810  -5.468  9.857   1.00 28.55  ? 59  LYS A NZ  1 
ATOM   459 N N   . THR A 1 60 ? -9.007  -8.502  3.457   1.00 20.18  ? 60  THR A N   1 
ATOM   460 C CA  . THR A 1 60 ? -8.196  -9.216  2.493   1.00 20.28  ? 60  THR A CA  1 
ATOM   461 C C   . THR A 1 60 ? -8.563  -8.992  1.036   1.00 16.05  ? 60  THR A C   1 
ATOM   462 O O   . THR A 1 60 ? -7.735  -8.780  0.142   1.00 19.72  ? 60  THR A O   1 
ATOM   463 C CB  . THR A 1 60 ? -8.253  -10.717 2.878   1.00 32.98  ? 60  THR A CB  1 
ATOM   464 O OG1 . THR A 1 60 ? -7.539  -10.879 4.104   1.00 35.87  ? 60  THR A OG1 1 
ATOM   465 C CG2 . THR A 1 60 ? -7.592  -11.583 1.812   1.00 45.89  ? 60  THR A CG2 1 
ATOM   466 N N   . LEU A 1 61 ? -9.835  -9.081  0.783   1.00 19.10  ? 61  LEU A N   1 
ATOM   467 C CA  . LEU A 1 61 ? -10.314 -8.902  -0.571  1.00 19.05  ? 61  LEU A CA  1 
ATOM   468 C C   . LEU A 1 61 ? -10.035 -7.496  -1.063  1.00 17.36  ? 61  LEU A C   1 
ATOM   469 O O   . LEU A 1 61 ? -9.727  -7.303  -2.226  1.00 15.73  ? 61  LEU A O   1 
ATOM   470 C CB  . LEU A 1 61 ? -11.818 -9.149  -0.650  1.00 20.78  ? 61  LEU A CB  1 
ATOM   471 C CG  . LEU A 1 61 ? -12.204 -10.624 -0.398  1.00 47.44  ? 61  LEU A CG  1 
ATOM   472 C CD1 . LEU A 1 61 ? -13.722 -10.700 -0.259  1.00 47.68  ? 61  LEU A CD1 1 
ATOM   473 C CD2 . LEU A 1 61 ? -11.788 -11.530 -1.563  1.00 33.85  ? 61  LEU A CD2 1 
ATOM   474 N N   . ILE A 1 62 ? -10.151 -6.530  -0.160  1.00 14.52  ? 62  ILE A N   1 
ATOM   475 C CA  . ILE A 1 62 ? -9.888  -5.164  -0.547  1.00 12.94  ? 62  ILE A CA  1 
ATOM   476 C C   . ILE A 1 62 ? -8.428  -5.051  -0.916  1.00 12.48  ? 62  ILE A C   1 
ATOM   477 O O   . ILE A 1 62 ? -8.076  -4.472  -1.949  1.00 12.50  ? 62  ILE A O   1 
ATOM   478 C CB  . ILE A 1 62 ? -10.184 -4.232  0.633   1.00 12.99  ? 62  ILE A CB  1 
ATOM   479 C CG1 . ILE A 1 62 ? -11.708 -4.031  0.690   1.00 16.25  ? 62  ILE A CG1 1 
ATOM   480 C CG2 . ILE A 1 62 ? -9.568  -2.859  0.409   1.00 12.53  ? 62  ILE A CG2 1 
ATOM   481 C CD1 . ILE A 1 62 ? -12.182 -3.489  2.046   1.00 12.18  ? 62  ILE A CD1 1 
ATOM   482 N N   . VAL A 1 63 ? -7.563  -5.594  -0.056  1.00 11.84  ? 63  VAL A N   1 
ATOM   483 C CA  . VAL A 1 63 ? -6.132  -5.487  -0.343  1.00 9.90   ? 63  VAL A CA  1 
ATOM   484 C C   . VAL A 1 63 ? -5.768  -6.184  -1.648  1.00 10.05  ? 63  VAL A C   1 
ATOM   485 O O   . VAL A 1 63 ? -4.988  -5.642  -2.446  1.00 11.54  ? 63  VAL A O   1 
ATOM   486 C CB  . VAL A 1 63 ? -5.400  -6.160  0.823   1.00 17.66  ? 63  VAL A CB  1 
ATOM   487 C CG1 . VAL A 1 63 ? -3.911  -6.186  0.457   1.00 16.84  ? 63  VAL A CG1 1 
ATOM   488 C CG2 . VAL A 1 63 ? -5.590  -5.304  2.084   1.00 18.98  ? 63  VAL A CG2 1 
ATOM   489 N N   . GLU A 1 64 ? -6.343  -7.355  -1.898  1.00 11.68  ? 64  GLU A N   1 
ATOM   490 C CA  . GLU A 1 64 ? -6.026  -8.029  -3.160  1.00 12.34  ? 64  GLU A CA  1 
ATOM   491 C C   . GLU A 1 64 ? -6.441  -7.224  -4.377  1.00 11.66  ? 64  GLU A C   1 
ATOM   492 O O   . GLU A 1 64 ? -5.746  -7.165  -5.395  1.00 12.93  ? 64  GLU A O   1 
ATOM   493 C CB  . GLU A 1 64 ? -6.625  -9.439  -3.244  1.00 15.51  ? 64  GLU A CB  1 
ATOM   494 C CG  . GLU A 1 64 ? -5.773  -10.214 -2.217  1.00 24.44  ? 64  GLU A CG  1 
ATOM   495 C CD  . GLU A 1 64 ? -6.198  -11.615 -1.921  1.00 100.00 ? 64  GLU A CD  1 
ATOM   496 O OE1 . GLU A 1 64 ? -5.479  -12.355 -1.291  1.00 42.96  ? 64  GLU A OE1 1 
ATOM   497 O OE2 . GLU A 1 64 ? -7.378  -11.953 -2.380  1.00 27.52  ? 64  GLU A OE2 1 
ATOM   498 N N   . ALA A 1 65 ? -7.582  -6.591  -4.246  1.00 12.12  ? 65  ALA A N   1 
ATOM   499 C CA  . ALA A 1 65 ? -8.066  -5.785  -5.365  1.00 12.47  ? 65  ALA A CA  1 
ATOM   500 C C   . ALA A 1 65 ? -7.197  -4.581  -5.558  1.00 11.68  ? 65  ALA A C   1 
ATOM   501 O O   . ALA A 1 65 ? -6.909  -4.197  -6.695  1.00 12.61  ? 65  ALA A O   1 
ATOM   502 C CB  . ALA A 1 65 ? -9.517  -5.413  -5.091  1.00 14.34  ? 65  ALA A CB  1 
ATOM   503 N N   . ILE A 1 66 ? -6.758  -3.943  -4.479  1.00 12.24  ? 66  ILE A N   1 
ATOM   504 C CA  . ILE A 1 66 ? -5.893  -2.764  -4.671  1.00 8.26   ? 66  ILE A CA  1 
ATOM   505 C C   . ILE A 1 66 ? -4.613  -3.169  -5.408  1.00 8.67   ? 66  ILE A C   1 
ATOM   506 O O   . ILE A 1 66 ? -4.112  -2.441  -6.303  1.00 10.36  ? 66  ILE A O   1 
ATOM   507 C CB  . ILE A 1 66 ? -5.528  -2.171  -3.316  1.00 9.43   ? 66  ILE A CB  1 
ATOM   508 C CG1 . ILE A 1 66 ? -6.756  -1.518  -2.668  1.00 12.00  ? 66  ILE A CG1 1 
ATOM   509 C CG2 . ILE A 1 66 ? -4.310  -1.221  -3.352  1.00 8.28   ? 66  ILE A CG2 1 
ATOM   510 C CD1 . ILE A 1 66 ? -6.526  -1.147  -1.177  1.00 10.78  ? 66  ILE A CD1 1 
ATOM   511 N N   . VAL A 1 67 ? -4.053  -4.328  -4.991  1.00 9.81   ? 67  VAL A N   1 
ATOM   512 C CA  . VAL A 1 67 ? -2.796  -4.765  -5.609  1.00 10.93  ? 67  VAL A CA  1 
ATOM   513 C C   . VAL A 1 67 ? -2.997  -4.982  -7.110  1.00 12.96  ? 67  VAL A C   1 
ATOM   514 O O   . VAL A 1 67 ? -2.241  -4.489  -7.942  1.00 12.61  ? 67  VAL A O   1 
ATOM   515 C CB  . VAL A 1 67 ? -2.230  -5.999  -4.910  1.00 13.05  ? 67  VAL A CB  1 
ATOM   516 C CG1 . VAL A 1 67 ? -1.145  -6.613  -5.776  1.00 13.32  ? 67  VAL A CG1 1 
ATOM   517 C CG2 . VAL A 1 67 ? -1.679  -5.602  -3.532  1.00 13.02  ? 67  VAL A CG2 1 
ATOM   518 N N   . ARG A 1 68 ? -4.068  -5.704  -7.460  1.00 11.28  ? 68  ARG A N   1 
ATOM   519 C CA  . ARG A 1 68 ? -4.311  -5.959  -8.877  1.00 14.41  ? 68  ARG A CA  1 
ATOM   520 C C   . ARG A 1 68 ? -4.594  -4.718  -9.683  1.00 14.14  ? 68  ARG A C   1 
ATOM   521 O O   . ARG A 1 68 ? -4.134  -4.633  -10.815 1.00 15.08  ? 68  ARG A O   1 
ATOM   522 C CB  . ARG A 1 68 ? -5.523  -6.831  -9.112  1.00 16.20  ? 68  ARG A CB  1 
ATOM   523 C CG  . ARG A 1 68 ? -5.126  -8.275  -8.963  1.00 40.42  ? 68  ARG A CG  1 
ATOM   524 C CD  . ARG A 1 68 ? -6.310  -9.190  -9.251  1.00 53.92  ? 68  ARG A CD  1 
ATOM   525 N NE  . ARG A 1 68 ? -7.547  -8.703  -8.652  1.00 77.01  ? 68  ARG A NE  1 
ATOM   526 C CZ  . ARG A 1 68 ? -8.112  -9.255  -7.578  1.00 100.00 ? 68  ARG A CZ  1 
ATOM   527 N NH1 . ARG A 1 68 ? -7.565  -10.332 -6.944  1.00 39.72  ? 68  ARG A NH1 1 
ATOM   528 N NH2 . ARG A 1 68 ? -9.250  -8.711  -7.137  1.00 23.52  ? 68  ARG A NH2 1 
ATOM   529 N N   . GLU A 1 69 ? -5.373  -3.801  -9.140  1.00 11.33  ? 69  GLU A N   1 
ATOM   530 C CA  . GLU A 1 69 ? -5.707  -2.638  -9.939  1.00 8.72   ? 69  GLU A CA  1 
ATOM   531 C C   . GLU A 1 69 ? -4.571  -1.661  -10.079 1.00 11.37  ? 69  GLU A C   1 
ATOM   532 O O   . GLU A 1 69 ? -4.427  -1.021  -11.122 1.00 12.49  ? 69  GLU A O   1 
ATOM   533 C CB  . GLU A 1 69 ? -6.787  -1.893  -9.155  1.00 10.14  ? 69  GLU A CB  1 
ATOM   534 C CG  . GLU A 1 69 ? -8.159  -2.549  -9.224  1.00 9.65   ? 69  GLU A CG  1 
ATOM   535 C CD  . GLU A 1 69 ? -8.782  -2.206  -10.570 1.00 26.06  ? 69  GLU A CD  1 
ATOM   536 O OE1 . GLU A 1 69 ? -8.711  -1.123  -11.178 1.00 16.30  ? 69  GLU A OE1 1 
ATOM   537 O OE2 . GLU A 1 69 ? -9.405  -3.238  -11.050 1.00 25.07  ? 69  GLU A OE2 1 
ATOM   538 N N   . THR A 1 70 ? -3.766  -1.481  -9.006  1.00 10.34  ? 70  THR A N   1 
ATOM   539 C CA  . THR A 1 70 ? -2.692  -0.509  -9.072  1.00 9.80   ? 70  THR A CA  1 
ATOM   540 C C   . THR A 1 70 ? -1.327  -0.989  -9.514  1.00 12.13  ? 70  THR A C   1 
ATOM   541 O O   . THR A 1 70 ? -0.484  -0.184  -9.902  1.00 11.96  ? 70  THR A O   1 
ATOM   542 C CB  . THR A 1 70 ? -2.413  0.085   -7.657  1.00 12.98  ? 70  THR A CB  1 
ATOM   543 O OG1 . THR A 1 70 ? -1.915  -0.891  -6.737  1.00 10.66  ? 70  THR A OG1 1 
ATOM   544 C CG2 . THR A 1 70 ? -3.655  0.813   -7.096  1.00 11.97  ? 70  THR A CG2 1 
ATOM   545 N N   . GLY A 1 71 ? -1.142  -2.291  -9.395  1.00 9.35   ? 71  GLY A N   1 
ATOM   546 C CA  . GLY A 1 71 ? 0.165   -2.834  -9.730  1.00 15.58  ? 71  GLY A CA  1 
ATOM   547 C C   . GLY A 1 71 ? 1.171   -2.565  -8.593  1.00 18.33  ? 71  GLY A C   1 
ATOM   548 O O   . GLY A 1 71 ? 2.372   -2.773  -8.803  1.00 14.35  ? 71  GLY A O   1 
ATOM   549 N N   . ALA A 1 72 ? 0.706   -2.084  -7.408  1.00 11.87  ? 72  ALA A N   1 
ATOM   550 C CA  . ALA A 1 72 ? 1.602   -1.830  -6.279  1.00 10.24  ? 72  ALA A CA  1 
ATOM   551 C C   . ALA A 1 72 ? 1.884   -3.174  -5.547  1.00 16.40  ? 72  ALA A C   1 
ATOM   552 O O   . ALA A 1 72 ? 1.196   -4.190  -5.775  1.00 15.43  ? 72  ALA A O   1 
ATOM   553 C CB  . ALA A 1 72 ? 0.956   -0.899  -5.256  1.00 9.03   ? 72  ALA A CB  1 
ATOM   554 N N   . CYS A 1 73 ? 2.894   -3.193  -4.670  1.00 11.24  ? 73  CYS A N   1 
ATOM   555 C CA  . CYS A 1 73 ? 3.161   -4.416  -3.926  1.00 10.13  ? 73  CYS A CA  1 
ATOM   556 C C   . CYS A 1 73 ? 2.629   -4.229  -2.509  1.00 10.47  ? 73  CYS A C   1 
ATOM   557 O O   . CYS A 1 73 ? 2.812   -3.152  -1.890  1.00 10.40  ? 73  CYS A O   1 
ATOM   558 C CB  . CYS A 1 73 ? 4.688   -4.563  -3.819  1.00 10.69  ? 73  CYS A CB  1 
ATOM   559 S SG  . CYS A 1 73 ? 5.224   -5.750  -2.522  1.00 18.48  ? 73  CYS A SG  1 
ATOM   560 N N   . ASN A 1 74 ? 2.000   -5.288  -1.979  1.00 11.26  ? 74  ASN A N   1 
ATOM   561 C CA  . ASN A 1 74 ? 1.514   -5.239  -0.609  1.00 10.38  ? 74  ASN A CA  1 
ATOM   562 C C   . ASN A 1 74 ? 2.775   -5.575  0.235   1.00 16.43  ? 74  ASN A C   1 
ATOM   563 O O   . ASN A 1 74 ? 3.222   -6.736  0.315   1.00 14.72  ? 74  ASN A O   1 
ATOM   564 C CB  . ASN A 1 74 ? 0.439   -6.295  -0.377  1.00 9.58   ? 74  ASN A CB  1 
ATOM   565 C CG  . ASN A 1 74 ? 0.179   -6.597  1.093   1.00 12.24  ? 74  ASN A CG  1 
ATOM   566 O OD1 . ASN A 1 74 ? 0.612   -5.876  2.019   1.00 15.06  ? 74  ASN A OD1 1 
ATOM   567 N ND2 . ASN A 1 74 ? -0.586  -7.666  1.301   1.00 14.60  ? 74  ASN A ND2 1 
ATOM   568 N N   . VAL A 1 75 ? 3.383   -4.554  0.827   1.00 10.84  ? 75  VAL A N   1 
ATOM   569 C CA  . VAL A 1 75 ? 4.592   -4.781  1.634   1.00 11.66  ? 75  VAL A CA  1 
ATOM   570 C C   . VAL A 1 75 ? 4.195   -5.553  2.897   1.00 15.37  ? 75  VAL A C   1 
ATOM   571 O O   . VAL A 1 75 ? 4.834   -6.497  3.325   1.00 13.31  ? 75  VAL A O   1 
ATOM   572 C CB  . VAL A 1 75 ? 5.211   -3.433  1.985   1.00 12.92  ? 75  VAL A CB  1 
ATOM   573 C CG1 . VAL A 1 75 ? 6.342   -3.656  3.010   1.00 11.18  ? 75  VAL A CG1 1 
ATOM   574 C CG2 . VAL A 1 75 ? 5.737   -2.783  0.671   1.00 11.22  ? 75  VAL A CG2 1 
ATOM   575 N N   . GLN A 1 76 ? 3.109   -5.142  3.513   1.00 11.40  ? 76  GLN A N   1 
ATOM   576 C CA  . GLN A 1 76 ? 2.598   -5.809  4.682   1.00 12.98  ? 76  GLN A CA  1 
ATOM   577 C C   . GLN A 1 76 ? 1.315   -5.141  5.160   1.00 14.95  ? 76  GLN A C   1 
ATOM   578 O O   . GLN A 1 76 ? 1.083   -3.955  4.978   1.00 13.86  ? 76  GLN A O   1 
ATOM   579 C CB  . GLN A 1 76 ? 3.539   -5.810  5.885   1.00 16.83  ? 76  GLN A CB  1 
ATOM   580 C CG  . GLN A 1 76 ? 2.902   -6.875  6.843   1.00 32.66  ? 76  GLN A CG  1 
ATOM   581 C CD  . GLN A 1 76 ? 3.681   -7.121  8.122   1.00 26.85  ? 76  GLN A CD  1 
ATOM   582 O OE1 . GLN A 1 76 ? 4.767   -6.553  8.283   1.00 29.34  ? 76  GLN A OE1 1 
ATOM   583 N NE2 . GLN A 1 76 ? 3.126   -7.939  9.023   1.00 19.70  ? 76  GLN A NE2 1 
ATOM   584 N N   . VAL A 1 77 ? 0.473   -5.947  5.815   1.00 15.62  ? 77  VAL A N   1 
ATOM   585 C CA  . VAL A 1 77 ? -0.743  -5.457  6.406   1.00 17.33  ? 77  VAL A CA  1 
ATOM   586 C C   . VAL A 1 77 ? -0.449  -5.444  7.904   1.00 26.50  ? 77  VAL A C   1 
ATOM   587 O O   . VAL A 1 77 ? -0.159  -6.508  8.434   1.00 26.42  ? 77  VAL A O   1 
ATOM   588 C CB  . VAL A 1 77 ? -1.975  -6.309  6.149   1.00 18.25  ? 77  VAL A CB  1 
ATOM   589 C CG1 . VAL A 1 77 ? -3.098  -5.758  7.071   1.00 19.42  ? 77  VAL A CG1 1 
ATOM   590 C CG2 . VAL A 1 77 ? -2.348  -6.088  4.700   1.00 17.20  ? 77  VAL A CG2 1 
ATOM   591 N N   . ILE A 1 78 ? -0.481  -4.274  8.597   1.00 11.02  ? 78  ILE A N   1 
ATOM   592 C CA  . ILE A 1 78 ? -0.198  -4.186  10.017  1.00 11.85  ? 78  ILE A CA  1 
ATOM   593 C C   . ILE A 1 78 ? -1.425  -3.630  10.698  1.00 12.66  ? 78  ILE A C   1 
ATOM   594 O O   . ILE A 1 78 ? -1.682  -2.434  10.744  1.00 9.71   ? 78  ILE A O   1 
ATOM   595 C CB  . ILE A 1 78 ? 0.941   -3.254  10.244  1.00 14.44  ? 78  ILE A CB  1 
ATOM   596 C CG1 . ILE A 1 78 ? 2.149   -3.769  9.462   1.00 12.51  ? 78  ILE A CG1 1 
ATOM   597 C CG2 . ILE A 1 78 ? 1.226   -3.141  11.740  1.00 17.24  ? 78  ILE A CG2 1 
ATOM   598 C CD1 . ILE A 1 78 ? 3.219   -2.679  9.402   1.00 19.63  ? 78  ILE A CD1 1 
ATOM   599 N N   . GLY A 1 79 ? -2.220  -4.557  11.227  1.00 10.50  ? 79  GLY A N   1 
ATOM   600 C CA  . GLY A 1 79 ? -3.458  -4.112  11.875  1.00 13.24  ? 79  GLY A CA  1 
ATOM   601 C C   . GLY A 1 79 ? -4.357  -3.565  10.763  1.00 12.13  ? 79  GLY A C   1 
ATOM   602 O O   . GLY A 1 79 ? -4.549  -4.235  9.760   1.00 11.86  ? 79  GLY A O   1 
ATOM   603 N N   . LYS A 1 80 ? -4.857  -2.349  10.963  1.00 10.03  ? 80  LYS A N   1 
ATOM   604 C CA  . LYS A 1 80 ? -5.720  -1.711  9.941   1.00 9.67   ? 80  LYS A CA  1 
ATOM   605 C C   . LYS A 1 80 ? -4.900  -0.972  8.901   1.00 19.11  ? 80  LYS A C   1 
ATOM   606 O O   . LYS A 1 80 ? -5.476  -0.357  8.021   1.00 22.63  ? 80  LYS A O   1 
ATOM   607 C CB  . LYS A 1 80 ? -6.593  -0.691  10.657  1.00 11.60  ? 80  LYS A CB  1 
ATOM   608 C CG  . LYS A 1 80 ? -7.695  -1.423  11.442  1.00 13.88  ? 80  LYS A CG  1 
ATOM   609 C CD  . LYS A 1 80 ? -8.539  -0.491  12.270  1.00 17.97  ? 80  LYS A CD  1 
ATOM   610 C CE  . LYS A 1 80 ? -9.862  -1.171  12.602  1.00 23.74  ? 80  LYS A CE  1 
ATOM   611 N NZ  . LYS A 1 80 ? -10.523 -0.466  13.724  1.00 24.89  ? 80  LYS A NZ  1 
ATOM   612 N N   . THR A 1 81 ? -3.565  -1.009  9.011   1.00 11.17  ? 81  THR A N   1 
ATOM   613 C CA  . THR A 1 81 ? -2.753  -0.285  8.046   1.00 11.40  ? 81  THR A CA  1 
ATOM   614 C C   . THR A 1 81 ? -2.102  -1.161  6.993   1.00 13.17  ? 81  THR A C   1 
ATOM   615 O O   . THR A 1 81 ? -1.378  -2.105  7.314   1.00 15.85  ? 81  THR A O   1 
ATOM   616 C CB  . THR A 1 81 ? -1.634  0.460   8.782   1.00 14.10  ? 81  THR A CB  1 
ATOM   617 O OG1 . THR A 1 81 ? -2.200  1.368   9.752   1.00 17.77  ? 81  THR A OG1 1 
ATOM   618 C CG2 . THR A 1 81 ? -0.689  1.258   7.847   1.00 16.40  ? 81  THR A CG2 1 
ATOM   619 N N   . LEU A 1 82 ? -2.352  -0.825  5.722   1.00 10.44  ? 82  LEU A N   1 
ATOM   620 C CA  . LEU A 1 82 ? -1.779  -1.497  4.600   1.00 9.22   ? 82  LEU A CA  1 
ATOM   621 C C   . LEU A 1 82 ? -0.580  -0.628  4.144   1.00 11.47  ? 82  LEU A C   1 
ATOM   622 O O   . LEU A 1 82 ? -0.685  0.591   3.880   1.00 10.93  ? 82  LEU A O   1 
ATOM   623 C CB  . LEU A 1 82 ? -2.798  -1.558  3.437   1.00 10.72  ? 82  LEU A CB  1 
ATOM   624 C CG  . LEU A 1 82 ? -2.241  -1.796  2.041   1.00 12.28  ? 82  LEU A CG  1 
ATOM   625 C CD1 . LEU A 1 82 ? -1.685  -3.218  1.939   1.00 15.05  ? 82  LEU A CD1 1 
ATOM   626 C CD2 . LEU A 1 82 ? -3.397  -1.713  1.024   1.00 14.81  ? 82  LEU A CD2 1 
ATOM   627 N N   . VAL A 1 83 ? 0.609   -1.274  4.032   1.00 9.70   ? 83  VAL A N   1 
ATOM   628 C CA  . VAL A 1 83 ? 1.797   -0.550  3.535   1.00 8.17   ? 83  VAL A CA  1 
ATOM   629 C C   . VAL A 1 83 ? 1.912   -1.020  2.060   1.00 9.71   ? 83  VAL A C   1 
ATOM   630 O O   . VAL A 1 83 ? 1.977   -2.223  1.737   1.00 8.99   ? 83  VAL A O   1 
ATOM   631 C CB  . VAL A 1 83 ? 3.053   -0.967  4.337   1.00 11.21  ? 83  VAL A CB  1 
ATOM   632 C CG1 . VAL A 1 83 ? 4.301   -0.249  3.754   1.00 12.30  ? 83  VAL A CG1 1 
ATOM   633 C CG2 . VAL A 1 83 ? 2.855   -0.644  5.838   1.00 9.84   ? 83  VAL A CG2 1 
ATOM   634 N N   . LEU A 1 84 ? 1.911   -0.052  1.136   1.00 9.25   ? 84  LEU A N   1 
ATOM   635 C CA  . LEU A 1 84 ? 1.963   -0.317  -0.296  1.00 9.25   ? 84  LEU A CA  1 
ATOM   636 C C   . LEU A 1 84 ? 3.141   0.384   -0.924  1.00 11.85  ? 84  LEU A C   1 
ATOM   637 O O   . LEU A 1 84 ? 3.458   1.519   -0.520  1.00 11.88  ? 84  LEU A O   1 
ATOM   638 C CB  A LEU A 1 84 ? 0.671   0.356   -0.784  0.50 8.26   ? 84  LEU A CB  1 
ATOM   639 C CB  B LEU A 1 84 ? 0.784   0.282   -1.057  0.50 8.48   ? 84  LEU A CB  1 
ATOM   640 C CG  A LEU A 1 84 ? 0.000   -0.203  -2.016  0.50 8.79   ? 84  LEU A CG  1 
ATOM   641 C CG  B LEU A 1 84 ? -0.521  -0.402  -0.758  0.50 8.34   ? 84  LEU A CG  1 
ATOM   642 C CD1 A LEU A 1 84 ? -0.294  -1.696  -1.893  0.50 8.15   ? 84  LEU A CD1 1 
ATOM   643 C CD1 B LEU A 1 84 ? -1.650  0.461   -1.331  0.50 13.10  ? 84  LEU A CD1 1 
ATOM   644 C CD2 A LEU A 1 84 ? -1.292  0.598   -2.264  0.50 8.49   ? 84  LEU A CD2 1 
ATOM   645 C CD2 B LEU A 1 84 ? -0.530  -1.766  -1.456  0.50 12.79  ? 84  LEU A CD2 1 
ATOM   646 N N   . TYR A 1 85 ? 3.740   -0.276  -1.930  1.00 8.82   ? 85  TYR A N   1 
ATOM   647 C CA  . TYR A 1 85 ? 4.856   0.378   -2.618  1.00 9.59   ? 85  TYR A CA  1 
ATOM   648 C C   . TYR A 1 85 ? 4.737   0.237   -4.134  1.00 7.74   ? 85  TYR A C   1 
ATOM   649 O O   . TYR A 1 85 ? 4.433   -0.870  -4.639  1.00 11.70  ? 85  TYR A O   1 
ATOM   650 C CB  . TYR A 1 85 ? 6.213   -0.285  -2.250  1.00 9.70   ? 85  TYR A CB  1 
ATOM   651 C CG  . TYR A 1 85 ? 7.355   0.054   -3.174  1.00 11.16  ? 85  TYR A CG  1 
ATOM   652 C CD1 . TYR A 1 85 ? 7.891   1.347   -3.211  1.00 10.81  ? 85  TYR A CD1 1 
ATOM   653 C CD2 . TYR A 1 85 ? 7.883   -0.943  -4.001  1.00 14.21  ? 85  TYR A CD2 1 
ATOM   654 C CE1 . TYR A 1 85 ? 8.955   1.651   -4.072  1.00 11.37  ? 85  TYR A CE1 1 
ATOM   655 C CE2 . TYR A 1 85 ? 8.946   -0.654  -4.864  1.00 13.98  ? 85  TYR A CE2 1 
ATOM   656 C CZ  . TYR A 1 85 ? 9.473   0.643   -4.892  1.00 11.03  ? 85  TYR A CZ  1 
ATOM   657 O OH  . TYR A 1 85 ? 10.523  0.923   -5.764  1.00 15.38  ? 85  TYR A OH  1 
ATOM   658 N N   . ARG A 1 86 ? 4.968   1.335   -4.888  1.00 8.74   ? 86  ARG A N   1 
ATOM   659 C CA  . ARG A 1 86 ? 4.952   1.228   -6.351  1.00 8.58   ? 86  ARG A CA  1 
ATOM   660 C C   . ARG A 1 86 ? 5.900   2.316   -6.811  1.00 12.42  ? 86  ARG A C   1 
ATOM   661 O O   . ARG A 1 86 ? 5.765   3.481   -6.450  1.00 11.16  ? 86  ARG A O   1 
ATOM   662 C CB  . ARG A 1 86 ? 3.561   1.464   -6.947  1.00 8.49   ? 86  ARG A CB  1 
ATOM   663 C CG  . ARG A 1 86 ? 3.505   1.198   -8.449  1.00 9.87   ? 86  ARG A CG  1 
ATOM   664 C CD  . ARG A 1 86 ? 2.100   1.479   -9.008  1.00 10.79  ? 86  ARG A CD  1 
ATOM   665 N NE  . ARG A 1 86 ? 1.887   2.915   -8.975  1.00 10.40  ? 86  ARG A NE  1 
ATOM   666 C CZ  . ARG A 1 86 ? 0.654   3.408   -9.224  1.00 11.87  ? 86  ARG A CZ  1 
ATOM   667 N NH1 . ARG A 1 86 ? -0.384  2.618   -9.503  1.00 10.60  ? 86  ARG A NH1 1 
ATOM   668 N NH2 . ARG A 1 86 ? 0.513   4.713   -9.176  1.00 11.57  ? 86  ARG A NH2 1 
ATOM   669 N N   . PRO A 1 87 ? 6.890   2.001   -7.629  1.00 12.41  ? 87  PRO A N   1 
ATOM   670 C CA  . PRO A 1 87 ? 7.812   3.053   -8.033  1.00 11.37  ? 87  PRO A CA  1 
ATOM   671 C C   . PRO A 1 87 ? 7.268   3.989   -9.118  1.00 12.79  ? 87  PRO A C   1 
ATOM   672 O O   . PRO A 1 87 ? 6.303   3.702   -9.813  1.00 13.38  ? 87  PRO A O   1 
ATOM   673 C CB  . PRO A 1 87 ? 8.988   2.272   -8.663  1.00 14.21  ? 87  PRO A CB  1 
ATOM   674 C CG  . PRO A 1 87 ? 8.455   0.894   -8.999  1.00 17.54  ? 87  PRO A CG  1 
ATOM   675 C CD  . PRO A 1 87 ? 7.283   0.634   -8.048  1.00 13.97  ? 87  PRO A CD  1 
ATOM   676 N N   . THR A 1 88 ? 7.934   5.152   -9.207  1.00 10.91  ? 88  THR A N   1 
ATOM   677 C CA  . THR A 1 88 ? 7.658   6.152   -10.225 1.00 9.92   ? 88  THR A CA  1 
ATOM   678 C C   . THR A 1 88 ? 9.002   6.299   -10.975 1.00 19.51  ? 88  THR A C   1 
ATOM   679 O O   . THR A 1 88 ? 10.076  5.836   -10.521 1.00 14.04  ? 88  THR A O   1 
ATOM   680 C CB  . THR A 1 88 ? 7.283   7.529   -9.686  1.00 11.86  ? 88  THR A CB  1 
ATOM   681 O OG1 . THR A 1 88 ? 8.294   8.104   -8.905  1.00 12.60  ? 88  THR A OG1 1 
ATOM   682 C CG2 . THR A 1 88 ? 5.989   7.456   -8.878  1.00 14.29  ? 88  THR A CG2 1 
ATOM   683 N N   . LYS A 1 89 ? 8.923   6.993   -12.118 1.00 13.87  ? 89  LYS A N   1 
ATOM   684 C CA  . LYS A 1 89 ? 10.112  7.218   -12.913 1.00 16.69  ? 89  LYS A CA  1 
ATOM   685 C C   . LYS A 1 89 ? 11.162  7.841   -12.017 1.00 19.25  ? 89  LYS A C   1 
ATOM   686 O O   . LYS A 1 89 ? 12.308  7.438   -12.162 1.00 23.63  ? 89  LYS A O   1 
ATOM   687 C CB  . LYS A 1 89 ? 9.850   8.201   -14.074 1.00 21.42  ? 89  LYS A CB  1 
ATOM   688 C CG  . LYS A 1 89 ? 9.209   7.652   -15.356 1.00 100.00 ? 89  LYS A CG  1 
ATOM   689 C CD  . LYS A 1 89 ? 8.841   8.725   -16.398 1.00 100.00 ? 89  LYS A CD  1 
ATOM   690 C CE  . LYS A 1 89 ? 7.958   8.252   -17.563 1.00 100.00 ? 89  LYS A CE  1 
ATOM   691 N NZ  . LYS A 1 89 ? 8.522   8.442   -18.922 1.00 100.00 ? 89  LYS A NZ  1 
ATOM   692 N N   . GLU A 1 90 ? 10.803  8.763   -11.102 1.00 15.29  ? 90  GLU A N   1 
ATOM   693 C CA  . GLU A 1 90 ? 11.828  9.352   -10.258 1.00 18.37  ? 90  GLU A CA  1 
ATOM   694 C C   . GLU A 1 90 ? 12.571  8.428   -9.272  1.00 19.17  ? 90  GLU A C   1 
ATOM   695 O O   . GLU A 1 90 ? 13.657  8.769   -8.785  1.00 18.17  ? 90  GLU A O   1 
ATOM   696 C CB  . GLU A 1 90 ? 11.168  10.408  -9.408  1.00 18.35  ? 90  GLU A CB  1 
ATOM   697 C CG  . GLU A 1 90 ? 12.160  11.095  -8.482  1.00 37.25  ? 90  GLU A CG  1 
ATOM   698 C CD  . GLU A 1 90 ? 11.514  12.270  -7.842  1.00 100.00 ? 90  GLU A CD  1 
ATOM   699 O OE1 . GLU A 1 90 ? 10.423  12.670  -8.216  1.00 39.55  ? 90  GLU A OE1 1 
ATOM   700 O OE2 . GLU A 1 90 ? 12.227  12.792  -6.864  1.00 32.27  ? 90  GLU A OE2 1 
ATOM   701 N N   . ARG A 1 91 ? 12.013  7.265   -8.950  1.00 10.97  ? 91  ARG A N   1 
ATOM   702 C CA  . ARG A 1 91 ? 12.660  6.374   -7.991  1.00 11.14  ? 91  ARG A CA  1 
ATOM   703 C C   . ARG A 1 91 ? 12.948  7.090   -6.666  1.00 15.71  ? 91  ARG A C   1 
ATOM   704 O O   . ARG A 1 91 ? 14.094  7.258   -6.183  1.00 12.10  ? 91  ARG A O   1 
ATOM   705 C CB  . ARG A 1 91 ? 13.865  5.632   -8.531  1.00 16.15  ? 91  ARG A CB  1 
ATOM   706 C CG  . ARG A 1 91 ? 13.608  4.753   -9.765  1.00 17.09  ? 91  ARG A CG  1 
ATOM   707 C CD  . ARG A 1 91 ? 12.418  3.834   -9.681  1.00 20.29  ? 91  ARG A CD  1 
ATOM   708 N NE  . ARG A 1 91 ? 12.465  2.759   -8.658  1.00 26.38  ? 91  ARG A NE  1 
ATOM   709 C CZ  . ARG A 1 91 ? 12.853  1.532   -8.984  1.00 50.27  ? 91  ARG A CZ  1 
ATOM   710 N NH1 . ARG A 1 91 ? 13.226  1.240   -10.237 1.00 33.16  ? 91  ARG A NH1 1 
ATOM   711 N NH2 . ARG A 1 91 ? 12.807  0.580   -8.061  1.00 23.88  ? 91  ARG A NH2 1 
ATOM   712 N N   . LYS A 1 92 ? 11.878  7.549   -5.979  1.00 11.52  ? 92  LYS A N   1 
ATOM   713 C CA  . LYS A 1 92 ? 12.117  8.223   -4.720  1.00 11.25  ? 92  LYS A CA  1 
ATOM   714 C C   . LYS A 1 92 ? 12.601  7.292   -3.612  1.00 9.48   ? 92  LYS A C   1 
ATOM   715 O O   . LYS A 1 92 ? 13.389  7.699   -2.774  1.00 10.70  ? 92  LYS A O   1 
ATOM   716 C CB  . LYS A 1 92 ? 10.788  8.794   -4.200  1.00 11.97  ? 92  LYS A CB  1 
ATOM   717 C CG  . LYS A 1 92 ? 10.275  9.817   -5.249  1.00 11.60  ? 92  LYS A CG  1 
ATOM   718 C CD  A LYS A 1 92 ? 8.877   10.267  -4.871  0.50 12.32  ? 92  LYS A CD  1 
ATOM   719 C CD  B LYS A 1 92 ? 9.081   10.629  -4.770  0.50 21.82  ? 92  LYS A CD  1 
ATOM   720 C CE  A LYS A 1 92 ? 8.913   11.068  -3.589  0.50 17.66  ? 92  LYS A CE  1 
ATOM   721 C CE  B LYS A 1 92 ? 8.637   11.676  -5.797  0.50 21.87  ? 92  LYS A CE  1 
ATOM   722 N NZ  A LYS A 1 92 ? 9.284   12.467  -3.817  0.50 31.33  ? 92  LYS A NZ  1 
ATOM   723 N NZ  B LYS A 1 92 ? 7.920   12.842  -5.225  0.50 23.15  ? 92  LYS A NZ  1 
ATOM   724 N N   . ILE A 1 93 ? 12.089  6.081   -3.580  1.00 8.09   ? 93  ILE A N   1 
ATOM   725 C CA  . ILE A 1 93 ? 12.381  5.098   -2.533  1.00 9.66   ? 93  ILE A CA  1 
ATOM   726 C C   . ILE A 1 93 ? 13.484  4.079   -2.890  1.00 10.97  ? 93  ILE A C   1 
ATOM   727 O O   . ILE A 1 93 ? 13.573  3.575   -4.040  1.00 11.03  ? 93  ILE A O   1 
ATOM   728 C CB  . ILE A 1 93 ? 11.049  4.326   -2.256  1.00 11.53  ? 93  ILE A CB  1 
ATOM   729 C CG1 . ILE A 1 93 ? 9.965   5.274   -1.625  1.00 13.77  ? 93  ILE A CG1 1 
ATOM   730 C CG2 . ILE A 1 93 ? 11.276  3.092   -1.409  1.00 10.85  ? 93  ILE A CG2 1 
ATOM   731 C CD1 . ILE A 1 93 ? 10.236  5.724   -0.175  1.00 12.54  ? 93  ILE A CD1 1 
ATOM   732 N N   . SER A 1 94 ? 14.286  3.791   -1.849  1.00 10.51  ? 94  SER A N   1 
ATOM   733 C CA  . SER A 1 94 ? 15.361  2.834   -2.038  1.00 11.26  ? 94  SER A CA  1 
ATOM   734 C C   . SER A 1 94 ? 14.872  1.397   -2.045  1.00 19.33  ? 94  SER A C   1 
ATOM   735 O O   . SER A 1 94 ? 13.765  1.043   -1.596  1.00 13.52  ? 94  SER A O   1 
ATOM   736 C CB  . SER A 1 94 ? 16.333  2.964   -0.872  1.00 11.67  ? 94  SER A CB  1 
ATOM   737 O OG  . SER A 1 94 ? 15.683  2.801   0.388   1.00 13.17  ? 94  SER A OG  1 
ATOM   738 N N   . LEU A 1 95 ? 15.710  0.519   -2.530  1.00 9.52   ? 95  LEU A N   1 
ATOM   739 C CA  . LEU A 1 95 ? 15.325  -0.854  -2.562  1.00 11.29  ? 95  LEU A CA  1 
ATOM   740 C C   . LEU A 1 95 ? 16.567  -1.777  -2.788  1.00 18.68  ? 95  LEU A C   1 
ATOM   741 O O   . LEU A 1 95 ? 17.475  -1.422  -3.556  1.00 14.86  ? 95  LEU A O   1 
ATOM   742 C CB  . LEU A 1 95 ? 14.422  -0.992  -3.818  1.00 12.49  ? 95  LEU A CB  1 
ATOM   743 C CG  . LEU A 1 95 ? 13.596  -2.265  -3.893  1.00 17.71  ? 95  LEU A CG  1 
ATOM   744 C CD1 . LEU A 1 95 ? 12.565  -2.305  -2.761  1.00 14.17  ? 95  LEU A CD1 1 
ATOM   745 C CD2 . LEU A 1 95 ? 12.896  -2.335  -5.250  1.00 21.38  ? 95  LEU A CD2 1 
ATOM   746 N N   . PRO A 1 96 ? 16.624  -2.974  -2.168  1.00 16.49  ? 96  PRO A N   1 
ATOM   747 C CA  . PRO A 1 96 ? 17.708  -3.921  -2.430  1.00 13.21  ? 96  PRO A CA  1 
ATOM   748 C C   . PRO A 1 96 ? 17.342  -4.442  -3.828  1.00 22.92  ? 96  PRO A C   1 
ATOM   749 O O   . PRO A 1 96 ? 16.174  -4.657  -4.151  1.00 17.94  ? 96  PRO A O   1 
ATOM   750 C CB  . PRO A 1 96 ? 17.528  -5.120  -1.469  1.00 14.68  ? 96  PRO A CB  1 
ATOM   751 C CG  . PRO A 1 96 ? 16.469  -4.676  -0.471  1.00 15.82  ? 96  PRO A CG  1 
ATOM   752 C CD  . PRO A 1 96 ? 15.896  -3.321  -0.917  1.00 19.16  ? 96  PRO A CD  1 
ATOM   753 N N   . LEU A 1 97 ? 18.286  -4.656  -4.718  1.00 17.94  ? 97  LEU A N   1 
ATOM   754 C CA  . LEU A 1 97 ? 17.954  -5.118  -6.059  1.00 16.84  ? 97  LEU A CA  1 
ATOM   755 C C   . LEU A 1 97 ? 18.307  -6.580  -6.246  1.00 32.23  ? 97  LEU A C   1 
ATOM   756 O O   . LEU A 1 97 ? 19.384  -7.008  -5.814  1.00 28.51  ? 97  LEU A O   1 
ATOM   757 C CB  . LEU A 1 97 ? 18.700  -4.272  -7.109  1.00 18.02  ? 97  LEU A CB  1 
ATOM   758 C CG  . LEU A 1 97 ? 18.364  -2.797  -6.953  1.00 20.41  ? 97  LEU A CG  1 
ATOM   759 C CD1 . LEU A 1 97 ? 19.239  -2.003  -7.914  1.00 16.20  ? 97  LEU A CD1 1 
ATOM   760 C CD2 . LEU A 1 97 ? 16.881  -2.625  -7.312  1.00 21.62  ? 97  LEU A CD2 1 
ATOM   761 N N   . GLU A 1 98 ? 17.408  -7.335  -6.881  1.00 27.51  ? 98  GLU A N   1 
ATOM   762 C CA  . GLU A 1 98 ? 17.625  -8.766  -7.084  1.00 43.59  ? 98  GLU A CA  1 
ATOM   763 C C   . GLU A 1 98 ? 17.635  -9.169  -8.564  1.00 33.19  ? 98  GLU A C   1 
ATOM   764 O O   . GLU A 1 98 ? 17.217  -8.401  -9.450  1.00 68.63  ? 98  GLU A O   1 
ATOM   765 C CB  . GLU A 1 98 ? 16.578  -9.611  -6.313  1.00 49.53  ? 98  GLU A CB  1 
ATOM   766 C CG  . GLU A 1 98 ? 15.952  -9.042  -5.025  1.00 32.29  ? 98  GLU A CG  1 
ATOM   767 C CD  . GLU A 1 98 ? 16.356  -9.810  -3.804  1.00 38.91  ? 98  GLU A CD  1 
ATOM   768 O OE1 . GLU A 1 98 ? 17.390  -10.456 -3.735  1.00 100.00 ? 98  GLU A OE1 1 
ATOM   769 O OE2 . GLU A 1 98 ? 15.508  -9.702  -2.808  1.00 42.03  ? 98  GLU A OE2 1 
HETATM 770 O O   . HOH B 2 .  ? -12.919 -1.070  4.989   1.00 17.88  ? 105 HOH A O   1 
HETATM 771 O O   . HOH B 2 .  ? -15.516 5.917   -0.098  1.00 10.68  ? 106 HOH A O   1 
HETATM 772 O O   . HOH B 2 .  ? 7.572   7.382   1.763   1.00 18.38  ? 107 HOH A O   1 
HETATM 773 O O   . HOH B 2 .  ? 7.290   0.174   16.390  1.00 20.53  ? 108 HOH A O   1 
HETATM 774 O O   . HOH B 2 .  ? 9.842   6.607   3.264   1.00 19.93  ? 109 HOH A O   1 
HETATM 775 O O   . HOH B 2 .  ? -10.428 -9.050  -4.372  1.00 22.36  ? 110 HOH A O   1 
HETATM 776 O O   . HOH B 2 .  ? 3.582   -3.017  -11.345 1.00 23.46  ? 111 HOH A O   1 
HETATM 777 O O   . HOH B 2 .  ? -12.078 1.816   12.026  1.00 33.00  ? 112 HOH A O   1 
HETATM 778 O O   . HOH B 2 .  ? -8.781  -3.102  8.532   1.00 22.98  ? 113 HOH A O   1 
HETATM 779 O O   . HOH B 2 .  ? -15.481 -2.479  3.935   1.00 20.79  ? 114 HOH A O   1 
HETATM 780 O O   . HOH B 2 .  ? 1.091   -10.340 7.324   1.00 35.93  ? 115 HOH A O   1 
HETATM 781 O O   . HOH B 2 .  ? 11.683  3.323   -5.946  1.00 12.33  ? 116 HOH A O   1 
HETATM 782 O O   . HOH B 2 .  ? 8.587   8.944   -0.295  1.00 14.87  ? 117 HOH A O   1 
HETATM 783 O O   . HOH B 2 .  ? 3.732   8.136   2.414   1.00 15.93  ? 118 HOH A O   1 
HETATM 784 O O   . HOH B 2 .  ? 12.459  6.830   2.384   1.00 15.28  ? 119 HOH A O   1 
HETATM 785 O O   . HOH B 2 .  ? -1.965  6.610   -11.648 1.00 25.57  ? 120 HOH A O   1 
HETATM 786 O O   . HOH B 2 .  ? -3.183  11.346  0.224   1.00 22.88  ? 121 HOH A O   1 
HETATM 787 O O   . HOH B 2 .  ? -20.270 1.225   5.276   1.00 23.46  ? 122 HOH A O   1 
HETATM 788 O O   . HOH B 2 .  ? -14.818 -3.043  -1.513  1.00 25.22  ? 123 HOH A O   1 
HETATM 789 O O   . HOH B 2 .  ? -17.227 3.548   -6.945  1.00 26.05  ? 124 HOH A O   1 
HETATM 790 O O   . HOH B 2 .  ? -3.290  13.292  -2.903  1.00 34.95  ? 125 HOH A O   1 
HETATM 791 O O   . HOH B 2 .  ? 13.472  5.222   -13.746 1.00 38.61  ? 126 HOH A O   1 
HETATM 792 O O   . HOH B 2 .  ? -3.824  -9.406  -5.689  1.00 26.94  ? 127 HOH A O   1 
HETATM 793 O O   . HOH B 2 .  ? -16.374 -3.741  1.360   1.00 32.11  ? 128 HOH A O   1 
HETATM 794 O O   . HOH B 2 .  ? -1.899  -9.308  -0.913  1.00 32.81  ? 129 HOH A O   1 
HETATM 795 O O   . HOH B 2 .  ? 4.102   4.937   -11.374 1.00 20.90  ? 130 HOH A O   1 
HETATM 796 O O   . HOH B 2 .  ? -10.436 0.353   -12.432 1.00 33.50  ? 131 HOH A O   1 
HETATM 797 O O   . HOH B 2 .  ? -15.716 -4.386  10.721  1.00 32.63  ? 132 HOH A O   1 
HETATM 798 O O   . HOH B 2 .  ? 8.606   1.097   18.423  1.00 32.52  ? 133 HOH A O   1 
HETATM 799 O O   . HOH B 2 .  ? 1.297   4.231   11.144  1.00 41.01  ? 134 HOH A O   1 
HETATM 800 O O   . HOH B 2 .  ? 0.481   -8.640  5.296   1.00 38.52  ? 135 HOH A O   1 
HETATM 801 O O   . HOH B 2 .  ? -8.968  -11.412 -4.422  1.00 31.26  ? 136 HOH A O   1 
HETATM 802 O O   . HOH B 2 .  ? 15.551  10.788  -9.840  1.00 35.22  ? 137 HOH A O   1 
HETATM 803 O O   . HOH B 2 .  ? 6.383   8.053   -13.033 1.00 38.98  ? 138 HOH A O   1 
HETATM 804 O O   . HOH B 2 .  ? 13.709  -3.546  8.630   1.00 41.27  ? 139 HOH A O   1 
HETATM 805 O O   . HOH B 2 .  ? -12.985 -12.618 8.447   1.00 45.84  ? 140 HOH A O   1 
HETATM 806 O O   . HOH B 2 .  ? -12.934 -0.081  -8.248  1.00 35.52  ? 141 HOH A O   1 
HETATM 807 O O   . HOH B 2 .  ? 16.111  -6.208  3.877   1.00 39.82  ? 142 HOH A O   1 
HETATM 808 O O   . HOH B 2 .  ? -14.208 -6.146  -2.098  1.00 40.35  ? 143 HOH A O   1 
HETATM 809 O O   . HOH B 2 .  ? 13.494  2.956   -12.102 1.00 40.97  ? 144 HOH A O   1 
HETATM 810 O O   . HOH B 2 .  ? -8.746  6.645   10.954  1.00 37.04  ? 145 HOH A O   1 
HETATM 811 O O   . HOH B 2 .  ? -1.891  -9.907  3.653   1.00 38.39  ? 146 HOH A O   1 
HETATM 812 O O   . HOH B 2 .  ? -10.778 10.677  -5.477  1.00 29.95  ? 147 HOH A O   1 
HETATM 813 O O   . HOH B 2 .  ? 7.098   -8.646  9.420   1.00 40.64  ? 148 HOH A O   1 
HETATM 814 O O   . HOH B 2 .  ? 12.324  -8.969  -6.451  1.00 49.05  ? 149 HOH A O   1 
HETATM 815 O O   . HOH B 2 .  ? -5.706  -11.112 -5.896  1.00 50.51  ? 150 HOH A O   1 
HETATM 816 O O   . HOH B 2 .  ? -0.304  -6.590  -9.594  1.00 37.83  ? 151 HOH A O   1 
HETATM 817 O O   . HOH B 2 .  ? 1.921   7.191   4.132   1.00 14.35  ? 152 HOH A O   1 
HETATM 818 O O   . HOH B 2 .  ? -13.392 -5.204  -4.042  1.00 48.08  ? 153 HOH A O   1 
HETATM 819 O O   . HOH B 2 .  ? -0.895  3.407   10.540  1.00 45.55  ? 154 HOH A O   1 
HETATM 820 O O   . HOH B 2 .  ? -13.999 3.778   1.256   1.00 15.87  ? 155 HOH A O   1 
HETATM 821 O O   . HOH B 2 .  ? 4.218   10.505  6.865   1.00 30.49  ? 156 HOH A O   1 
HETATM 822 O O   . HOH B 2 .  ? 7.466   11.506  -0.213  1.00 31.99  ? 157 HOH A O   1 
HETATM 823 O O   . HOH B 2 .  ? -1.085  12.438  8.885   1.00 42.92  ? 158 HOH A O   1 
HETATM 824 O O   . HOH B 2 .  ? 1.925   -7.655  -3.370  1.00 15.12  ? 159 HOH A O   1 
HETATM 825 O O   . HOH B 2 .  ? 3.755   4.774   -8.060  1.00 13.27  ? 160 HOH A O   1 
HETATM 826 O O   . HOH B 2 .  ? -4.945  -7.170  9.923   1.00 22.93  ? 161 HOH A O   1 
HETATM 827 O O   . HOH B 2 .  ? 14.811  -0.329  5.648   1.00 34.84  ? 162 HOH A O   1 
HETATM 828 O O   . HOH B 2 .  ? -2.189  -9.804  -8.112  1.00 40.89  ? 163 HOH A O   1 
HETATM 829 O O   . HOH B 2 .  ? -20.178 3.192   -1.474  1.00 48.00  ? 164 HOH A O   1 
HETATM 830 O O   . HOH B 2 .  ? -11.504 -2.433  -12.634 1.00 40.92  ? 165 HOH A O   1 
HETATM 831 O O   . HOH B 2 .  ? -6.277  7.311   11.087  1.00 46.47  ? 166 HOH A O   1 
HETATM 832 O O   . HOH B 2 .  ? -19.083 3.738   -4.873  1.00 60.76  ? 167 HOH A O   1 
HETATM 833 O O   . HOH B 2 .  ? 1.191   9.937   -13.508 1.00 51.43  ? 168 HOH A O   1 
HETATM 834 O O   . HOH B 2 .  ? -8.906  11.851  -3.981  1.00 29.81  ? 169 HOH A O   1 
HETATM 835 O O   . HOH B 2 .  ? 15.878  -4.868  6.346   1.00 45.88  ? 170 HOH A O   1 
HETATM 836 O O   . HOH B 2 .  ? 4.888   -9.585  -9.769  1.00 48.64  ? 171 HOH A O   1 
HETATM 837 O O   . HOH B 2 .  ? -1.122  12.890  -2.380  1.00 38.02  ? 172 HOH A O   1 
HETATM 838 O O   . HOH B 2 .  ? 14.928  -5.923  -8.425  1.00 44.67  ? 173 HOH A O   1 
HETATM 839 O O   . HOH B 2 .  ? 10.775  -2.948  -9.062  1.00 45.13  ? 174 HOH A O   1 
HETATM 840 O O   . HOH B 2 .  ? 0.945   -9.377  -7.074  1.00 42.18  ? 175 HOH A O   1 
HETATM 841 O O   . HOH B 2 .  ? 13.903  -2.008  -10.602 1.00 60.93  ? 176 HOH A O   1 
HETATM 842 O O   . HOH B 2 .  ? -9.032  -6.487  -10.281 1.00 45.49  ? 177 HOH A O   1 
HETATM 843 O O   . HOH B 2 .  ? 2.711   -9.288  2.590   1.00 47.45  ? 178 HOH A O   1 
HETATM 844 O O   . HOH B 2 .  ? 3.305   7.290   12.661  1.00 47.74  ? 179 HOH A O   1 
HETATM 845 O O   . HOH B 2 .  ? 1.518   -10.919 -0.880  1.00 52.70  ? 180 HOH A O   1 
HETATM 846 O O   . HOH B 2 .  ? -16.979 -3.735  6.876   1.00 46.41  ? 181 HOH A O   1 
HETATM 847 O O   . HOH B 2 .  ? 15.460  13.579  -8.330  1.00 46.35  ? 182 HOH A O   1 
HETATM 848 O O   . HOH B 2 .  ? -2.804  5.173   12.618  1.00 52.39  ? 183 HOH A O   1 
HETATM 849 O O   . HOH B 2 .  ? 7.415   -1.241  11.443  1.00 44.00  ? 184 HOH A O   1 
HETATM 850 O O   . HOH B 2 .  ? -12.279 -2.617  -8.411  1.00 44.93  ? 185 HOH A O   1 
HETATM 851 O O   . HOH B 2 .  ? 8.775   7.888   14.409  1.00 58.86  ? 186 HOH A O   1 
HETATM 852 O O   . HOH B 2 .  ? 0.471   -9.903  -4.425  1.00 53.85  ? 187 HOH A O   1 
HETATM 853 O O   . HOH B 2 .  ? -5.664  13.926  -4.697  1.00 51.01  ? 188 HOH A O   1 
HETATM 854 O O   . HOH B 2 .  ? 8.947   11.518  -10.663 1.00 57.83  ? 189 HOH A O   1 
HETATM 855 O O   . HOH B 2 .  ? 8.705   -0.823  14.892  1.00 58.54  ? 190 HOH A O   1 
HETATM 856 O O   . HOH B 2 .  ? 11.453  -14.345 -0.582  1.00 71.74  ? 191 HOH A O   1 
HETATM 857 O O   . HOH B 2 .  ? 9.364   2.541   -13.335 1.00 60.63  ? 192 HOH A O   1 
HETATM 858 O O   . HOH B 2 .  ? -22.842 4.273   -0.842  1.00 55.53  ? 193 HOH A O   1 
HETATM 859 O O   . HOH B 2 .  ? 10.664  6.479   6.010   1.00 45.46  ? 194 HOH A O   1 
HETATM 860 O O   . HOH B 2 .  ? 2.514   -8.052  -12.097 1.00 57.66  ? 195 HOH A O   1 
HETATM 861 O O   . HOH B 2 .  ? 6.489   10.061  2.414   1.00 56.88  ? 196 HOH A O   1 
HETATM 862 O O   . HOH B 2 .  ? 14.037  -12.645 0.488   1.00 72.71  ? 197 HOH A O   1 
HETATM 863 O O   . HOH B 2 .  ? 1.617   -12.790 -3.970  1.00 78.44  ? 198 HOH A O   1 
HETATM 864 O O   . HOH B 2 .  ? 9.851   -12.861 -5.615  1.00 64.64  ? 199 HOH A O   1 
HETATM 865 O O   . HOH B 2 .  ? -16.204 -3.639  13.164  1.00 67.13  ? 200 HOH A O   1 
HETATM 866 O O   . HOH B 2 .  ? -6.505  16.926  -5.349  1.00 53.71  ? 201 HOH A O   1 
HETATM 867 O O   . HOH B 2 .  ? 9.538   15.532  -6.702  1.00 62.09  ? 202 HOH A O   1 
HETATM 868 O O   . HOH B 2 .  ? -2.623  -10.102 -3.642  1.00 55.72  ? 203 HOH A O   1 
HETATM 869 O O   . HOH B 2 .  ? 3.777   10.762  3.925   1.00 58.26  ? 204 HOH A O   1 
HETATM 870 O O   . HOH B 2 .  ? 7.366   -8.050  5.520   1.00 62.73  ? 205 HOH A O   1 
HETATM 871 O O   . HOH B 2 .  ? 21.440  -12.163 1.216   1.00 66.50  ? 206 HOH A O   1 
HETATM 872 O O   . HOH B 2 .  ? 0.876   13.538  -6.214  1.00 71.01  ? 207 HOH A O   1 
HETATM 873 O O   . HOH B 2 .  ? -12.152 1.376   -11.067 1.00 47.43  ? 208 HOH A O   1 
HETATM 874 O O   . HOH B 2 .  ? -17.457 -11.446 1.133   1.00 65.47  ? 209 HOH A O   1 
HETATM 875 O O   . HOH B 2 .  ? 15.962  -8.952  -12.042 1.00 64.41  ? 210 HOH A O   1 
HETATM 876 O O   . HOH B 2 .  ? -11.513 -13.332 -5.359  1.00 60.68  ? 211 HOH A O   1 
# 
